data_5UWH
#
_entry.id   5UWH
#
_cell.length_a   106.984
_cell.length_b   106.984
_cell.length_c   304.880
_cell.angle_alpha   90.00
_cell.angle_beta   90.00
_cell.angle_gamma   90.00
#
_symmetry.space_group_name_H-M   'P 43 21 2'
#
loop_
_entity.id
_entity.type
_entity.pdbx_description
1 polymer 'GTP-binding nuclear protein Ran'
2 polymer 'Ran-specific GTPase-activating protein 1'
3 polymer Exportin-1
4 polymer Paxillin
5 non-polymer 'PHOSPHOAMINOPHOSPHONIC ACID-GUANYLATE ESTER'
6 non-polymer 'MAGNESIUM ION'
7 non-polymer GLYCEROL
8 water water
#
loop_
_entity_poly.entity_id
_entity_poly.type
_entity_poly.pdbx_seq_one_letter_code
_entity_poly.pdbx_strand_id
1 'polypeptide(L)'
;METGSSHHHHHHSSGLPRGSHMAAQGEPQVQFKLVLVGDGGTGKTTFVKRHLTGEFEKKYVATLGVEVHPLVFHTNRGPI
KFNVWDTAGQEKFGGLRDGYYIQAQCAIIMFDVTSRVTYKNVPNWHRDLVRVCENIPIVLCGNKVDIKDRKVKAKSIVFH
RKKNLQYYDISAKSNYNFEKPFLWLARKLIGDPNLEFVAMPALAPPEVVMDPALAAQYEHDLEVAQTTALPDEDDDL
;
A
2 'polypeptide(L)'
;GGSDIHFEPVVHLEKVDVKTMEEDEEVLYKVRAKLFRFDADAKEWKERGTGDCKFLKNKKTNKVRILMRRDKTLKICANH
IIAPEYTLKPNVGSDRSWVYACTADIAEGEAEAFTFAIRFGSKENADKFKEEFEKAQEINKKA
;
B
3 'polypeptide(L)'
;GGSMEGILDFSNDLDIALLDQVVSTFYQGSGVQQKQAQEILTKFQDNPDAWQKADQILQFSTNPQSKFIALSILDKLITR
KWKLLPNDHRIGIRNFVVGMIISMCQDDEVFKTQKNLINKSDLTLVQILKQEWPQNWPEFIPELIGSSSSSVNVCENNMI
VLKLLSEEVFDFSAEQMTQAKALHLKNSMSKEFEQIFKLCFQVLEQGSSSSLIVATLESLLRYLHWIPYRYIYETNILEL
LSTKFMTSPDTRAITLKCLTEVSNLKIPQDNDLIKRQTVLFFQNTLQQIATSVMPVTADLKATYANANGNDQSFLQDLAM
FLTTYLARNRALLESDESLRELLLNAHQYLIQLSKIEERELFKTTLDYWHNLVADLFYEPLKKHIYEEICSQLRLVIIEN
MVRPEEDLVVENDEGEIVREFVKESDTIQLYKSEREVLVYLTHLNVIDTEEIMISKLARQIDGSEWSWHNINTLSWAIGS
ISGTMSEDTEKRFVVTVIKDLLGLCEQKRGKDNKAVVASDIMYVVGQYPRFLKAHWNFLRTVILKLFEFMHETHEGVQDM
ACDTFIKIVQKCKYHFVIQQPRESEPFIQTIIRDIQKTTADLQPQQVHTFYKACGIIISEERSVAERNRLLSDLMQLPNM
AWDTIVEQSTANPTLLLDSETVKIIANIIKTNVAVCTSMGADFYPQLGHIYYNMLQLYRAVSSMISAQVAAEGLIATKTP
KVRGLRTIKKEILKLVETYISKARNLDDVVKVLVEPLLNAVLEDYMNNVPDARDAEVLNCMTTVVEKVGHMIPQGVILIL
QSVFECTLDMINKDFTEYPEHRVEFYKLLKVINEKSFAAFLELPPAAFKLFVDAICWAFKHNNRDVEVNGLQIALDLVKN
IERMGNVPFANEFHKNYFFIFVSETFFVLTDSDHKSGFSKQALLLMKLISLVYDNKISVPLYQEAEVPQGTSNQVYLSQY
LANMLSNAFPHLTSEQIASFLSALTKQCKDLVVFKGTLRDFLVQIKEVGGDPTDYLFAEDKENA
;
C
4 'polypeptide(L)' GGSYRELDELMASLSDFKFMAQ D
#
loop_
_chem_comp.id
_chem_comp.type
_chem_comp.name
_chem_comp.formula
GNP non-polymer 'PHOSPHOAMINOPHOSPHONIC ACID-GUANYLATE ESTER' 'C10 H17 N6 O13 P3'
GOL non-polymer GLYCEROL 'C3 H8 O3'
MG non-polymer 'MAGNESIUM ION' 'Mg 2'
#
# COMPACT_ATOMS: atom_id res chain seq x y z
N VAL A 30 -3.86 32.01 -9.18
CA VAL A 30 -3.46 31.23 -8.03
C VAL A 30 -3.34 29.76 -8.40
N GLN A 31 -2.34 29.40 -9.20
CA GLN A 31 -2.19 28.03 -9.66
C GLN A 31 -0.78 27.53 -9.42
N PHE A 32 -0.66 26.21 -9.30
CA PHE A 32 0.58 25.55 -8.92
C PHE A 32 0.77 24.30 -9.77
N LYS A 33 1.96 24.15 -10.34
CA LYS A 33 2.28 22.97 -11.12
C LYS A 33 2.63 21.80 -10.19
N LEU A 34 1.93 20.68 -10.36
CA LEU A 34 2.16 19.48 -9.59
C LEU A 34 2.50 18.35 -10.54
N VAL A 35 3.60 17.66 -10.26
CA VAL A 35 4.01 16.48 -11.03
C VAL A 35 3.76 15.23 -10.19
N LEU A 36 3.24 14.20 -10.84
N LEU A 36 3.06 14.27 -10.78
CA LEU A 36 2.89 12.95 -10.18
CA LEU A 36 2.91 12.94 -10.22
C LEU A 36 3.69 11.82 -10.82
C LEU A 36 3.97 12.04 -10.84
N VAL A 37 4.56 11.16 -10.04
CA VAL A 37 5.53 10.20 -10.53
C VAL A 37 5.43 8.91 -9.73
N GLY A 38 5.90 7.83 -10.34
CA GLY A 38 5.86 6.52 -9.72
C GLY A 38 5.81 5.43 -10.77
N ASP A 39 6.05 4.20 -10.31
CA ASP A 39 6.09 3.05 -11.21
C ASP A 39 4.77 2.90 -11.96
N GLY A 40 4.84 2.25 -13.12
CA GLY A 40 3.63 1.94 -13.86
C GLY A 40 2.74 1.01 -13.06
N GLY A 41 1.43 1.24 -13.17
CA GLY A 41 0.44 0.42 -12.51
C GLY A 41 0.08 0.84 -11.10
N THR A 42 0.77 1.81 -10.53
CA THR A 42 0.57 2.16 -9.13
C THR A 42 -0.71 2.94 -8.87
N GLY A 43 -1.34 3.48 -9.92
CA GLY A 43 -2.61 4.17 -9.77
C GLY A 43 -2.55 5.67 -9.85
N LYS A 44 -1.54 6.23 -10.51
CA LYS A 44 -1.42 7.68 -10.61
C LYS A 44 -2.59 8.28 -11.38
N THR A 45 -2.89 7.71 -12.55
CA THR A 45 -3.98 8.23 -13.37
C THR A 45 -5.33 7.98 -12.72
N THR A 46 -5.51 6.80 -12.10
CA THR A 46 -6.77 6.50 -11.43
C THR A 46 -7.03 7.47 -10.29
N PHE A 47 -5.98 7.82 -9.54
CA PHE A 47 -6.13 8.76 -8.42
C PHE A 47 -6.57 10.13 -8.93
N VAL A 48 -5.96 10.62 -10.01
CA VAL A 48 -6.33 11.92 -10.55
C VAL A 48 -7.75 11.89 -11.11
N LYS A 49 -8.05 10.87 -11.92
CA LYS A 49 -9.40 10.75 -12.48
C LYS A 49 -10.45 10.78 -11.38
N ARG A 50 -10.19 10.09 -10.27
CA ARG A 50 -11.13 10.13 -9.15
C ARG A 50 -11.39 11.57 -8.71
N HIS A 51 -10.33 12.39 -8.64
CA HIS A 51 -10.49 13.78 -8.23
C HIS A 51 -11.12 14.62 -9.33
N LEU A 52 -10.91 14.26 -10.60
CA LEU A 52 -11.43 15.07 -11.69
C LEU A 52 -12.92 14.87 -11.91
N THR A 53 -13.38 13.61 -11.89
CA THR A 53 -14.77 13.28 -12.20
C THR A 53 -15.50 12.54 -11.11
N GLY A 54 -14.78 11.97 -10.13
CA GLY A 54 -15.40 11.09 -9.16
C GLY A 54 -15.48 9.64 -9.59
N GLU A 55 -15.08 9.33 -10.82
CA GLU A 55 -15.15 7.96 -11.32
C GLU A 55 -13.96 7.15 -10.82
N PHE A 56 -14.16 5.84 -10.74
CA PHE A 56 -13.05 4.90 -10.51
C PHE A 56 -12.89 4.06 -11.76
N GLU A 57 -11.76 4.22 -12.43
CA GLU A 57 -11.46 3.47 -13.65
C GLU A 57 -10.81 2.15 -13.28
N LYS A 58 -11.43 1.05 -13.70
CA LYS A 58 -10.94 -0.28 -13.36
C LYS A 58 -9.86 -0.78 -14.30
N LYS A 59 -9.80 -0.29 -15.53
CA LYS A 59 -8.84 -0.76 -16.51
C LYS A 59 -7.52 -0.01 -16.39
N TYR A 60 -6.44 -0.69 -16.75
CA TYR A 60 -5.10 -0.10 -16.77
C TYR A 60 -4.77 0.26 -18.22
N VAL A 61 -4.93 1.53 -18.56
CA VAL A 61 -4.47 2.07 -19.83
C VAL A 61 -3.24 2.92 -19.53
N ALA A 62 -2.07 2.42 -19.90
CA ALA A 62 -0.82 3.08 -19.55
C ALA A 62 -0.78 4.49 -20.10
N THR A 63 -0.46 5.45 -19.24
CA THR A 63 -0.23 6.81 -19.69
C THR A 63 0.98 6.86 -20.63
N LEU A 64 0.85 7.64 -21.70
CA LEU A 64 1.93 7.82 -22.66
C LEU A 64 2.51 9.21 -22.46
N GLY A 65 3.73 9.27 -21.93
CA GLY A 65 4.38 10.54 -21.67
C GLY A 65 3.77 11.24 -20.47
N VAL A 66 2.76 12.08 -20.71
CA VAL A 66 2.13 12.83 -19.63
C VAL A 66 0.74 13.22 -20.06
N GLU A 67 -0.14 13.41 -19.08
CA GLU A 67 -1.43 14.06 -19.28
C GLU A 67 -1.57 15.20 -18.28
N VAL A 68 -1.86 16.39 -18.79
CA VAL A 68 -2.02 17.59 -17.97
C VAL A 68 -3.49 17.77 -17.67
N HIS A 69 -3.82 18.00 -16.40
CA HIS A 69 -5.20 18.22 -16.00
C HIS A 69 -5.31 19.34 -14.98
N PRO A 70 -6.09 20.39 -15.26
CA PRO A 70 -6.43 21.35 -14.20
C PRO A 70 -7.26 20.68 -13.11
N LEU A 71 -7.02 21.11 -11.87
CA LEU A 71 -7.79 20.58 -10.74
C LEU A 71 -7.91 21.67 -9.68
N VAL A 72 -9.14 22.06 -9.39
CA VAL A 72 -9.44 23.18 -8.50
C VAL A 72 -10.03 22.64 -7.21
N PHE A 73 -9.58 23.18 -6.09
CA PHE A 73 -10.19 22.94 -4.79
C PHE A 73 -10.63 24.27 -4.19
N HIS A 74 -11.71 24.21 -3.40
CA HIS A 74 -12.25 25.38 -2.73
C HIS A 74 -11.87 25.33 -1.26
N THR A 75 -11.26 26.40 -0.77
CA THR A 75 -10.72 26.46 0.58
C THR A 75 -11.22 27.72 1.26
N ASN A 76 -10.98 27.80 2.58
CA ASN A 76 -11.31 29.02 3.32
C ASN A 76 -10.37 30.17 3.00
N ARG A 77 -9.37 29.97 2.14
CA ARG A 77 -8.54 31.05 1.64
C ARG A 77 -8.80 31.32 0.16
N GLY A 78 -9.91 30.82 -0.38
CA GLY A 78 -10.21 30.95 -1.78
C GLY A 78 -9.84 29.70 -2.55
N PRO A 79 -10.09 29.71 -3.86
CA PRO A 79 -9.78 28.53 -4.67
C PRO A 79 -8.29 28.42 -4.98
N ILE A 80 -7.83 27.18 -5.05
CA ILE A 80 -6.45 26.87 -5.44
C ILE A 80 -6.50 25.91 -6.62
N LYS A 81 -5.71 26.20 -7.64
CA LYS A 81 -5.71 25.42 -8.87
C LYS A 81 -4.39 24.65 -8.99
N PHE A 82 -4.49 23.34 -9.09
CA PHE A 82 -3.35 22.48 -9.38
C PHE A 82 -3.34 22.13 -10.85
N ASN A 83 -2.24 22.44 -11.53
CA ASN A 83 -2.00 21.93 -12.88
C ASN A 83 -1.25 20.60 -12.73
N VAL A 84 -1.99 19.50 -12.75
CA VAL A 84 -1.43 18.19 -12.44
C VAL A 84 -0.78 17.61 -13.69
N TRP A 85 0.52 17.34 -13.62
CA TRP A 85 1.24 16.68 -14.69
C TRP A 85 1.35 15.20 -14.31
N ASP A 86 0.45 14.40 -14.88
CA ASP A 86 0.36 12.97 -14.58
C ASP A 86 1.26 12.22 -15.56
N THR A 87 2.46 11.85 -15.10
CA THR A 87 3.46 11.30 -15.99
C THR A 87 3.36 9.77 -16.06
N ALA A 88 4.05 9.22 -17.05
CA ALA A 88 4.06 7.79 -17.28
C ALA A 88 5.11 7.11 -16.41
N GLY A 89 4.75 5.95 -15.85
CA GLY A 89 5.66 5.19 -15.02
C GLY A 89 6.43 4.12 -15.78
N GLN A 90 5.85 3.59 -16.86
CA GLN A 90 6.53 2.59 -17.65
C GLN A 90 7.66 3.24 -18.44
N GLU A 91 8.86 2.66 -18.37
CA GLU A 91 10.01 3.28 -19.01
C GLU A 91 9.78 3.48 -20.50
N LYS A 92 9.21 2.47 -21.19
CA LYS A 92 9.03 2.57 -22.62
C LYS A 92 7.99 3.61 -23.02
N PHE A 93 7.26 4.18 -22.06
CA PHE A 93 6.31 5.25 -22.31
C PHE A 93 6.71 6.53 -21.57
N GLY A 94 7.95 6.61 -21.10
CA GLY A 94 8.38 7.73 -20.27
C GLY A 94 8.36 9.07 -20.96
N GLY A 95 8.42 9.10 -22.29
CA GLY A 95 8.43 10.36 -22.99
C GLY A 95 9.62 11.21 -22.58
N LEU A 96 9.36 12.48 -22.24
CA LEU A 96 10.42 13.41 -21.87
C LEU A 96 10.97 13.13 -20.48
N ARG A 97 10.37 12.24 -19.70
CA ARG A 97 10.88 11.81 -18.40
C ARG A 97 11.09 13.04 -17.52
N ASP A 98 12.29 13.29 -16.99
CA ASP A 98 12.50 14.40 -16.07
C ASP A 98 12.31 15.76 -16.71
N GLY A 99 12.19 15.83 -18.04
CA GLY A 99 11.80 17.07 -18.68
C GLY A 99 10.45 17.59 -18.21
N TYR A 100 9.59 16.69 -17.71
CA TYR A 100 8.28 17.09 -17.22
C TYR A 100 8.35 17.80 -15.88
N TYR A 101 9.48 17.70 -15.16
CA TYR A 101 9.56 18.23 -13.81
C TYR A 101 9.96 19.70 -13.76
N ILE A 102 10.49 20.26 -14.85
CA ILE A 102 10.96 21.64 -14.85
C ILE A 102 9.86 22.54 -14.32
N GLN A 103 10.22 23.36 -13.31
CA GLN A 103 9.34 24.40 -12.77
C GLN A 103 8.12 23.86 -12.04
N ALA A 104 8.13 22.59 -11.65
CA ALA A 104 7.10 22.11 -10.74
C ALA A 104 7.23 22.80 -9.39
N GLN A 105 6.10 22.99 -8.73
CA GLN A 105 6.07 23.63 -7.43
C GLN A 105 5.67 22.67 -6.31
N CYS A 106 5.35 21.43 -6.65
CA CYS A 106 5.01 20.40 -5.67
C CYS A 106 4.95 19.08 -6.43
N ALA A 107 4.84 17.98 -5.69
CA ALA A 107 4.86 16.68 -6.34
C ALA A 107 4.28 15.62 -5.44
N ILE A 108 3.79 14.55 -6.07
CA ILE A 108 3.36 13.33 -5.40
C ILE A 108 4.16 12.19 -5.99
N ILE A 109 4.77 11.39 -5.12
CA ILE A 109 5.41 10.13 -5.50
C ILE A 109 4.51 9.00 -5.05
N MET A 110 4.20 8.09 -5.98
N MET A 110 4.16 8.10 -5.98
CA MET A 110 3.24 7.03 -5.77
CA MET A 110 3.20 7.05 -5.69
C MET A 110 3.93 5.68 -5.85
C MET A 110 3.83 5.68 -5.88
N PHE A 111 3.54 4.77 -4.95
CA PHE A 111 3.87 3.36 -5.07
C PHE A 111 2.64 2.56 -4.67
N ASP A 112 2.76 1.24 -4.73
CA ASP A 112 1.64 0.33 -4.58
C ASP A 112 1.96 -0.62 -3.44
N VAL A 113 1.17 -0.58 -2.37
CA VAL A 113 1.51 -1.37 -1.18
C VAL A 113 1.38 -2.87 -1.42
N THR A 114 0.83 -3.29 -2.56
CA THR A 114 0.77 -4.71 -2.89
C THR A 114 1.92 -5.14 -3.79
N SER A 115 2.88 -4.26 -4.06
CA SER A 115 4.00 -4.57 -4.96
C SER A 115 5.27 -3.96 -4.37
N ARG A 116 6.15 -4.83 -3.85
CA ARG A 116 7.36 -4.34 -3.19
C ARG A 116 8.26 -3.57 -4.15
N VAL A 117 8.38 -4.04 -5.40
CA VAL A 117 9.28 -3.40 -6.34
C VAL A 117 8.93 -1.92 -6.51
N THR A 118 7.64 -1.57 -6.43
CA THR A 118 7.27 -0.16 -6.59
C THR A 118 7.76 0.67 -5.42
N TYR A 119 7.87 0.08 -4.22
CA TYR A 119 8.49 0.81 -3.12
C TYR A 119 10.00 0.86 -3.27
N LYS A 120 10.62 -0.22 -3.77
CA LYS A 120 12.06 -0.21 -3.97
C LYS A 120 12.48 0.87 -4.95
N ASN A 121 11.60 1.26 -5.87
CA ASN A 121 11.94 2.27 -6.87
C ASN A 121 11.62 3.69 -6.43
N VAL A 122 10.98 3.86 -5.27
CA VAL A 122 10.68 5.22 -4.78
C VAL A 122 11.94 6.07 -4.70
N PRO A 123 13.07 5.59 -4.17
CA PRO A 123 14.27 6.43 -4.14
C PRO A 123 14.77 6.83 -5.52
N ASN A 124 14.51 6.02 -6.56
CA ASN A 124 14.92 6.40 -7.90
C ASN A 124 14.07 7.54 -8.44
N TRP A 125 12.75 7.47 -8.24
CA TRP A 125 11.90 8.59 -8.65
C TRP A 125 12.21 9.85 -7.87
N HIS A 126 12.43 9.72 -6.56
CA HIS A 126 12.80 10.88 -5.76
C HIS A 126 14.11 11.49 -6.24
N ARG A 127 15.11 10.65 -6.52
CA ARG A 127 16.37 11.14 -7.04
C ARG A 127 16.14 12.00 -8.28
N ASP A 128 15.49 11.45 -9.30
CA ASP A 128 15.29 12.18 -10.54
C ASP A 128 14.46 13.44 -10.32
N LEU A 129 13.56 13.41 -9.32
CA LEU A 129 12.65 14.51 -9.12
C LEU A 129 13.35 15.71 -8.50
N VAL A 130 14.10 15.50 -7.41
CA VAL A 130 14.70 16.64 -6.70
C VAL A 130 15.96 17.16 -7.38
N ARG A 131 16.52 16.42 -8.33
CA ARG A 131 17.61 16.95 -9.14
C ARG A 131 17.13 18.13 -9.98
N VAL A 132 15.86 18.11 -10.40
CA VAL A 132 15.27 19.23 -11.12
C VAL A 132 14.59 20.21 -10.16
N CYS A 133 13.87 19.70 -9.17
CA CYS A 133 13.08 20.51 -8.25
C CYS A 133 13.71 20.38 -6.86
N GLU A 134 14.63 21.28 -6.54
CA GLU A 134 15.50 21.10 -5.39
C GLU A 134 14.84 21.48 -4.06
N ASN A 135 13.71 22.20 -4.08
CA ASN A 135 13.10 22.63 -2.83
C ASN A 135 11.60 22.83 -3.04
N ILE A 136 10.87 21.72 -3.15
CA ILE A 136 9.42 21.75 -3.29
C ILE A 136 8.80 20.83 -2.24
N PRO A 137 7.56 21.08 -1.81
CA PRO A 137 6.88 20.10 -0.94
C PRO A 137 6.50 18.86 -1.74
N ILE A 138 6.76 17.68 -1.16
CA ILE A 138 6.56 16.41 -1.82
C ILE A 138 5.77 15.49 -0.91
N VAL A 139 4.80 14.79 -1.47
CA VAL A 139 3.99 13.81 -0.74
C VAL A 139 4.31 12.42 -1.28
N LEU A 140 4.58 11.48 -0.39
CA LEU A 140 4.74 10.08 -0.72
C LEU A 140 3.45 9.34 -0.39
N CYS A 141 2.92 8.59 -1.37
CA CYS A 141 1.63 7.93 -1.23
C CYS A 141 1.78 6.45 -1.50
N GLY A 142 1.41 5.63 -0.52
CA GLY A 142 1.26 4.20 -0.74
C GLY A 142 -0.17 3.86 -1.08
N ASN A 143 -0.42 3.54 -2.34
CA ASN A 143 -1.77 3.37 -2.84
C ASN A 143 -2.23 1.90 -2.72
N LYS A 144 -3.54 1.71 -2.86
CA LYS A 144 -4.16 0.38 -2.90
C LYS A 144 -4.19 -0.29 -1.53
N VAL A 145 -4.31 0.48 -0.44
CA VAL A 145 -4.40 -0.14 0.88
C VAL A 145 -5.72 -0.86 1.09
N ASP A 146 -6.66 -0.74 0.15
CA ASP A 146 -7.91 -1.50 0.23
C ASP A 146 -7.71 -2.99 0.02
N ILE A 147 -6.61 -3.39 -0.61
N ILE A 147 -6.61 -3.40 -0.60
CA ILE A 147 -6.36 -4.80 -0.89
CA ILE A 147 -6.36 -4.81 -0.89
C ILE A 147 -5.87 -5.47 0.39
C ILE A 147 -5.86 -5.49 0.37
N LYS A 148 -6.51 -6.60 0.73
CA LYS A 148 -6.21 -7.26 2.01
C LYS A 148 -4.77 -7.75 2.07
N ASP A 149 -4.26 -8.35 0.99
CA ASP A 149 -2.95 -9.00 1.02
C ASP A 149 -1.86 -7.95 0.83
N ARG A 150 -1.71 -7.12 1.86
CA ARG A 150 -0.73 -6.03 1.82
C ARG A 150 0.69 -6.58 1.88
N LYS A 151 1.54 -6.13 0.96
CA LYS A 151 2.90 -6.63 0.85
C LYS A 151 3.96 -5.67 1.38
N VAL A 152 3.74 -4.36 1.28
CA VAL A 152 4.67 -3.37 1.82
C VAL A 152 4.12 -2.92 3.17
N LYS A 153 4.65 -3.50 4.24
CA LYS A 153 4.12 -3.27 5.57
C LYS A 153 4.39 -1.85 6.05
N ALA A 154 3.45 -1.30 6.81
CA ALA A 154 3.58 0.04 7.38
C ALA A 154 4.96 0.27 7.99
N LYS A 155 5.48 -0.70 8.75
CA LYS A 155 6.73 -0.52 9.46
C LYS A 155 7.94 -0.48 8.53
N SER A 156 7.81 -0.93 7.29
CA SER A 156 8.90 -0.87 6.32
C SER A 156 8.97 0.46 5.59
N ILE A 157 7.96 1.32 5.73
CA ILE A 157 7.87 2.57 4.97
C ILE A 157 8.52 3.65 5.82
N VAL A 158 9.78 4.00 5.49
CA VAL A 158 10.56 4.94 6.28
C VAL A 158 11.35 5.90 5.39
N PHE A 159 11.34 5.67 4.08
CA PHE A 159 12.16 6.47 3.17
C PHE A 159 11.88 7.97 3.34
N HIS A 160 10.63 8.33 3.61
CA HIS A 160 10.24 9.73 3.69
C HIS A 160 10.89 10.48 4.84
N ARG A 161 11.38 9.78 5.87
CA ARG A 161 11.82 10.46 7.08
C ARG A 161 12.99 11.39 6.80
N LYS A 162 14.09 10.85 6.27
CA LYS A 162 15.27 11.68 6.04
C LYS A 162 15.11 12.64 4.87
N LYS A 163 14.10 12.45 4.02
CA LYS A 163 13.88 13.32 2.87
C LYS A 163 12.80 14.36 3.11
N ASN A 164 12.19 14.38 4.31
CA ASN A 164 11.21 15.39 4.68
C ASN A 164 9.99 15.36 3.75
N LEU A 165 9.60 14.17 3.32
CA LEU A 165 8.37 13.98 2.57
C LEU A 165 7.23 13.68 3.54
N GLN A 166 6.04 14.19 3.22
CA GLN A 166 4.84 13.75 3.91
C GLN A 166 4.40 12.40 3.36
N TYR A 167 4.01 11.49 4.24
CA TYR A 167 3.53 10.17 3.83
C TYR A 167 2.06 9.98 4.15
N TYR A 168 1.34 9.32 3.24
CA TYR A 168 -0.01 8.88 3.49
C TYR A 168 -0.26 7.51 2.86
N ASP A 169 -0.82 6.59 3.64
CA ASP A 169 -1.59 5.50 3.08
C ASP A 169 -2.80 6.06 2.35
N ILE A 170 -3.02 5.64 1.09
CA ILE A 170 -4.21 6.03 0.36
C ILE A 170 -4.78 4.84 -0.40
N SER A 171 -6.04 4.98 -0.80
CA SER A 171 -6.69 4.05 -1.72
C SER A 171 -7.61 4.86 -2.63
N ALA A 172 -7.29 4.88 -3.93
CA ALA A 172 -8.17 5.53 -4.89
C ALA A 172 -9.48 4.77 -5.07
N LYS A 173 -9.53 3.51 -4.65
CA LYS A 173 -10.75 2.72 -4.81
C LYS A 173 -11.74 3.00 -3.68
N SER A 174 -11.27 2.99 -2.43
CA SER A 174 -12.13 3.23 -1.28
C SER A 174 -12.11 4.69 -0.84
N ASN A 175 -11.31 5.54 -1.48
CA ASN A 175 -11.16 6.96 -1.16
C ASN A 175 -10.49 7.20 0.19
N TYR A 176 -9.95 6.17 0.82
CA TYR A 176 -9.20 6.36 2.06
C TYR A 176 -8.10 7.40 1.88
N ASN A 177 -8.17 8.47 2.68
CA ASN A 177 -7.17 9.54 2.68
C ASN A 177 -6.98 10.21 1.32
N PHE A 178 -7.90 10.01 0.37
CA PHE A 178 -7.61 10.46 -0.99
C PHE A 178 -7.49 11.97 -1.10
N GLU A 179 -8.00 12.73 -0.13
CA GLU A 179 -7.87 14.18 -0.15
C GLU A 179 -6.64 14.69 0.59
N LYS A 180 -5.97 13.85 1.37
CA LYS A 180 -4.87 14.32 2.20
C LYS A 180 -3.70 14.86 1.39
N PRO A 181 -3.25 14.22 0.31
CA PRO A 181 -2.10 14.77 -0.42
C PRO A 181 -2.33 16.20 -0.87
N PHE A 182 -3.53 16.52 -1.33
CA PHE A 182 -3.80 17.88 -1.83
C PHE A 182 -4.03 18.87 -0.71
N LEU A 183 -4.65 18.44 0.39
CA LEU A 183 -4.81 19.32 1.54
C LEU A 183 -3.45 19.72 2.11
N TRP A 184 -2.55 18.75 2.27
CA TRP A 184 -1.23 19.05 2.80
C TRP A 184 -0.46 19.97 1.87
N LEU A 185 -0.50 19.70 0.56
CA LEU A 185 0.22 20.54 -0.39
C LEU A 185 -0.35 21.95 -0.43
N ALA A 186 -1.68 22.07 -0.33
CA ALA A 186 -2.28 23.41 -0.34
C ALA A 186 -1.82 24.22 0.85
N ARG A 187 -1.74 23.59 2.03
CA ARG A 187 -1.24 24.29 3.21
C ARG A 187 0.21 24.73 3.02
N LYS A 188 1.04 23.87 2.43
CA LYS A 188 2.44 24.23 2.20
C LYS A 188 2.57 25.34 1.17
N LEU A 189 1.79 25.28 0.10
CA LEU A 189 1.96 26.23 -1.00
C LEU A 189 1.39 27.60 -0.65
N ILE A 190 0.28 27.64 0.07
CA ILE A 190 -0.29 28.91 0.50
C ILE A 190 0.38 29.43 1.77
N GLY A 191 0.97 28.56 2.57
CA GLY A 191 1.62 29.00 3.79
C GLY A 191 0.67 29.21 4.95
N ASP A 192 -0.44 28.49 4.98
CA ASP A 192 -1.44 28.63 6.05
C ASP A 192 -1.70 27.24 6.62
N PRO A 193 -1.15 26.91 7.79
CA PRO A 193 -1.40 25.58 8.36
C PRO A 193 -2.87 25.32 8.67
N ASN A 194 -3.71 26.35 8.69
CA ASN A 194 -5.11 26.23 9.04
C ASN A 194 -6.03 26.22 7.82
N LEU A 195 -5.48 26.21 6.61
CA LEU A 195 -6.31 26.12 5.42
C LEU A 195 -7.15 24.85 5.46
N GLU A 196 -8.42 24.99 5.07
CA GLU A 196 -9.36 23.87 5.04
C GLU A 196 -10.15 23.89 3.74
N PHE A 197 -10.54 22.70 3.29
CA PHE A 197 -11.52 22.60 2.21
C PHE A 197 -12.88 23.02 2.72
N VAL A 198 -13.58 23.82 1.92
CA VAL A 198 -14.94 24.26 2.25
C VAL A 198 -15.86 23.91 1.10
N ALA A 199 -17.16 24.02 1.34
CA ALA A 199 -18.18 23.66 0.38
C ALA A 199 -18.29 24.74 -0.69
N MET A 200 -18.10 24.35 -1.94
CA MET A 200 -18.28 25.27 -3.06
C MET A 200 -19.72 25.78 -3.10
N PRO A 201 -19.95 27.01 -3.58
CA PRO A 201 -21.32 27.52 -3.64
C PRO A 201 -22.18 26.72 -4.60
N ALA A 202 -23.47 26.65 -4.27
CA ALA A 202 -24.45 25.86 -5.03
C ALA A 202 -25.53 26.78 -5.55
N LEU A 203 -25.34 27.30 -6.75
CA LEU A 203 -26.34 28.16 -7.36
C LEU A 203 -27.65 27.42 -7.54
N ALA A 204 -28.74 28.18 -7.63
CA ALA A 204 -30.04 27.57 -7.87
C ALA A 204 -30.06 26.95 -9.26
N PRO A 205 -30.47 25.70 -9.41
CA PRO A 205 -30.48 25.08 -10.74
C PRO A 205 -31.69 25.52 -11.53
N PRO A 206 -31.61 25.48 -12.86
CA PRO A 206 -32.74 25.94 -13.67
C PRO A 206 -33.87 24.93 -13.71
N GLU A 207 -35.09 25.42 -13.56
CA GLU A 207 -36.26 24.61 -13.86
C GLU A 207 -36.48 24.59 -15.36
N VAL A 208 -36.71 23.40 -15.91
CA VAL A 208 -36.82 23.24 -17.35
C VAL A 208 -37.92 22.24 -17.67
N LEU A 214 -38.52 15.31 -28.18
CA LEU A 214 -37.38 14.42 -27.98
C LEU A 214 -37.68 13.36 -26.92
N ALA A 215 -38.97 13.14 -26.65
CA ALA A 215 -39.35 12.16 -25.65
C ALA A 215 -38.90 10.75 -25.99
N ALA A 216 -38.62 10.48 -27.27
CA ALA A 216 -38.22 9.15 -27.71
C ALA A 216 -36.71 8.98 -27.81
N GLN A 217 -35.94 10.07 -27.92
CA GLN A 217 -34.49 9.95 -27.94
C GLN A 217 -33.95 9.67 -26.54
N TYR A 218 -34.59 10.19 -25.51
CA TYR A 218 -34.15 9.91 -24.15
C TYR A 218 -34.70 8.57 -23.65
N GLU A 219 -35.81 8.11 -24.19
CA GLU A 219 -36.33 6.80 -23.84
C GLU A 219 -35.46 5.68 -24.39
N HIS A 220 -34.70 5.95 -25.47
CA HIS A 220 -33.73 4.97 -25.95
C HIS A 220 -32.52 4.91 -25.04
N ASP A 221 -32.00 6.07 -24.64
CA ASP A 221 -30.87 6.11 -23.70
C ASP A 221 -31.27 5.51 -22.35
N LEU A 222 -32.49 5.78 -21.90
CA LEU A 222 -32.95 5.24 -20.63
C LEU A 222 -33.05 3.73 -20.67
N GLU A 223 -33.56 3.18 -21.77
CA GLU A 223 -33.66 1.73 -21.90
C GLU A 223 -32.31 1.07 -21.71
N VAL A 224 -31.28 1.55 -22.43
CA VAL A 224 -29.95 0.98 -22.29
C VAL A 224 -29.44 1.13 -20.87
N ALA A 225 -29.74 2.26 -20.23
CA ALA A 225 -29.21 2.52 -18.91
C ALA A 225 -29.82 1.59 -17.86
N GLN A 226 -31.12 1.29 -17.99
CA GLN A 226 -31.77 0.41 -17.03
C GLN A 226 -31.20 -1.01 -17.11
N THR A 227 -30.88 -1.47 -18.31
CA THR A 227 -30.44 -2.85 -18.53
C THR A 227 -28.92 -3.00 -18.50
N THR A 228 -28.18 -1.95 -18.15
CA THR A 228 -26.75 -2.04 -17.89
C THR A 228 -26.56 -2.06 -16.38
N ALA A 229 -26.07 -3.18 -15.87
CA ALA A 229 -25.98 -3.37 -14.43
C ALA A 229 -25.02 -2.37 -13.81
N LEU A 230 -25.36 -1.89 -12.62
CA LEU A 230 -24.48 -1.00 -11.89
C LEU A 230 -23.26 -1.78 -11.38
N PRO A 231 -22.08 -1.19 -11.39
CA PRO A 231 -20.88 -1.91 -10.92
C PRO A 231 -20.82 -2.01 -9.40
N ASP A 232 -20.00 -2.97 -8.95
CA ASP A 232 -19.65 -3.11 -7.53
C ASP A 232 -20.90 -3.21 -6.66
N GLU A 233 -21.85 -4.05 -7.08
CA GLU A 233 -23.14 -4.13 -6.40
C GLU A 233 -23.03 -4.69 -4.99
N ASP A 234 -21.86 -5.16 -4.56
CA ASP A 234 -21.67 -5.60 -3.18
C ASP A 234 -21.08 -4.52 -2.28
N ASP A 235 -20.63 -3.40 -2.84
CA ASP A 235 -20.15 -2.30 -2.01
C ASP A 235 -21.23 -1.88 -1.02
N ASP A 236 -20.78 -1.34 0.11
CA ASP A 236 -21.74 -0.81 1.09
C ASP A 236 -22.58 0.30 0.49
N LEU A 237 -22.09 0.97 -0.54
CA LEU A 237 -22.89 1.90 -1.33
C LEU A 237 -22.60 1.70 -2.82
N HIS B 6 -14.28 50.87 32.30
CA HIS B 6 -14.58 50.18 31.06
C HIS B 6 -13.31 49.80 30.31
N PHE B 7 -13.04 48.50 30.23
CA PHE B 7 -11.87 47.98 29.53
C PHE B 7 -12.29 47.47 28.16
N GLU B 8 -11.58 47.93 27.13
CA GLU B 8 -11.91 47.56 25.76
C GLU B 8 -11.49 46.11 25.51
N PRO B 9 -12.37 45.26 24.99
CA PRO B 9 -11.98 43.86 24.73
C PRO B 9 -11.00 43.75 23.58
N VAL B 10 -10.33 42.61 23.53
CA VAL B 10 -9.36 42.30 22.48
C VAL B 10 -9.91 42.66 21.10
N THR B 20 -22.31 29.08 1.28
CA THR B 20 -22.47 27.86 0.51
C THR B 20 -23.61 27.99 -0.50
N MET B 21 -24.49 28.97 -0.25
CA MET B 21 -25.70 29.18 -1.05
C MET B 21 -26.75 28.12 -0.76
N GLU B 22 -26.83 27.71 0.51
CA GLU B 22 -27.91 26.84 0.98
C GLU B 22 -28.62 27.42 2.19
N GLU B 23 -28.26 28.64 2.62
CA GLU B 23 -28.86 29.21 3.81
C GLU B 23 -30.32 29.56 3.59
N ASP B 24 -30.70 29.92 2.37
CA ASP B 24 -32.07 30.28 2.04
C ASP B 24 -32.96 29.06 1.79
N GLU B 25 -32.59 27.88 2.26
CA GLU B 25 -33.30 26.66 1.91
C GLU B 25 -33.49 25.79 3.15
N GLU B 26 -34.32 24.75 2.99
CA GLU B 26 -34.75 23.88 4.08
C GLU B 26 -34.54 22.44 3.66
N VAL B 27 -34.11 21.60 4.60
CA VAL B 27 -33.81 20.20 4.33
C VAL B 27 -35.06 19.38 4.59
N LEU B 28 -35.62 18.79 3.53
CA LEU B 28 -36.75 17.87 3.67
C LEU B 28 -36.28 16.43 3.84
N TYR B 29 -35.28 16.02 3.05
CA TYR B 29 -34.76 14.66 3.09
C TYR B 29 -33.25 14.69 3.00
N LYS B 30 -32.60 13.78 3.74
CA LYS B 30 -31.14 13.61 3.67
C LYS B 30 -30.85 12.12 3.74
N VAL B 31 -30.00 11.63 2.84
CA VAL B 31 -29.65 10.22 2.83
C VAL B 31 -28.29 10.05 2.16
N ARG B 32 -27.52 9.09 2.67
CA ARG B 32 -26.24 8.72 2.08
C ARG B 32 -26.48 7.87 0.84
N ALA B 33 -25.76 8.16 -0.24
CA ALA B 33 -25.95 7.44 -1.48
C ALA B 33 -24.71 7.60 -2.36
N LYS B 34 -24.65 6.76 -3.40
CA LYS B 34 -23.63 6.85 -4.43
C LYS B 34 -24.31 7.14 -5.76
N LEU B 35 -23.78 8.10 -6.50
CA LEU B 35 -24.39 8.60 -7.72
C LEU B 35 -23.57 8.18 -8.93
N PHE B 36 -24.25 7.71 -9.97
N PHE B 36 -24.25 7.71 -9.97
CA PHE B 36 -23.61 7.24 -11.19
CA PHE B 36 -23.60 7.26 -11.19
C PHE B 36 -24.09 8.05 -12.39
C PHE B 36 -24.08 8.08 -12.38
N ARG B 37 -23.22 8.16 -13.39
CA ARG B 37 -23.50 8.84 -14.65
C ARG B 37 -23.29 7.85 -15.77
N PHE B 38 -24.31 7.65 -16.60
CA PHE B 38 -24.19 6.67 -17.68
C PHE B 38 -23.47 7.29 -18.86
N ASP B 39 -22.36 6.67 -19.27
CA ASP B 39 -21.60 7.08 -20.44
C ASP B 39 -22.15 6.30 -21.63
N ALA B 40 -23.06 6.94 -22.39
CA ALA B 40 -23.71 6.24 -23.50
C ALA B 40 -22.70 5.73 -24.51
N ASP B 41 -21.73 6.57 -24.87
CA ASP B 41 -20.76 6.19 -25.90
C ASP B 41 -19.97 4.96 -25.47
N ALA B 42 -19.54 4.91 -24.22
CA ALA B 42 -18.72 3.82 -23.71
C ALA B 42 -19.54 2.66 -23.14
N LYS B 43 -20.87 2.79 -23.11
CA LYS B 43 -21.75 1.75 -22.59
C LYS B 43 -21.28 1.23 -21.23
N GLU B 44 -21.26 2.13 -20.25
CA GLU B 44 -21.00 1.74 -18.88
C GLU B 44 -21.36 2.87 -17.93
N TRP B 45 -21.64 2.50 -16.69
CA TRP B 45 -21.90 3.45 -15.63
C TRP B 45 -20.58 3.93 -15.02
N LYS B 46 -20.55 5.21 -14.65
CA LYS B 46 -19.36 5.81 -14.06
C LYS B 46 -19.76 6.54 -12.79
N GLU B 47 -19.03 6.28 -11.71
CA GLU B 47 -19.28 6.97 -10.45
C GLU B 47 -19.12 8.47 -10.64
N ARG B 48 -19.99 9.23 -9.99
CA ARG B 48 -19.86 10.68 -9.93
C ARG B 48 -19.62 11.22 -8.53
N GLY B 49 -19.97 10.47 -7.50
CA GLY B 49 -19.78 10.96 -6.15
C GLY B 49 -20.46 10.13 -5.09
N THR B 50 -19.95 10.20 -3.87
CA THR B 50 -20.50 9.53 -2.71
C THR B 50 -20.57 10.53 -1.58
N GLY B 51 -21.75 10.67 -0.97
CA GLY B 51 -21.93 11.64 0.09
C GLY B 51 -23.38 11.74 0.48
N ASP B 52 -23.72 12.87 1.12
CA ASP B 52 -25.10 13.12 1.52
C ASP B 52 -25.91 13.69 0.37
N CYS B 53 -27.04 13.06 0.07
CA CYS B 53 -27.99 13.56 -0.91
C CYS B 53 -29.12 14.26 -0.17
N LYS B 54 -29.36 15.52 -0.51
CA LYS B 54 -30.32 16.35 0.21
C LYS B 54 -31.38 16.88 -0.75
N PHE B 55 -32.63 16.88 -0.29
CA PHE B 55 -33.71 17.60 -0.94
C PHE B 55 -33.86 18.95 -0.26
N LEU B 56 -33.62 20.04 -0.99
CA LEU B 56 -33.61 21.38 -0.42
C LEU B 56 -34.78 22.20 -0.96
N LYS B 57 -35.53 22.80 -0.06
CA LYS B 57 -36.74 23.57 -0.38
C LYS B 57 -36.43 25.06 -0.23
N ASN B 58 -36.48 25.78 -1.34
CA ASN B 58 -36.26 27.22 -1.30
C ASN B 58 -37.33 27.90 -0.44
N LYS B 59 -36.90 28.81 0.43
CA LYS B 59 -37.82 29.44 1.37
C LYS B 59 -38.78 30.41 0.67
N LYS B 60 -38.36 31.00 -0.45
CA LYS B 60 -39.18 31.98 -1.14
C LYS B 60 -40.03 31.34 -2.24
N THR B 61 -39.43 30.48 -3.06
CA THR B 61 -40.15 29.85 -4.16
C THR B 61 -40.85 28.57 -3.75
N ASN B 62 -40.45 27.95 -2.64
CA ASN B 62 -40.93 26.63 -2.23
C ASN B 62 -40.57 25.54 -3.24
N LYS B 63 -39.68 25.82 -4.18
CA LYS B 63 -39.23 24.81 -5.13
C LYS B 63 -38.17 23.94 -4.49
N VAL B 64 -38.17 22.65 -4.83
CA VAL B 64 -37.29 21.66 -4.22
C VAL B 64 -36.24 21.24 -5.24
N ARG B 65 -35.00 21.09 -4.77
CA ARG B 65 -33.92 20.58 -5.58
C ARG B 65 -33.21 19.46 -4.84
N ILE B 66 -32.55 18.60 -5.60
CA ILE B 66 -31.56 17.68 -5.05
C ILE B 66 -30.22 18.39 -5.04
N LEU B 67 -29.52 18.32 -3.92
CA LEU B 67 -28.15 18.80 -3.85
C LEU B 67 -27.30 17.73 -3.17
N MET B 68 -26.25 17.30 -3.84
CA MET B 68 -25.39 16.22 -3.37
C MET B 68 -23.94 16.65 -3.46
N ARG B 69 -23.18 16.40 -2.40
CA ARG B 69 -21.78 16.77 -2.33
C ARG B 69 -20.94 15.53 -2.03
N ARG B 70 -19.69 15.56 -2.50
CA ARG B 70 -18.75 14.49 -2.21
C ARG B 70 -18.18 14.65 -0.80
N ASP B 71 -18.03 13.53 -0.11
CA ASP B 71 -17.33 13.54 1.16
C ASP B 71 -15.97 14.21 1.02
N LYS B 72 -15.54 14.86 2.10
CA LYS B 72 -14.18 15.39 2.23
C LYS B 72 -13.97 16.64 1.38
N THR B 73 -13.97 16.51 0.05
CA THR B 73 -13.79 17.67 -0.81
C THR B 73 -15.04 18.52 -0.89
N LEU B 74 -16.19 17.96 -0.57
CA LEU B 74 -17.46 18.70 -0.53
C LEU B 74 -17.86 19.24 -1.90
N LYS B 75 -17.26 18.71 -2.97
CA LYS B 75 -17.59 19.18 -4.30
C LYS B 75 -18.97 18.67 -4.73
N ILE B 76 -19.69 19.51 -5.45
CA ILE B 76 -21.07 19.21 -5.84
C ILE B 76 -21.06 18.21 -6.99
N CYS B 77 -21.78 17.10 -6.81
CA CYS B 77 -21.93 16.10 -7.85
C CYS B 77 -23.37 15.94 -8.34
N ALA B 78 -24.30 16.70 -7.78
CA ALA B 78 -25.66 16.74 -8.29
C ALA B 78 -26.34 18.02 -7.80
N ASN B 79 -27.06 18.68 -8.70
CA ASN B 79 -27.74 19.93 -8.36
C ASN B 79 -28.77 20.19 -9.47
N HIS B 80 -30.04 19.90 -9.16
CA HIS B 80 -31.09 20.04 -10.17
C HIS B 80 -32.44 19.95 -9.46
N ILE B 81 -33.46 20.50 -10.12
CA ILE B 81 -34.82 20.44 -9.58
C ILE B 81 -35.35 19.02 -9.69
N ILE B 82 -36.15 18.63 -8.69
CA ILE B 82 -36.87 17.36 -8.77
C ILE B 82 -38.08 17.57 -9.67
N ALA B 83 -37.83 17.63 -10.97
CA ALA B 83 -38.88 18.01 -11.92
C ALA B 83 -40.07 17.05 -11.82
N PRO B 84 -41.29 17.56 -11.89
CA PRO B 84 -42.47 16.66 -11.81
C PRO B 84 -42.55 15.64 -12.93
N GLU B 85 -41.86 15.85 -14.05
CA GLU B 85 -41.93 14.91 -15.16
C GLU B 85 -41.03 13.71 -14.98
N TYR B 86 -39.97 13.82 -14.19
CA TYR B 86 -39.02 12.73 -14.02
C TYR B 86 -39.72 11.48 -13.48
N THR B 87 -39.12 10.32 -13.74
CA THR B 87 -39.68 9.05 -13.33
C THR B 87 -38.55 8.13 -12.87
N LEU B 88 -38.69 7.60 -11.66
CA LEU B 88 -37.69 6.72 -11.10
C LEU B 88 -37.92 5.29 -11.57
N LYS B 89 -36.91 4.70 -12.19
CA LYS B 89 -37.00 3.35 -12.72
C LYS B 89 -35.97 2.44 -12.05
N PRO B 90 -36.27 1.15 -11.92
CA PRO B 90 -35.30 0.23 -11.34
C PRO B 90 -34.19 -0.12 -12.33
N ASN B 91 -33.09 -0.60 -11.76
CA ASN B 91 -31.95 -1.07 -12.55
C ASN B 91 -31.87 -2.59 -12.44
N VAL B 92 -31.54 -3.23 -13.57
CA VAL B 92 -31.58 -4.68 -13.65
C VAL B 92 -30.73 -5.35 -12.57
N GLY B 93 -29.68 -4.68 -12.12
CA GLY B 93 -28.71 -5.29 -11.23
C GLY B 93 -28.81 -4.90 -9.78
N SER B 94 -29.90 -4.24 -9.35
CA SER B 94 -29.97 -3.75 -7.98
C SER B 94 -31.42 -3.64 -7.54
N ASP B 95 -31.67 -4.02 -6.29
CA ASP B 95 -32.94 -3.76 -5.62
C ASP B 95 -32.86 -2.56 -4.69
N ARG B 96 -31.83 -1.72 -4.84
CA ARG B 96 -31.60 -0.58 -3.97
C ARG B 96 -31.14 0.64 -4.76
N SER B 97 -31.59 0.78 -6.00
CA SER B 97 -31.18 1.89 -6.85
C SER B 97 -32.36 2.35 -7.69
N TRP B 98 -32.28 3.60 -8.15
CA TRP B 98 -33.21 4.14 -9.11
C TRP B 98 -32.45 4.77 -10.26
N VAL B 99 -32.99 4.62 -11.47
CA VAL B 99 -32.47 5.23 -12.67
C VAL B 99 -33.48 6.26 -13.15
N TYR B 100 -32.99 7.40 -13.64
CA TYR B 100 -33.90 8.38 -14.19
C TYR B 100 -33.12 9.39 -15.02
N ALA B 101 -33.79 9.93 -16.03
CA ALA B 101 -33.19 10.92 -16.91
C ALA B 101 -33.23 12.29 -16.28
N CYS B 102 -32.18 13.07 -16.50
CA CYS B 102 -32.10 14.44 -16.00
C CYS B 102 -31.72 15.36 -17.16
N THR B 103 -32.44 16.47 -17.29
CA THR B 103 -32.30 17.35 -18.44
C THR B 103 -31.46 18.59 -18.16
N ALA B 104 -31.34 19.03 -16.90
CA ALA B 104 -30.55 20.23 -16.60
C ALA B 104 -29.91 20.05 -15.22
N ASP B 105 -28.67 19.59 -15.21
CA ASP B 105 -27.85 19.51 -14.01
C ASP B 105 -26.68 20.48 -14.13
N ILE B 106 -26.35 21.15 -13.02
CA ILE B 106 -25.38 22.24 -13.04
C ILE B 106 -24.27 22.01 -12.02
N ALA B 107 -23.88 20.75 -11.81
CA ALA B 107 -22.85 20.48 -10.81
C ALA B 107 -21.47 20.91 -11.30
N GLU B 108 -21.15 20.64 -12.57
CA GLU B 108 -19.84 20.94 -13.12
C GLU B 108 -19.83 22.21 -13.97
N GLY B 109 -20.95 22.91 -14.10
CA GLY B 109 -20.99 24.14 -14.84
C GLY B 109 -22.30 24.38 -15.56
N GLU B 110 -22.22 24.69 -16.86
CA GLU B 110 -23.41 24.99 -17.63
C GLU B 110 -24.37 23.81 -17.63
N ALA B 111 -25.67 24.12 -17.71
CA ALA B 111 -26.70 23.09 -17.65
C ALA B 111 -26.43 21.99 -18.66
N GLU B 112 -26.51 20.75 -18.19
CA GLU B 112 -26.24 19.59 -19.02
C GLU B 112 -27.22 18.49 -18.64
N ALA B 113 -27.38 17.52 -19.54
CA ALA B 113 -28.35 16.44 -19.36
C ALA B 113 -27.63 15.13 -19.09
N PHE B 114 -28.28 14.27 -18.30
CA PHE B 114 -27.66 13.04 -17.84
C PHE B 114 -28.71 11.96 -17.66
N THR B 115 -28.26 10.71 -17.76
CA THR B 115 -29.01 9.56 -17.24
C THR B 115 -28.32 9.16 -15.94
N PHE B 116 -28.94 9.50 -14.81
CA PHE B 116 -28.36 9.25 -13.51
C PHE B 116 -28.83 7.91 -12.96
N ALA B 117 -28.00 7.32 -12.11
CA ALA B 117 -28.40 6.24 -11.23
C ALA B 117 -27.90 6.56 -9.83
N ILE B 118 -28.72 6.26 -8.83
CA ILE B 118 -28.39 6.55 -7.45
C ILE B 118 -28.65 5.30 -6.63
N ARG B 119 -27.68 4.90 -5.82
CA ARG B 119 -27.73 3.68 -5.05
C ARG B 119 -27.59 4.02 -3.57
N PHE B 120 -28.29 3.29 -2.73
CA PHE B 120 -28.38 3.55 -1.30
C PHE B 120 -27.87 2.34 -0.53
N GLY B 121 -27.79 2.49 0.79
CA GLY B 121 -27.24 1.42 1.62
C GLY B 121 -28.16 0.23 1.76
N SER B 122 -29.46 0.40 1.53
CA SER B 122 -30.44 -0.64 1.78
C SER B 122 -31.63 -0.44 0.85
N LYS B 123 -32.33 -1.53 0.56
CA LYS B 123 -33.53 -1.42 -0.25
C LYS B 123 -34.55 -0.47 0.38
N GLU B 124 -34.58 -0.39 1.72
CA GLU B 124 -35.58 0.46 2.35
C GLU B 124 -35.20 1.93 2.25
N ASN B 125 -33.90 2.25 2.37
CA ASN B 125 -33.46 3.61 2.05
C ASN B 125 -33.85 4.00 0.63
N ALA B 126 -33.64 3.08 -0.32
CA ALA B 126 -34.03 3.36 -1.70
C ALA B 126 -35.52 3.61 -1.82
N ASP B 127 -36.33 2.80 -1.15
CA ASP B 127 -37.78 2.98 -1.22
C ASP B 127 -38.19 4.33 -0.63
N LYS B 128 -37.68 4.66 0.55
CA LYS B 128 -38.04 5.93 1.18
C LYS B 128 -37.62 7.11 0.30
N PHE B 129 -36.42 7.04 -0.29
CA PHE B 129 -36.01 8.07 -1.24
C PHE B 129 -37.05 8.22 -2.35
N LYS B 130 -37.56 7.10 -2.87
CA LYS B 130 -38.58 7.16 -3.90
C LYS B 130 -39.81 7.91 -3.41
N GLU B 131 -40.21 7.68 -2.16
CA GLU B 131 -41.30 8.43 -1.54
C GLU B 131 -41.01 9.91 -1.55
N GLU B 132 -39.98 10.32 -0.80
CA GLU B 132 -39.63 11.74 -0.72
C GLU B 132 -39.46 12.35 -2.09
N PHE B 133 -38.87 11.61 -3.02
CA PHE B 133 -38.72 12.09 -4.39
C PHE B 133 -40.08 12.45 -4.99
N GLU B 134 -41.09 11.62 -4.77
CA GLU B 134 -42.40 11.87 -5.36
C GLU B 134 -43.20 12.88 -4.55
N LYS B 135 -43.07 12.86 -3.21
CA LYS B 135 -43.56 13.97 -2.41
C LYS B 135 -43.06 15.29 -2.98
N ALA B 136 -41.74 15.46 -3.05
CA ALA B 136 -41.15 16.70 -3.55
C ALA B 136 -41.62 17.01 -4.96
N GLN B 137 -41.85 15.98 -5.78
CA GLN B 137 -42.37 16.22 -7.13
C GLN B 137 -43.71 16.94 -7.07
N GLU B 138 -44.62 16.48 -6.21
CA GLU B 138 -45.90 17.16 -6.05
C GLU B 138 -45.70 18.60 -5.59
N ILE B 139 -44.83 18.79 -4.59
CA ILE B 139 -44.52 20.11 -4.05
C ILE B 139 -44.32 21.10 -5.20
N ASN B 140 -43.34 20.80 -6.06
CA ASN B 140 -43.01 21.68 -7.19
C ASN B 140 -44.22 21.87 -8.10
N GLY C 2 -0.19 19.91 -38.57
CA GLY C 2 0.00 21.31 -38.08
C GLY C 2 1.33 21.90 -38.49
N SER C 3 1.56 23.16 -38.13
CA SER C 3 2.82 23.82 -38.43
C SER C 3 3.94 23.35 -37.51
N MET C 4 3.63 23.13 -36.23
CA MET C 4 4.66 22.79 -35.26
C MET C 4 5.43 21.52 -35.65
N GLU C 5 4.80 20.62 -36.40
CA GLU C 5 5.43 19.36 -36.74
C GLU C 5 6.60 19.51 -37.72
N GLY C 6 7.09 20.72 -38.00
CA GLY C 6 8.19 20.86 -38.94
C GLY C 6 9.53 20.42 -38.38
N ILE C 7 9.76 20.62 -37.08
CA ILE C 7 11.02 20.21 -36.46
C ILE C 7 11.24 18.71 -36.61
N LEU C 8 10.19 17.95 -36.91
CA LEU C 8 10.30 16.51 -37.08
C LEU C 8 10.83 16.12 -38.46
N ASP C 9 11.18 17.08 -39.32
CA ASP C 9 11.70 16.80 -40.65
C ASP C 9 13.20 17.14 -40.65
N PHE C 10 14.03 16.11 -40.54
CA PHE C 10 15.47 16.28 -40.45
C PHE C 10 16.15 16.49 -41.80
N SER C 11 15.39 16.41 -42.91
CA SER C 11 15.98 16.72 -44.21
C SER C 11 16.23 18.21 -44.38
N ASN C 12 15.51 19.05 -43.64
CA ASN C 12 15.79 20.47 -43.56
C ASN C 12 16.65 20.74 -42.33
N ASP C 13 17.35 21.87 -42.37
CA ASP C 13 18.01 22.38 -41.18
C ASP C 13 16.97 22.59 -40.08
N LEU C 14 17.39 22.38 -38.84
CA LEU C 14 16.49 22.57 -37.71
C LEU C 14 16.28 24.06 -37.46
N ASP C 15 15.03 24.49 -37.46
CA ASP C 15 14.68 25.88 -37.16
C ASP C 15 14.59 26.04 -35.65
N ILE C 16 15.58 26.69 -35.05
CA ILE C 16 15.62 26.83 -33.60
C ILE C 16 14.41 27.59 -33.09
N ALA C 17 13.99 28.63 -33.83
CA ALA C 17 12.82 29.40 -33.41
C ALA C 17 11.56 28.57 -33.46
N LEU C 18 11.44 27.64 -34.42
CA LEU C 18 10.30 26.74 -34.44
C LEU C 18 10.36 25.78 -33.26
N LEU C 19 11.56 25.37 -32.84
CA LEU C 19 11.68 24.50 -31.68
C LEU C 19 11.22 25.21 -30.41
N ASP C 20 11.64 26.47 -30.23
CA ASP C 20 11.25 27.19 -29.03
C ASP C 20 9.75 27.46 -28.98
N GLN C 21 9.10 27.61 -30.14
CA GLN C 21 7.65 27.75 -30.15
C GLN C 21 6.98 26.48 -29.64
N VAL C 22 7.42 25.32 -30.13
CA VAL C 22 6.88 24.05 -29.65
C VAL C 22 7.13 23.91 -28.16
N VAL C 23 8.35 24.23 -27.73
CA VAL C 23 8.72 24.06 -26.32
C VAL C 23 7.88 24.97 -25.44
N SER C 24 7.73 26.24 -25.83
CA SER C 24 6.94 27.17 -25.02
C SER C 24 5.47 26.76 -24.99
N THR C 25 4.91 26.38 -26.14
CA THR C 25 3.53 25.90 -26.19
C THR C 25 3.32 24.74 -25.22
N PHE C 26 4.29 23.84 -25.11
CA PHE C 26 4.16 22.71 -24.20
C PHE C 26 4.24 23.17 -22.75
N TYR C 27 5.28 23.92 -22.40
CA TYR C 27 5.54 24.23 -21.01
C TYR C 27 4.62 25.31 -20.45
N GLN C 28 4.17 26.24 -21.30
CA GLN C 28 3.40 27.39 -20.83
C GLN C 28 1.96 27.43 -21.30
N GLY C 29 1.60 26.64 -22.32
CA GLY C 29 0.26 26.63 -22.85
C GLY C 29 -0.65 25.65 -22.13
N SER C 30 -1.75 25.30 -22.79
CA SER C 30 -2.78 24.48 -22.18
C SER C 30 -3.55 23.73 -23.25
N GLY C 31 -4.28 22.71 -22.81
CA GLY C 31 -5.24 22.04 -23.68
C GLY C 31 -4.61 21.44 -24.91
N VAL C 32 -5.26 21.69 -26.06
CA VAL C 32 -4.90 21.00 -27.30
C VAL C 32 -3.54 21.47 -27.79
N GLN C 33 -3.30 22.79 -27.76
CA GLN C 33 -1.97 23.31 -28.05
C GLN C 33 -0.90 22.54 -27.30
N GLN C 34 -1.00 22.54 -25.96
CA GLN C 34 -0.03 21.85 -25.14
C GLN C 34 0.06 20.37 -25.49
N LYS C 35 -1.08 19.67 -25.55
CA LYS C 35 -1.05 18.23 -25.78
C LYS C 35 -0.46 17.88 -27.14
N GLN C 36 -0.62 18.77 -28.13
CA GLN C 36 -0.06 18.48 -29.45
C GLN C 36 1.44 18.72 -29.48
N ALA C 37 1.89 19.86 -28.96
CA ALA C 37 3.33 20.11 -28.87
C ALA C 37 4.02 19.02 -28.06
N GLN C 38 3.33 18.51 -27.03
CA GLN C 38 3.90 17.44 -26.22
C GLN C 38 4.23 16.22 -27.06
N GLU C 39 3.27 15.78 -27.89
CA GLU C 39 3.50 14.61 -28.74
C GLU C 39 4.60 14.88 -29.76
N ILE C 40 4.73 16.13 -30.23
CA ILE C 40 5.79 16.47 -31.17
C ILE C 40 7.15 16.37 -30.49
N LEU C 41 7.27 16.90 -29.27
CA LEU C 41 8.56 16.93 -28.59
C LEU C 41 9.05 15.52 -28.29
N THR C 42 8.20 14.67 -27.73
CA THR C 42 8.59 13.29 -27.50
C THR C 42 8.98 12.60 -28.80
N LYS C 43 8.21 12.84 -29.87
CA LYS C 43 8.60 12.34 -31.19
C LYS C 43 9.96 12.89 -31.61
N PHE C 44 10.26 14.13 -31.23
CA PHE C 44 11.54 14.72 -31.61
C PHE C 44 12.69 14.08 -30.84
N GLN C 45 12.60 14.04 -29.51
CA GLN C 45 13.72 13.55 -28.72
C GLN C 45 13.95 12.05 -28.88
N ASP C 46 12.98 11.32 -29.43
CA ASP C 46 13.16 9.88 -29.67
C ASP C 46 13.76 9.58 -31.02
N ASN C 47 13.86 10.56 -31.91
CA ASN C 47 14.56 10.37 -33.17
C ASN C 47 16.01 10.00 -32.87
N PRO C 48 16.51 8.86 -33.35
CA PRO C 48 17.87 8.45 -32.99
C PRO C 48 18.97 9.31 -33.61
N ASP C 49 18.63 10.32 -34.41
CA ASP C 49 19.60 11.29 -34.90
C ASP C 49 19.47 12.65 -34.22
N ALA C 50 18.55 12.80 -33.25
CA ALA C 50 18.37 14.07 -32.58
C ALA C 50 19.65 14.52 -31.88
N TRP C 51 20.47 13.59 -31.40
CA TRP C 51 21.67 13.96 -30.67
C TRP C 51 22.63 14.77 -31.54
N GLN C 52 22.61 14.55 -32.86
CA GLN C 52 23.48 15.28 -33.75
C GLN C 52 23.12 16.76 -33.82
N LYS C 53 21.89 17.12 -33.48
CA LYS C 53 21.43 18.49 -33.52
C LYS C 53 21.54 19.18 -32.16
N ALA C 54 22.18 18.53 -31.18
CA ALA C 54 22.20 19.07 -29.82
C ALA C 54 23.21 20.20 -29.67
N ASP C 55 24.37 20.12 -30.34
CA ASP C 55 25.33 21.21 -30.24
C ASP C 55 24.77 22.50 -30.82
N GLN C 56 23.94 22.40 -31.87
CA GLN C 56 23.21 23.56 -32.36
C GLN C 56 22.36 24.18 -31.27
N ILE C 57 21.47 23.38 -30.67
CA ILE C 57 20.57 23.87 -29.63
C ILE C 57 21.35 24.63 -28.57
N LEU C 58 22.41 24.01 -28.07
CA LEU C 58 23.13 24.56 -26.93
C LEU C 58 23.91 25.81 -27.30
N GLN C 59 24.40 25.88 -28.54
CA GLN C 59 25.07 27.09 -29.00
C GLN C 59 24.08 28.22 -29.26
N PHE C 60 22.99 27.91 -29.97
CA PHE C 60 22.19 28.95 -30.60
C PHE C 60 20.81 29.17 -29.98
N SER C 61 20.29 28.23 -29.19
CA SER C 61 18.99 28.45 -28.58
C SER C 61 19.11 29.46 -27.44
N THR C 62 18.04 30.23 -27.23
CA THR C 62 17.93 31.14 -26.10
C THR C 62 16.93 30.64 -25.07
N ASN C 63 16.38 29.44 -25.24
CA ASN C 63 15.39 28.90 -24.32
C ASN C 63 16.02 27.81 -23.47
N PRO C 64 16.11 27.97 -22.15
CA PRO C 64 16.82 26.96 -21.34
C PRO C 64 16.09 25.61 -21.30
N GLN C 65 14.78 25.58 -21.47
CA GLN C 65 14.09 24.30 -21.56
C GLN C 65 14.49 23.54 -22.82
N SER C 66 14.59 24.25 -23.94
CA SER C 66 15.03 23.61 -25.18
C SER C 66 16.42 22.99 -25.01
N LYS C 67 17.31 23.68 -24.30
CA LYS C 67 18.63 23.12 -24.03
C LYS C 67 18.53 21.90 -23.11
N PHE C 68 17.72 22.01 -22.05
CA PHE C 68 17.48 20.87 -21.17
C PHE C 68 17.05 19.65 -21.97
N ILE C 69 16.08 19.82 -22.87
CA ILE C 69 15.65 18.72 -23.72
C ILE C 69 16.81 18.22 -24.57
N ALA C 70 17.64 19.13 -25.07
CA ALA C 70 18.81 18.73 -25.84
C ALA C 70 19.76 17.89 -25.00
N LEU C 71 19.86 18.20 -23.71
CA LEU C 71 20.74 17.41 -22.84
C LEU C 71 20.15 16.04 -22.55
N SER C 72 18.82 15.96 -22.35
CA SER C 72 18.18 14.66 -22.21
C SER C 72 18.44 13.79 -23.43
N ILE C 73 18.34 14.36 -24.63
CA ILE C 73 18.63 13.61 -25.84
C ILE C 73 20.08 13.13 -25.82
N LEU C 74 20.99 13.99 -25.40
CA LEU C 74 22.39 13.59 -25.28
C LEU C 74 22.55 12.51 -24.23
N ASP C 75 21.92 12.70 -23.06
CA ASP C 75 22.04 11.72 -21.99
C ASP C 75 21.63 10.33 -22.46
N LYS C 76 20.54 10.24 -23.24
CA LYS C 76 20.11 8.95 -23.77
C LYS C 76 21.21 8.30 -24.62
N LEU C 77 21.92 9.12 -25.40
CA LEU C 77 22.98 8.58 -26.26
C LEU C 77 24.18 8.14 -25.43
N ILE C 78 24.61 8.97 -24.49
CA ILE C 78 25.78 8.64 -23.66
C ILE C 78 25.54 7.35 -22.91
N THR C 79 24.31 7.15 -22.43
CA THR C 79 23.99 6.03 -21.56
C THR C 79 23.84 4.70 -22.29
N ARG C 80 23.62 4.73 -23.60
CA ARG C 80 23.26 3.52 -24.33
C ARG C 80 24.12 3.24 -25.54
N LYS C 81 24.53 4.26 -26.29
CA LYS C 81 25.22 4.07 -27.56
C LYS C 81 26.58 4.77 -27.61
N TRP C 82 27.11 5.20 -26.47
CA TRP C 82 28.40 5.86 -26.41
C TRP C 82 29.48 5.07 -27.16
N LYS C 83 29.67 3.81 -26.76
CA LYS C 83 30.79 3.03 -27.25
C LYS C 83 30.69 2.70 -28.73
N LEU C 84 29.51 2.87 -29.33
CA LEU C 84 29.33 2.61 -30.76
C LEU C 84 29.78 3.77 -31.62
N LEU C 85 29.86 4.98 -31.07
CA LEU C 85 30.18 6.15 -31.86
C LEU C 85 31.63 6.08 -32.37
N PRO C 86 31.93 6.76 -33.48
CA PRO C 86 33.33 7.02 -33.80
C PRO C 86 33.97 7.84 -32.69
N ASN C 87 35.22 7.51 -32.37
CA ASN C 87 35.87 8.17 -31.24
C ASN C 87 35.91 9.67 -31.41
N ASP C 88 35.87 10.16 -32.65
CA ASP C 88 35.87 11.61 -32.88
C ASP C 88 34.64 12.26 -32.25
N HIS C 89 33.48 11.61 -32.37
CA HIS C 89 32.27 12.19 -31.79
C HIS C 89 32.32 12.17 -30.27
N ARG C 90 32.91 11.12 -29.69
CA ARG C 90 33.00 11.04 -28.23
C ARG C 90 33.81 12.21 -27.67
N ILE C 91 35.01 12.42 -28.19
CA ILE C 91 35.83 13.55 -27.76
C ILE C 91 35.10 14.86 -28.04
N GLY C 92 34.37 14.92 -29.16
CA GLY C 92 33.66 16.14 -29.49
C GLY C 92 32.54 16.43 -28.52
N ILE C 93 31.72 15.43 -28.22
CA ILE C 93 30.63 15.61 -27.27
C ILE C 93 31.18 16.01 -25.91
N ARG C 94 32.26 15.34 -25.46
CA ARG C 94 32.91 15.74 -24.22
C ARG C 94 33.24 17.22 -24.23
N ASN C 95 33.86 17.68 -25.32
CA ASN C 95 34.40 19.04 -25.33
C ASN C 95 33.31 20.09 -25.20
N PHE C 96 32.22 19.97 -25.96
CA PHE C 96 31.22 21.02 -25.91
C PHE C 96 30.23 20.84 -24.76
N VAL C 97 30.36 19.78 -23.96
CA VAL C 97 29.71 19.75 -22.65
C VAL C 97 30.59 20.44 -21.62
N VAL C 98 31.89 20.14 -21.62
CA VAL C 98 32.82 20.82 -20.73
C VAL C 98 32.80 22.31 -20.99
N GLY C 99 32.84 22.71 -22.26
CA GLY C 99 32.89 24.13 -22.58
C GLY C 99 31.59 24.84 -22.25
N MET C 100 30.46 24.22 -22.58
CA MET C 100 29.16 24.82 -22.23
C MET C 100 29.04 25.06 -20.73
N ILE C 101 29.65 24.20 -19.92
CA ILE C 101 29.58 24.37 -18.47
C ILE C 101 30.50 25.48 -18.02
N ILE C 102 31.68 25.60 -18.62
CA ILE C 102 32.59 26.68 -18.26
C ILE C 102 31.96 28.03 -18.58
N SER C 103 31.36 28.17 -19.76
CA SER C 103 30.77 29.45 -20.15
C SER C 103 29.60 29.82 -19.24
N MET C 104 28.80 28.82 -18.84
CA MET C 104 27.66 29.12 -17.99
C MET C 104 28.09 29.55 -16.59
N CYS C 105 29.22 29.03 -16.10
CA CYS C 105 29.72 29.44 -14.79
C CYS C 105 30.36 30.82 -14.82
N GLN C 106 30.97 31.19 -15.94
CA GLN C 106 31.69 32.46 -16.00
C GLN C 106 30.73 33.65 -16.06
N ASP C 107 29.55 33.47 -16.64
CA ASP C 107 28.55 34.53 -16.69
C ASP C 107 27.72 34.45 -15.41
N ASP C 108 27.94 35.41 -14.50
CA ASP C 108 27.26 35.39 -13.21
C ASP C 108 25.74 35.58 -13.36
N GLU C 109 25.30 36.19 -14.46
CA GLU C 109 23.86 36.26 -14.72
C GLU C 109 23.31 34.88 -15.04
N VAL C 110 23.93 34.18 -15.99
CA VAL C 110 23.52 32.83 -16.33
C VAL C 110 23.62 31.91 -15.11
N PHE C 111 24.70 32.05 -14.34
CA PHE C 111 24.95 31.10 -13.26
C PHE C 111 23.88 31.17 -12.19
N LYS C 112 23.37 32.37 -11.90
CA LYS C 112 22.40 32.52 -10.83
C LYS C 112 20.96 32.24 -11.27
N THR C 113 20.68 32.30 -12.57
CA THR C 113 19.30 32.31 -13.06
C THR C 113 18.92 31.07 -13.85
N GLN C 114 19.84 30.14 -14.09
CA GLN C 114 19.54 28.91 -14.84
C GLN C 114 20.15 27.71 -14.11
N LYS C 115 19.74 27.53 -12.85
CA LYS C 115 20.28 26.43 -12.06
C LYS C 115 19.85 25.08 -12.60
N ASN C 116 18.62 24.98 -13.10
CA ASN C 116 18.14 23.72 -13.67
C ASN C 116 19.04 23.29 -14.83
N LEU C 117 19.33 24.22 -15.75
CA LEU C 117 20.12 23.87 -16.92
C LEU C 117 21.54 23.48 -16.54
N ILE C 118 22.13 24.19 -15.58
CA ILE C 118 23.50 23.88 -15.17
C ILE C 118 23.55 22.54 -14.45
N ASN C 119 22.59 22.28 -13.56
CA ASN C 119 22.54 20.98 -12.89
C ASN C 119 22.34 19.86 -13.90
N LYS C 120 21.51 20.09 -14.92
CA LYS C 120 21.34 19.08 -15.97
C LYS C 120 22.63 18.87 -16.74
N SER C 121 23.39 19.94 -17.00
CA SER C 121 24.65 19.80 -17.71
C SER C 121 25.69 19.07 -16.87
N ASP C 122 25.74 19.36 -15.57
CA ASP C 122 26.65 18.64 -14.68
C ASP C 122 26.33 17.15 -14.68
N LEU C 123 25.05 16.80 -14.57
CA LEU C 123 24.67 15.39 -14.61
C LEU C 123 25.07 14.75 -15.93
N THR C 124 24.86 15.47 -17.04
CA THR C 124 25.30 14.96 -18.34
C THR C 124 26.80 14.68 -18.33
N LEU C 125 27.59 15.62 -17.79
CA LEU C 125 29.02 15.39 -17.67
C LEU C 125 29.32 14.12 -16.88
N VAL C 126 28.62 13.92 -15.76
CA VAL C 126 28.88 12.77 -14.91
C VAL C 126 28.59 11.47 -15.65
N GLN C 127 27.64 11.49 -16.59
CA GLN C 127 27.41 10.31 -17.42
C GLN C 127 28.62 10.03 -18.31
N ILE C 128 29.24 11.08 -18.84
CA ILE C 128 30.47 10.90 -19.60
C ILE C 128 31.56 10.33 -18.71
N LEU C 129 31.67 10.84 -17.48
CA LEU C 129 32.69 10.35 -16.56
C LEU C 129 32.56 8.85 -16.32
N LYS C 130 31.32 8.38 -16.14
CA LYS C 130 31.12 6.94 -15.92
C LYS C 130 31.63 6.12 -17.10
N GLN C 131 31.60 6.69 -18.30
CA GLN C 131 32.11 5.98 -19.48
C GLN C 131 33.62 6.12 -19.61
N GLU C 132 34.15 7.31 -19.32
CA GLU C 132 35.49 7.68 -19.75
C GLU C 132 36.53 7.76 -18.64
N TRP C 133 36.10 7.85 -17.39
CA TRP C 133 37.02 8.23 -16.33
C TRP C 133 37.25 7.07 -15.37
N PRO C 134 38.48 6.86 -14.87
CA PRO C 134 39.70 7.64 -15.14
C PRO C 134 40.52 7.16 -16.34
N GLN C 135 40.19 5.99 -16.88
CA GLN C 135 41.07 5.35 -17.85
C GLN C 135 41.37 6.26 -19.04
N ASN C 136 40.39 7.04 -19.49
CA ASN C 136 40.57 7.95 -20.61
C ASN C 136 40.47 9.41 -20.20
N TRP C 137 40.71 9.72 -18.94
CA TRP C 137 40.57 11.08 -18.44
C TRP C 137 41.30 11.20 -17.11
N PRO C 138 42.54 10.71 -17.02
CA PRO C 138 43.20 10.60 -15.71
C PRO C 138 43.40 11.92 -14.99
N GLU C 139 43.27 13.05 -15.68
CA GLU C 139 43.53 14.35 -15.09
C GLU C 139 42.26 15.11 -14.73
N PHE C 140 41.10 14.46 -14.77
CA PHE C 140 39.85 15.16 -14.49
C PHE C 140 39.87 15.77 -13.10
N ILE C 141 40.28 14.99 -12.10
CA ILE C 141 40.18 15.44 -10.71
C ILE C 141 41.25 16.49 -10.44
N PRO C 142 42.54 16.24 -10.73
CA PRO C 142 43.53 17.31 -10.53
C PRO C 142 43.18 18.61 -11.25
N GLU C 143 42.63 18.52 -12.46
CA GLU C 143 42.24 19.74 -13.17
C GLU C 143 40.97 20.36 -12.58
N LEU C 144 40.08 19.53 -12.01
CA LEU C 144 38.95 20.08 -11.27
C LEU C 144 39.43 20.85 -10.05
N ILE C 145 40.38 20.29 -9.31
CA ILE C 145 40.92 20.98 -8.14
C ILE C 145 41.59 22.28 -8.56
N GLY C 146 42.28 22.27 -9.70
CA GLY C 146 42.94 23.48 -10.18
C GLY C 146 41.95 24.57 -10.50
N SER C 147 40.95 24.26 -11.34
CA SER C 147 39.99 25.29 -11.76
C SER C 147 39.20 25.84 -10.60
N SER C 148 39.04 25.06 -9.53
CA SER C 148 38.25 25.53 -8.38
C SER C 148 38.82 26.83 -7.82
N SER C 149 40.15 26.97 -7.81
CA SER C 149 40.80 28.11 -7.18
C SER C 149 40.62 29.41 -7.94
N SER C 150 40.18 29.35 -9.20
CA SER C 150 40.14 30.54 -10.06
C SER C 150 38.76 31.20 -10.10
N SER C 151 37.77 30.66 -9.40
CA SER C 151 36.42 31.22 -9.46
C SER C 151 35.50 30.55 -8.46
N VAL C 152 34.84 31.35 -7.63
CA VAL C 152 33.87 30.81 -6.68
C VAL C 152 32.77 30.06 -7.41
N ASN C 153 32.32 30.58 -8.55
CA ASN C 153 31.23 29.95 -9.28
C ASN C 153 31.63 28.56 -9.77
N VAL C 154 32.81 28.46 -10.41
CA VAL C 154 33.26 27.17 -10.90
C VAL C 154 33.52 26.22 -9.74
N CYS C 155 34.04 26.75 -8.62
CA CYS C 155 34.27 25.91 -7.46
C CYS C 155 32.96 25.39 -6.88
N GLU C 156 31.94 26.25 -6.81
CA GLU C 156 30.63 25.81 -6.36
C GLU C 156 30.08 24.71 -7.27
N ASN C 157 30.19 24.90 -8.58
CA ASN C 157 29.65 23.91 -9.51
C ASN C 157 30.43 22.61 -9.44
N ASN C 158 31.74 22.68 -9.20
CA ASN C 158 32.52 21.46 -9.04
C ASN C 158 32.05 20.66 -7.84
N MET C 159 31.53 21.32 -6.81
CA MET C 159 30.95 20.61 -5.68
C MET C 159 29.67 19.88 -6.10
N ILE C 160 28.90 20.48 -6.99
CA ILE C 160 27.71 19.82 -7.53
C ILE C 160 28.12 18.61 -8.36
N VAL C 161 29.09 18.78 -9.26
CA VAL C 161 29.55 17.67 -10.09
C VAL C 161 30.02 16.51 -9.21
N LEU C 162 30.81 16.83 -8.18
CA LEU C 162 31.35 15.78 -7.32
C LEU C 162 30.23 15.11 -6.52
N LYS C 163 29.29 15.89 -6.02
CA LYS C 163 28.13 15.31 -5.34
C LYS C 163 27.44 14.29 -6.22
N LEU C 164 27.14 14.67 -7.47
CA LEU C 164 26.43 13.77 -8.38
C LEU C 164 27.28 12.54 -8.69
N LEU C 165 28.59 12.73 -8.91
CA LEU C 165 29.45 11.59 -9.19
C LEU C 165 29.44 10.60 -8.03
N SER C 166 29.54 11.11 -6.80
CA SER C 166 29.47 10.24 -5.63
C SER C 166 28.15 9.49 -5.57
N GLU C 167 27.05 10.17 -5.91
CA GLU C 167 25.75 9.51 -5.93
C GLU C 167 25.71 8.38 -6.94
N GLU C 168 26.17 8.66 -8.17
CA GLU C 168 26.07 7.68 -9.23
C GLU C 168 26.97 6.48 -8.98
N VAL C 169 28.10 6.67 -8.28
CA VAL C 169 29.06 5.60 -8.07
C VAL C 169 28.72 4.76 -6.84
N PHE C 170 28.33 5.40 -5.74
CA PHE C 170 28.14 4.69 -4.47
C PHE C 170 26.69 4.50 -4.06
N ASP C 171 25.76 5.35 -4.52
CA ASP C 171 24.39 5.30 -4.03
C ASP C 171 23.41 4.65 -5.01
N PHE C 172 23.66 4.74 -6.32
CA PHE C 172 22.70 4.30 -7.32
C PHE C 172 23.33 3.41 -8.38
N SER C 173 24.43 2.73 -8.06
CA SER C 173 25.14 1.89 -9.02
C SER C 173 24.71 0.44 -8.96
N ALA C 174 24.23 -0.03 -7.81
CA ALA C 174 23.87 -1.44 -7.65
C ALA C 174 22.92 -1.88 -8.75
N GLU C 175 21.95 -1.02 -9.11
CA GLU C 175 20.98 -1.33 -10.13
C GLU C 175 21.53 -1.16 -11.54
N GLN C 176 22.32 -0.12 -11.77
CA GLN C 176 22.49 0.46 -13.10
C GLN C 176 23.82 0.11 -13.76
N MET C 177 24.72 -0.60 -13.08
N MET C 177 24.70 -0.59 -13.05
CA MET C 177 25.98 -0.95 -13.69
CA MET C 177 26.02 -0.95 -13.55
C MET C 177 26.41 -2.33 -13.21
C MET C 177 26.26 -2.43 -13.31
N THR C 178 27.21 -3.00 -14.05
CA THR C 178 27.71 -4.32 -13.72
C THR C 178 28.54 -4.23 -12.44
N GLN C 179 28.65 -5.36 -11.74
CA GLN C 179 29.45 -5.42 -10.53
C GLN C 179 30.88 -4.94 -10.81
N ALA C 180 31.46 -5.40 -11.91
CA ALA C 180 32.85 -5.04 -12.23
C ALA C 180 33.00 -3.54 -12.45
N LYS C 181 32.05 -2.93 -13.16
CA LYS C 181 32.16 -1.51 -13.50
C LYS C 181 31.91 -0.64 -12.26
N ALA C 182 30.97 -1.05 -11.41
CA ALA C 182 30.76 -0.33 -10.15
C ALA C 182 32.02 -0.36 -9.29
N LEU C 183 32.65 -1.54 -9.19
CA LEU C 183 33.87 -1.65 -8.39
C LEU C 183 34.98 -0.78 -8.97
N HIS C 184 35.11 -0.77 -10.31
CA HIS C 184 36.13 0.05 -10.96
C HIS C 184 35.97 1.53 -10.59
N LEU C 185 34.73 2.03 -10.64
CA LEU C 185 34.50 3.44 -10.35
C LEU C 185 34.65 3.72 -8.85
N LYS C 186 34.18 2.80 -8.00
CA LYS C 186 34.35 2.99 -6.55
C LYS C 186 35.82 3.07 -6.18
N ASN C 187 36.64 2.14 -6.70
CA ASN C 187 38.07 2.17 -6.41
C ASN C 187 38.71 3.43 -6.96
N SER C 188 38.30 3.87 -8.17
CA SER C 188 38.90 5.06 -8.76
C SER C 188 38.60 6.30 -7.92
N MET C 189 37.36 6.43 -7.44
CA MET C 189 37.04 7.54 -6.55
C MET C 189 37.80 7.44 -5.25
N SER C 190 37.87 6.23 -4.67
N SER C 190 37.87 6.24 -4.66
CA SER C 190 38.64 6.04 -3.45
CA SER C 190 38.64 6.05 -3.44
C SER C 190 40.10 6.46 -3.63
C SER C 190 40.09 6.48 -3.64
N LYS C 191 40.67 6.16 -4.80
CA LYS C 191 42.08 6.46 -5.02
C LYS C 191 42.36 7.96 -4.97
N GLU C 192 41.42 8.79 -5.43
CA GLU C 192 41.65 10.22 -5.55
C GLU C 192 40.89 11.03 -4.51
N PHE C 193 40.39 10.38 -3.46
CA PHE C 193 39.58 11.14 -2.51
C PHE C 193 40.41 12.00 -1.59
N GLU C 194 41.66 11.60 -1.31
CA GLU C 194 42.50 12.41 -0.44
C GLU C 194 42.57 13.87 -0.90
N GLN C 195 42.70 14.08 -2.22
CA GLN C 195 42.78 15.45 -2.71
C GLN C 195 41.39 16.08 -2.90
N ILE C 196 40.35 15.28 -3.18
CA ILE C 196 39.00 15.82 -3.14
C ILE C 196 38.72 16.39 -1.75
N PHE C 197 39.09 15.64 -0.71
CA PHE C 197 38.82 16.07 0.66
C PHE C 197 39.57 17.37 0.98
N LYS C 198 40.86 17.41 0.64
CA LYS C 198 41.66 18.63 0.83
C LYS C 198 40.88 19.86 0.36
N LEU C 199 40.44 19.83 -0.89
CA LEU C 199 39.66 20.94 -1.43
C LEU C 199 38.43 21.20 -0.57
N CYS C 200 37.68 20.15 -0.25
CA CYS C 200 36.45 20.30 0.51
CA CYS C 200 36.44 20.32 0.50
C CYS C 200 36.71 20.91 1.88
N PHE C 201 37.79 20.47 2.54
CA PHE C 201 38.08 20.98 3.88
C PHE C 201 38.51 22.44 3.84
N GLN C 202 39.32 22.83 2.86
CA GLN C 202 39.75 24.22 2.76
C GLN C 202 38.55 25.15 2.60
N VAL C 203 37.65 24.82 1.67
CA VAL C 203 36.48 25.65 1.45
C VAL C 203 35.68 25.84 2.74
N LEU C 204 35.53 24.76 3.52
CA LEU C 204 34.72 24.84 4.73
C LEU C 204 35.39 25.72 5.78
N GLU C 205 36.70 25.61 5.93
CA GLU C 205 37.39 26.37 6.97
C GLU C 205 37.50 27.85 6.63
N GLN C 206 37.07 28.25 5.42
N GLN C 206 37.57 28.18 5.34
CA GLN C 206 36.99 29.67 5.04
CA GLN C 206 37.90 29.53 4.91
C GLN C 206 35.60 29.98 4.46
C GLN C 206 36.65 30.33 4.60
N GLY C 207 34.59 30.04 5.32
N GLY C 207 35.48 29.85 5.03
CA GLY C 207 33.28 30.52 4.87
CA GLY C 207 34.23 30.50 4.71
C GLY C 207 32.24 30.45 5.98
C GLY C 207 34.16 30.90 3.25
N SER C 208 31.11 31.11 5.72
N SER C 208 33.31 31.87 2.94
CA SER C 208 30.03 31.22 6.69
CA SER C 208 33.17 32.48 1.62
C SER C 208 28.75 30.53 6.21
C SER C 208 31.67 32.57 1.30
N SER C 209 27.97 31.22 5.37
N SER C 209 31.30 32.35 0.04
CA SER C 209 26.68 30.71 4.90
CA SER C 209 29.90 32.36 -0.34
C SER C 209 26.57 30.78 3.37
C SER C 209 29.12 31.36 0.48
N SER C 210 27.70 30.85 2.68
N SER C 210 27.98 31.79 1.01
CA SER C 210 27.68 31.04 1.24
CA SER C 210 27.07 30.84 1.64
C SER C 210 27.03 29.86 0.51
C SER C 210 26.58 29.80 0.64
N SER C 211 26.41 30.18 -0.63
CA SER C 211 26.00 29.18 -1.61
C SER C 211 27.10 28.16 -1.84
N LEU C 212 28.37 28.58 -1.76
CA LEU C 212 29.48 27.66 -1.93
C LEU C 212 29.62 26.73 -0.74
N ILE C 213 29.48 27.25 0.48
CA ILE C 213 29.56 26.42 1.67
C ILE C 213 28.46 25.35 1.64
N VAL C 214 27.23 25.78 1.32
CA VAL C 214 26.12 24.83 1.28
C VAL C 214 26.40 23.71 0.30
N ALA C 215 26.86 24.06 -0.90
CA ALA C 215 27.12 23.05 -1.91
C ALA C 215 28.22 22.09 -1.48
N THR C 216 29.22 22.59 -0.75
CA THR C 216 30.29 21.73 -0.27
C THR C 216 29.77 20.77 0.81
N LEU C 217 28.90 21.26 1.69
CA LEU C 217 28.33 20.39 2.72
C LEU C 217 27.36 19.38 2.12
N GLU C 218 26.67 19.75 1.04
CA GLU C 218 25.82 18.78 0.34
C GLU C 218 26.66 17.61 -0.18
N SER C 219 27.81 17.89 -0.77
CA SER C 219 28.69 16.82 -1.25
C SER C 219 29.25 16.02 -0.09
N LEU C 220 29.63 16.69 1.01
CA LEU C 220 30.13 15.98 2.17
C LEU C 220 29.11 14.96 2.66
N LEU C 221 27.83 15.31 2.64
CA LEU C 221 26.79 14.36 3.05
C LEU C 221 26.90 13.07 2.25
N ARG C 222 27.15 13.17 0.95
CA ARG C 222 27.30 11.98 0.12
C ARG C 222 28.55 11.20 0.49
N TYR C 223 29.69 11.91 0.64
CA TYR C 223 30.94 11.22 0.96
C TYR C 223 30.81 10.38 2.22
N LEU C 224 30.06 10.88 3.21
CA LEU C 224 29.97 10.19 4.49
C LEU C 224 29.35 8.80 4.35
N HIS C 225 28.59 8.55 3.27
CA HIS C 225 28.05 7.21 3.04
C HIS C 225 29.14 6.16 2.91
N TRP C 226 30.35 6.56 2.48
CA TRP C 226 31.36 5.55 2.12
C TRP C 226 32.80 5.84 2.51
N ILE C 227 33.17 7.06 2.89
CA ILE C 227 34.60 7.35 3.08
C ILE C 227 35.11 6.75 4.39
N PRO C 228 36.41 6.49 4.50
CA PRO C 228 36.95 5.95 5.76
C PRO C 228 36.80 6.96 6.89
N TYR C 229 36.58 6.43 8.10
CA TYR C 229 36.31 7.28 9.25
C TYR C 229 37.47 8.21 9.59
N ARG C 230 38.68 7.93 9.12
CA ARG C 230 39.82 8.76 9.47
C ARG C 230 39.63 10.20 8.99
N TYR C 231 39.03 10.37 7.81
CA TYR C 231 38.79 11.71 7.29
C TYR C 231 37.85 12.50 8.17
N ILE C 232 37.14 11.85 9.09
CA ILE C 232 36.15 12.49 9.93
C ILE C 232 36.69 12.75 11.33
N TYR C 233 37.49 11.84 11.87
CA TYR C 233 37.94 11.95 13.26
C TYR C 233 39.36 12.44 13.41
N GLU C 234 40.19 12.35 12.37
CA GLU C 234 41.57 12.83 12.44
C GLU C 234 41.73 14.21 11.79
N THR C 235 40.63 14.92 11.57
CA THR C 235 40.65 16.29 11.08
C THR C 235 39.82 17.15 12.03
N ASN C 236 39.77 18.45 11.74
CA ASN C 236 39.01 19.37 12.55
C ASN C 236 37.54 19.45 12.14
N ILE C 237 37.07 18.55 11.28
CA ILE C 237 35.82 18.81 10.57
C ILE C 237 34.61 18.65 11.50
N LEU C 238 34.67 17.73 12.47
CA LEU C 238 33.55 17.61 13.40
C LEU C 238 33.32 18.91 14.16
N GLU C 239 34.40 19.57 14.58
CA GLU C 239 34.28 20.85 15.28
C GLU C 239 33.58 21.88 14.40
N LEU C 240 34.00 21.99 13.14
CA LEU C 240 33.35 22.92 12.23
C LEU C 240 31.87 22.62 12.10
N LEU C 241 31.53 21.34 11.86
CA LEU C 241 30.14 20.96 11.68
C LEU C 241 29.30 21.31 12.90
N SER C 242 29.77 20.94 14.09
CA SER C 242 28.95 21.04 15.29
C SER C 242 28.94 22.43 15.92
N THR C 243 29.71 23.38 15.40
CA THR C 243 29.71 24.74 15.94
C THR C 243 29.41 25.76 14.85
N LYS C 244 30.44 26.16 14.11
CA LYS C 244 30.34 27.14 13.04
C LYS C 244 29.06 26.98 12.23
N PHE C 245 28.85 25.80 11.66
CA PHE C 245 27.79 25.60 10.67
C PHE C 245 26.42 25.34 11.29
N MET C 246 26.33 25.11 12.60
CA MET C 246 25.04 25.04 13.25
C MET C 246 24.48 26.42 13.60
N THR C 247 25.31 27.47 13.58
CA THR C 247 24.83 28.79 13.95
C THR C 247 24.10 29.47 12.80
N SER C 248 24.58 29.29 11.57
CA SER C 248 23.94 29.91 10.41
C SER C 248 22.76 29.07 9.95
N PRO C 249 21.58 29.67 9.74
CA PRO C 249 20.43 28.86 9.28
C PRO C 249 20.59 28.35 7.87
N ASP C 250 21.40 28.99 7.03
CA ASP C 250 21.61 28.52 5.67
C ASP C 250 22.27 27.14 5.66
N THR C 251 23.27 26.93 6.50
CA THR C 251 24.00 25.66 6.54
C THR C 251 23.46 24.69 7.58
N ARG C 252 22.52 25.12 8.43
CA ARG C 252 22.15 24.32 9.58
C ARG C 252 21.48 23.01 9.18
N ALA C 253 20.56 23.07 8.21
CA ALA C 253 19.84 21.86 7.81
C ALA C 253 20.80 20.81 7.28
N ILE C 254 21.66 21.18 6.33
CA ILE C 254 22.58 20.22 5.73
C ILE C 254 23.57 19.71 6.77
N THR C 255 24.06 20.60 7.64
CA THR C 255 25.04 20.20 8.63
C THR C 255 24.46 19.16 9.58
N LEU C 256 23.21 19.36 10.00
CA LEU C 256 22.55 18.41 10.89
C LEU C 256 22.43 17.04 10.23
N LYS C 257 22.18 17.01 8.92
CA LYS C 257 22.09 15.73 8.22
C LYS C 257 23.46 15.06 8.12
N CYS C 258 24.52 15.86 7.93
CA CYS C 258 25.87 15.30 7.93
C CYS C 258 26.18 14.66 9.28
N LEU C 259 25.87 15.37 10.37
CA LEU C 259 26.13 14.84 11.70
C LEU C 259 25.31 13.59 12.00
N THR C 260 24.09 13.52 11.45
CA THR C 260 23.30 12.30 11.58
C THR C 260 24.03 11.12 10.93
N GLU C 261 24.63 11.34 9.75
CA GLU C 261 25.36 10.26 9.10
C GLU C 261 26.65 9.93 9.85
N VAL C 262 27.34 10.96 10.37
CA VAL C 262 28.51 10.70 11.22
C VAL C 262 28.13 9.77 12.37
N SER C 263 26.94 9.97 12.93
CA SER C 263 26.44 9.14 14.02
C SER C 263 26.19 7.72 13.53
N ASN C 264 26.62 7.38 12.31
CA ASN C 264 26.53 6.02 11.80
C ASN C 264 27.84 5.47 11.23
N LEU C 265 28.91 6.28 11.17
CA LEU C 265 30.17 5.83 10.59
C LEU C 265 30.67 4.55 11.25
N LYS C 266 31.49 3.78 10.54
CA LYS C 266 32.13 2.62 11.12
C LYS C 266 33.28 3.09 12.02
N ILE C 267 33.19 2.76 13.30
CA ILE C 267 33.99 3.41 14.32
C ILE C 267 34.48 2.37 15.33
N PRO C 268 35.77 2.29 15.63
CA PRO C 268 36.24 1.33 16.63
C PRO C 268 35.82 1.72 18.04
N GLN C 269 35.46 0.73 18.83
CA GLN C 269 35.00 0.94 20.20
C GLN C 269 36.11 0.81 21.24
N ASP C 270 37.35 0.64 20.80
CA ASP C 270 38.48 0.66 21.73
C ASP C 270 38.93 2.09 22.01
N ASN C 271 39.17 2.85 20.95
CA ASN C 271 39.83 4.14 21.07
C ASN C 271 39.01 5.07 21.98
N ASP C 272 39.63 5.48 23.09
CA ASP C 272 38.98 6.42 23.99
C ASP C 272 38.92 7.82 23.40
N LEU C 273 39.86 8.16 22.52
CA LEU C 273 39.85 9.49 21.92
C LEU C 273 38.75 9.61 20.88
N ILE C 274 38.49 8.55 20.12
CA ILE C 274 37.30 8.52 19.28
C ILE C 274 36.06 8.73 20.12
N LYS C 275 35.91 7.94 21.19
CA LYS C 275 34.79 8.08 22.09
C LYS C 275 34.63 9.52 22.54
N ARG C 276 35.73 10.19 22.87
CA ARG C 276 35.64 11.56 23.34
C ARG C 276 35.25 12.51 22.23
N GLN C 277 35.73 12.27 21.00
CA GLN C 277 35.32 13.09 19.88
C GLN C 277 33.83 12.91 19.58
N THR C 278 33.32 11.69 19.77
CA THR C 278 31.90 11.44 19.52
C THR C 278 31.04 12.11 20.58
N VAL C 279 31.51 12.15 21.82
CA VAL C 279 30.81 12.93 22.85
C VAL C 279 30.85 14.41 22.50
N LEU C 280 32.00 14.89 22.03
CA LEU C 280 32.21 16.33 21.91
C LEU C 280 31.31 16.94 20.83
N PHE C 281 31.20 16.30 19.66
CA PHE C 281 30.40 16.92 18.62
C PHE C 281 28.91 16.89 18.96
N PHE C 282 28.50 15.96 19.82
CA PHE C 282 27.13 15.96 20.33
C PHE C 282 26.93 17.09 21.33
N GLN C 283 27.90 17.28 22.23
CA GLN C 283 27.84 18.37 23.20
C GLN C 283 27.75 19.72 22.49
N ASN C 284 28.58 19.92 21.47
CA ASN C 284 28.56 21.18 20.74
C ASN C 284 27.23 21.39 20.05
N THR C 285 26.72 20.36 19.37
CA THR C 285 25.48 20.51 18.61
C THR C 285 24.32 20.88 19.53
N LEU C 286 24.18 20.15 20.65
CA LEU C 286 23.12 20.47 21.60
C LEU C 286 23.31 21.88 22.18
N GLN C 287 24.56 22.29 22.41
CA GLN C 287 24.80 23.64 22.89
C GLN C 287 24.34 24.68 21.86
N GLN C 288 24.67 24.47 20.58
CA GLN C 288 24.26 25.43 19.56
C GLN C 288 22.75 25.50 19.43
N ILE C 289 22.07 24.36 19.58
CA ILE C 289 20.62 24.34 19.48
C ILE C 289 20.01 25.16 20.62
N ALA C 290 20.52 24.99 21.83
CA ALA C 290 19.94 25.67 22.98
C ALA C 290 20.15 27.18 22.92
N THR C 291 21.22 27.66 22.28
CA THR C 291 21.52 29.09 22.27
C THR C 291 21.15 29.78 20.97
N SER C 292 21.07 29.07 19.85
CA SER C 292 20.75 29.69 18.57
C SER C 292 19.36 29.37 18.03
N VAL C 293 18.72 28.30 18.49
CA VAL C 293 17.45 27.89 17.90
C VAL C 293 16.32 27.98 18.92
N MET C 294 16.33 27.12 19.94
CA MET C 294 15.31 27.21 20.98
C MET C 294 15.78 26.48 22.22
N PRO C 295 15.38 26.92 23.41
CA PRO C 295 15.76 26.20 24.64
C PRO C 295 14.97 24.90 24.81
N VAL C 296 15.46 24.09 25.75
CA VAL C 296 14.86 22.80 26.04
C VAL C 296 13.40 22.93 26.44
N THR C 297 13.03 24.06 27.05
CA THR C 297 11.66 24.26 27.51
C THR C 297 10.70 24.66 26.40
N ALA C 298 11.20 24.93 25.18
CA ALA C 298 10.35 25.48 24.13
C ALA C 298 9.22 24.51 23.80
N ASP C 299 8.10 25.09 23.36
CA ASP C 299 6.89 24.34 23.02
C ASP C 299 6.98 23.94 21.56
N LEU C 300 7.57 22.78 21.30
CA LEU C 300 7.80 22.34 19.92
C LEU C 300 6.49 21.95 19.24
N LYS C 301 5.52 21.43 20.00
CA LYS C 301 4.20 21.17 19.43
C LYS C 301 3.63 22.43 18.78
N ALA C 302 3.66 23.55 19.50
CA ALA C 302 3.16 24.81 18.95
C ALA C 302 4.00 25.28 17.78
N THR C 303 5.33 25.21 17.91
CA THR C 303 6.20 25.65 16.82
C THR C 303 5.91 24.86 15.54
N TYR C 304 5.82 23.54 15.67
CA TYR C 304 5.57 22.71 14.49
C TYR C 304 4.23 23.05 13.85
N ALA C 305 3.20 23.26 14.68
CA ALA C 305 1.88 23.59 14.15
C ALA C 305 1.87 24.93 13.41
N ASN C 306 2.67 25.90 13.87
CA ASN C 306 2.70 27.20 13.19
C ASN C 306 3.32 27.09 11.81
N ALA C 307 4.30 26.19 11.64
CA ALA C 307 4.85 25.87 10.32
C ALA C 307 5.46 27.08 9.64
N ASN C 308 6.19 27.90 10.39
CA ASN C 308 6.92 29.01 9.80
C ASN C 308 8.14 28.50 9.05
N GLY C 309 8.53 29.25 8.02
CA GLY C 309 9.69 28.92 7.21
C GLY C 309 9.96 27.44 7.07
N ASN C 310 11.08 26.97 7.63
CA ASN C 310 11.48 25.57 7.55
C ASN C 310 11.52 24.90 8.93
N ASP C 311 10.74 25.42 9.89
CA ASP C 311 10.76 24.83 11.23
C ASP C 311 10.41 23.35 11.20
N GLN C 312 9.41 22.96 10.41
CA GLN C 312 8.96 21.58 10.42
C GLN C 312 10.06 20.63 9.97
N SER C 313 10.76 20.97 8.89
N SER C 313 10.76 20.97 8.90
CA SER C 313 11.85 20.12 8.44
CA SER C 313 11.85 20.13 8.43
C SER C 313 12.99 20.09 9.47
C SER C 313 13.00 20.11 9.43
N PHE C 314 13.27 21.22 10.10
CA PHE C 314 14.32 21.25 11.12
C PHE C 314 14.00 20.32 12.27
N LEU C 315 12.75 20.37 12.76
CA LEU C 315 12.37 19.54 13.89
C LEU C 315 12.36 18.06 13.51
N GLN C 316 11.95 17.73 12.28
CA GLN C 316 12.12 16.37 11.79
C GLN C 316 13.59 15.97 11.79
N ASP C 317 14.45 16.83 11.23
CA ASP C 317 15.87 16.51 11.18
C ASP C 317 16.47 16.38 12.57
N LEU C 318 16.02 17.19 13.52
CA LEU C 318 16.55 17.11 14.88
C LEU C 318 16.14 15.79 15.54
N ALA C 319 14.90 15.36 15.31
CA ALA C 319 14.47 14.08 15.84
C ALA C 319 15.33 12.94 15.29
N MET C 320 15.58 12.97 13.98
CA MET C 320 16.41 11.94 13.38
C MET C 320 17.82 11.96 13.94
N PHE C 321 18.39 13.15 14.15
CA PHE C 321 19.73 13.26 14.70
C PHE C 321 19.79 12.69 16.12
N LEU C 322 18.89 13.16 17.00
CA LEU C 322 18.93 12.72 18.39
C LEU C 322 18.67 11.22 18.50
N THR C 323 17.65 10.71 17.80
CA THR C 323 17.35 9.28 17.89
C THR C 323 18.50 8.44 17.34
N THR C 324 19.03 8.82 16.17
CA THR C 324 20.16 8.09 15.60
C THR C 324 21.35 8.07 16.56
N TYR C 325 21.73 9.24 17.05
CA TYR C 325 22.92 9.33 17.90
C TYR C 325 22.73 8.54 19.19
N LEU C 326 21.61 8.74 19.87
CA LEU C 326 21.44 8.17 21.21
C LEU C 326 21.26 6.65 21.15
N ALA C 327 20.67 6.13 20.08
CA ALA C 327 20.55 4.68 19.95
C ALA C 327 21.93 4.02 19.83
N ARG C 328 22.89 4.71 19.23
CA ARG C 328 24.23 4.14 19.10
C ARG C 328 25.13 4.46 20.28
N ASN C 329 25.01 5.66 20.87
CA ASN C 329 26.08 6.20 21.70
C ASN C 329 25.66 6.64 23.10
N ARG C 330 24.41 6.45 23.53
CA ARG C 330 23.99 7.02 24.80
C ARG C 330 24.78 6.44 25.96
N ALA C 331 25.27 5.20 25.84
CA ALA C 331 26.11 4.64 26.89
C ALA C 331 27.36 5.49 27.12
N LEU C 332 27.86 6.16 26.07
CA LEU C 332 28.97 7.08 26.25
C LEU C 332 28.65 8.20 27.25
N LEU C 333 27.37 8.48 27.48
CA LEU C 333 26.97 9.59 28.33
C LEU C 333 26.46 9.16 29.71
N GLU C 334 26.33 7.86 29.97
CA GLU C 334 25.57 7.38 31.12
C GLU C 334 26.41 7.19 32.37
N SER C 335 27.74 7.12 32.28
CA SER C 335 28.57 6.85 33.44
C SER C 335 29.29 8.09 33.95
N ASP C 336 29.74 8.96 33.05
CA ASP C 336 30.41 10.20 33.43
C ASP C 336 29.39 11.16 34.03
N GLU C 337 29.53 11.47 35.32
CA GLU C 337 28.60 12.38 35.98
C GLU C 337 28.57 13.74 35.30
N SER C 338 29.70 14.18 34.74
CA SER C 338 29.75 15.49 34.09
C SER C 338 28.97 15.51 32.78
N LEU C 339 28.58 14.37 32.23
CA LEU C 339 27.80 14.31 31.00
C LEU C 339 26.31 14.06 31.27
N ARG C 340 25.91 13.96 32.54
CA ARG C 340 24.53 13.60 32.85
C ARG C 340 23.56 14.66 32.32
N GLU C 341 23.88 15.94 32.52
CA GLU C 341 22.97 16.99 32.08
C GLU C 341 22.78 16.96 30.57
N LEU C 342 23.86 16.71 29.82
CA LEU C 342 23.75 16.60 28.37
C LEU C 342 22.85 15.43 27.97
N LEU C 343 23.03 14.28 28.63
CA LEU C 343 22.20 13.12 28.32
C LEU C 343 20.72 13.41 28.55
N LEU C 344 20.40 14.08 29.67
CA LEU C 344 19.00 14.33 29.98
C LEU C 344 18.42 15.49 29.19
N ASN C 345 19.24 16.49 28.84
CA ASN C 345 18.76 17.54 27.95
C ASN C 345 18.45 16.99 26.57
N ALA C 346 19.31 16.13 26.04
CA ALA C 346 19.02 15.50 24.75
C ALA C 346 17.69 14.75 24.78
N HIS C 347 17.43 14.02 25.86
CA HIS C 347 16.17 13.28 25.96
C HIS C 347 15.00 14.21 26.21
N GLN C 348 15.20 15.31 26.93
CA GLN C 348 14.11 16.25 27.13
C GLN C 348 13.67 16.87 25.81
N TYR C 349 14.63 17.18 24.92
CA TYR C 349 14.26 17.59 23.58
C TYR C 349 13.38 16.55 22.90
N LEU C 350 13.74 15.27 23.06
CA LEU C 350 12.94 14.20 22.45
C LEU C 350 11.55 14.14 23.06
N ILE C 351 11.45 14.34 24.38
CA ILE C 351 10.13 14.44 25.02
C ILE C 351 9.31 15.52 24.34
N GLN C 352 9.91 16.70 24.15
CA GLN C 352 9.17 17.81 23.54
C GLN C 352 8.84 17.53 22.08
N LEU C 353 9.77 16.91 21.35
CA LEU C 353 9.47 16.51 19.98
C LEU C 353 8.34 15.51 19.92
N SER C 354 8.16 14.70 20.97
CA SER C 354 7.17 13.64 20.99
C SER C 354 5.75 14.16 21.19
N LYS C 355 5.58 15.43 21.56
CA LYS C 355 4.26 16.02 21.73
C LYS C 355 3.73 16.64 20.45
N ILE C 356 4.54 16.73 19.40
CA ILE C 356 4.10 17.28 18.13
C ILE C 356 2.96 16.44 17.56
N GLU C 357 2.00 17.10 16.91
CA GLU C 357 0.93 16.41 16.20
C GLU C 357 1.39 16.15 14.77
N GLU C 358 2.03 15.00 14.56
CA GLU C 358 2.48 14.59 13.24
C GLU C 358 2.72 13.10 13.30
N ARG C 359 1.81 12.32 12.71
CA ARG C 359 1.82 10.88 12.86
C ARG C 359 3.20 10.28 12.58
N GLU C 360 3.79 10.63 11.44
CA GLU C 360 5.01 9.97 11.02
C GLU C 360 6.20 10.37 11.88
N LEU C 361 6.24 11.62 12.34
CA LEU C 361 7.29 12.02 13.27
C LEU C 361 7.13 11.31 14.61
N PHE C 362 5.88 11.17 15.08
CA PHE C 362 5.65 10.43 16.31
C PHE C 362 6.15 9.00 16.21
N LYS C 363 5.92 8.35 15.06
CA LYS C 363 6.41 7.00 14.87
C LYS C 363 7.93 6.95 14.96
N THR C 364 8.62 8.00 14.49
CA THR C 364 10.07 8.01 14.54
C THR C 364 10.58 8.10 15.98
N THR C 365 10.00 9.00 16.77
CA THR C 365 10.41 9.12 18.17
C THR C 365 9.97 7.89 18.96
N LEU C 366 8.80 7.33 18.63
CA LEU C 366 8.32 6.15 19.36
C LEU C 366 9.25 4.97 19.15
N ASP C 367 9.75 4.79 17.93
CA ASP C 367 10.76 3.76 17.68
C ASP C 367 11.93 3.92 18.63
N TYR C 368 12.38 5.15 18.88
CA TYR C 368 13.50 5.34 19.77
C TYR C 368 13.11 5.02 21.21
N TRP C 369 11.96 5.50 21.66
CA TRP C 369 11.53 5.20 23.03
C TRP C 369 11.51 3.70 23.28
N HIS C 370 11.01 2.93 22.31
CA HIS C 370 11.05 1.47 22.44
C HIS C 370 12.46 0.97 22.64
N ASN C 371 13.41 1.48 21.84
CA ASN C 371 14.81 1.11 22.03
C ASN C 371 15.28 1.43 23.45
N LEU C 372 14.90 2.59 23.98
CA LEU C 372 15.37 2.98 25.30
C LEU C 372 14.75 2.10 26.38
N VAL C 373 13.42 2.02 26.42
CA VAL C 373 12.77 1.36 27.55
C VAL C 373 13.04 -0.13 27.55
N ALA C 374 13.25 -0.73 26.38
CA ALA C 374 13.66 -2.13 26.33
C ALA C 374 15.02 -2.32 27.00
N ASP C 375 15.96 -1.40 26.76
CA ASP C 375 17.27 -1.49 27.38
C ASP C 375 17.18 -1.26 28.89
N LEU C 376 16.36 -0.29 29.31
CA LEU C 376 16.20 -0.04 30.74
C LEU C 376 15.55 -1.22 31.45
N PHE C 377 14.76 -2.01 30.72
CA PHE C 377 14.08 -3.17 31.28
C PHE C 377 15.05 -4.33 31.51
N TYR C 378 16.09 -4.45 30.69
CA TYR C 378 17.01 -5.57 30.75
C TYR C 378 18.40 -5.24 31.27
N GLU C 379 18.83 -3.97 31.19
CA GLU C 379 20.22 -3.63 31.50
C GLU C 379 20.34 -3.19 32.95
N PRO C 380 21.24 -3.79 33.76
CA PRO C 380 21.33 -3.39 35.17
C PRO C 380 21.74 -1.93 35.35
N LEU C 381 21.20 -1.33 36.41
CA LEU C 381 21.65 -0.05 36.94
C LEU C 381 21.42 1.13 35.99
N LYS C 382 20.53 0.98 35.00
CA LYS C 382 20.31 2.05 34.03
C LYS C 382 19.02 2.82 34.24
N LYS C 383 17.96 2.18 34.74
CA LYS C 383 16.64 2.82 34.69
C LYS C 383 16.55 4.06 35.57
N HIS C 384 17.27 4.08 36.70
CA HIS C 384 17.15 5.21 37.62
C HIS C 384 17.64 6.52 36.98
N ILE C 385 18.58 6.43 36.04
CA ILE C 385 19.05 7.62 35.33
C ILE C 385 17.88 8.34 34.67
N TYR C 386 16.92 7.58 34.13
CA TYR C 386 15.90 8.11 33.23
C TYR C 386 14.54 8.25 33.91
N GLU C 387 14.49 8.20 35.24
CA GLU C 387 13.21 8.16 35.94
C GLU C 387 12.32 9.34 35.55
N GLU C 388 12.89 10.53 35.48
CA GLU C 388 12.08 11.72 35.18
C GLU C 388 11.69 11.75 33.71
N ILE C 389 12.56 11.28 32.82
CA ILE C 389 12.20 11.15 31.40
C ILE C 389 11.05 10.15 31.24
N CYS C 390 11.20 8.97 31.85
CA CYS C 390 10.18 7.93 31.71
C CYS C 390 8.83 8.40 32.26
N SER C 391 8.85 9.16 33.37
CA SER C 391 7.60 9.65 33.93
C SER C 391 6.88 10.56 32.95
N GLN C 392 7.62 11.46 32.30
CA GLN C 392 7.01 12.30 31.27
C GLN C 392 6.52 11.47 30.09
N LEU C 393 7.29 10.45 29.71
CA LEU C 393 6.90 9.64 28.56
C LEU C 393 5.60 8.90 28.83
N ARG C 394 5.40 8.42 30.07
CA ARG C 394 4.15 7.76 30.42
C ARG C 394 2.95 8.64 30.05
N LEU C 395 3.01 9.92 30.41
CA LEU C 395 1.90 10.81 30.11
C LEU C 395 1.76 11.03 28.61
N VAL C 396 2.88 11.20 27.91
CA VAL C 396 2.83 11.43 26.47
C VAL C 396 2.14 10.26 25.78
N ILE C 397 2.54 9.03 26.09
N ILE C 397 2.53 9.03 26.10
CA ILE C 397 1.98 7.86 25.43
CA ILE C 397 1.97 7.88 25.39
C ILE C 397 0.51 7.71 25.76
C ILE C 397 0.51 7.68 25.78
N ILE C 398 0.17 7.88 27.05
CA ILE C 398 -1.22 7.71 27.48
C ILE C 398 -2.12 8.70 26.77
N GLU C 399 -1.63 9.93 26.54
CA GLU C 399 -2.47 10.97 25.94
C GLU C 399 -2.56 10.87 24.42
N ASN C 400 -1.69 10.08 23.76
N ASN C 400 -1.63 10.13 23.80
CA ASN C 400 -1.79 9.89 22.32
CA ASN C 400 -1.57 10.01 22.35
C ASN C 400 -2.05 8.43 21.95
C ASN C 400 -1.77 8.57 21.89
N MET C 401 -2.73 7.69 22.82
N MET C 401 -2.36 7.73 22.75
CA MET C 401 -3.06 6.29 22.55
CA MET C 401 -2.75 6.39 22.35
C MET C 401 -4.09 6.21 21.43
C MET C 401 -3.80 6.46 21.26
N VAL C 402 -3.76 5.48 20.35
CA VAL C 402 -4.63 5.42 19.19
C VAL C 402 -5.51 4.19 19.30
N ARG C 403 -6.54 4.16 18.45
CA ARG C 403 -7.58 3.15 18.50
C ARG C 403 -7.02 1.75 18.28
N PRO C 404 -7.21 0.81 19.20
CA PRO C 404 -6.88 -0.59 18.91
C PRO C 404 -7.90 -1.18 17.95
N GLU C 405 -7.65 -2.43 17.55
CA GLU C 405 -8.57 -3.08 16.61
C GLU C 405 -9.99 -3.10 17.12
N GLU C 406 -10.17 -3.24 18.44
CA GLU C 406 -11.46 -3.68 18.98
C GLU C 406 -12.47 -2.54 19.04
N ASP C 407 -12.07 -1.38 19.55
CA ASP C 407 -13.02 -0.30 19.81
C ASP C 407 -13.59 0.26 18.50
N LYS C 423 -11.75 0.49 8.84
CA LYS C 423 -10.53 -0.22 9.19
C LYS C 423 -9.30 0.60 8.76
N GLU C 424 -8.25 0.56 9.57
CA GLU C 424 -7.04 1.36 9.30
C GLU C 424 -5.84 0.60 9.85
N SER C 425 -5.07 -0.03 8.96
CA SER C 425 -3.95 -0.86 9.40
C SER C 425 -2.75 -0.05 9.86
N ASP C 426 -2.61 1.21 9.44
CA ASP C 426 -1.56 2.06 9.99
C ASP C 426 -1.80 2.33 11.47
N THR C 427 -3.07 2.46 11.86
CA THR C 427 -3.40 2.68 13.27
C THR C 427 -3.19 1.42 14.09
N ILE C 428 -3.52 0.25 13.53
CA ILE C 428 -3.33 -1.00 14.26
C ILE C 428 -1.84 -1.19 14.57
N GLN C 429 -0.97 -0.91 13.60
CA GLN C 429 0.46 -1.05 13.83
C GLN C 429 0.94 -0.09 14.90
N LEU C 430 0.42 1.14 14.89
CA LEU C 430 0.90 2.14 15.84
C LEU C 430 0.42 1.82 17.26
N TYR C 431 -0.80 1.30 17.41
CA TYR C 431 -1.25 0.91 18.73
C TYR C 431 -0.34 -0.14 19.34
N LYS C 432 0.00 -1.17 18.56
CA LYS C 432 0.86 -2.24 19.06
C LYS C 432 2.20 -1.69 19.54
N SER C 433 2.78 -0.77 18.77
CA SER C 433 4.04 -0.16 19.20
C SER C 433 3.85 0.66 20.47
N GLU C 434 2.75 1.43 20.56
CA GLU C 434 2.49 2.19 21.77
C GLU C 434 2.28 1.28 22.96
N ARG C 435 1.53 0.19 22.77
CA ARG C 435 1.30 -0.76 23.86
C ARG C 435 2.61 -1.32 24.38
N GLU C 436 3.49 -1.74 23.47
CA GLU C 436 4.77 -2.32 23.89
C GLU C 436 5.55 -1.35 24.77
N VAL C 437 5.68 -0.09 24.33
CA VAL C 437 6.44 0.89 25.09
C VAL C 437 5.78 1.11 26.45
N LEU C 438 4.45 1.25 26.47
CA LEU C 438 3.77 1.53 27.73
C LEU C 438 3.83 0.33 28.68
N VAL C 439 3.86 -0.89 28.15
CA VAL C 439 4.02 -2.06 28.99
C VAL C 439 5.40 -2.05 29.66
N TYR C 440 6.45 -1.82 28.87
CA TYR C 440 7.79 -1.65 29.44
C TYR C 440 7.78 -0.57 30.51
N LEU C 441 7.22 0.60 30.18
CA LEU C 441 7.21 1.72 31.13
C LEU C 441 6.46 1.37 32.40
N THR C 442 5.44 0.51 32.30
CA THR C 442 4.70 0.14 33.50
C THR C 442 5.51 -0.82 34.37
N HIS C 443 6.21 -1.78 33.75
CA HIS C 443 7.11 -2.63 34.52
C HIS C 443 8.19 -1.81 35.22
N LEU C 444 8.70 -0.78 34.55
CA LEU C 444 9.76 0.04 35.14
C LEU C 444 9.29 0.78 36.39
N ASN C 445 8.03 1.22 36.42
CA ASN C 445 7.50 1.88 37.61
C ASN C 445 5.97 1.71 37.58
N VAL C 446 5.50 0.62 38.20
N VAL C 446 5.50 0.59 38.16
CA VAL C 446 4.08 0.30 38.15
CA VAL C 446 4.07 0.31 38.16
C VAL C 446 3.27 1.28 39.00
C VAL C 446 3.31 1.37 38.94
N ILE C 447 3.87 1.83 40.05
CA ILE C 447 3.16 2.77 40.92
C ILE C 447 2.93 4.09 40.19
N ASP C 448 3.96 4.61 39.53
CA ASP C 448 3.80 5.86 38.80
C ASP C 448 2.73 5.72 37.71
N THR C 449 2.71 4.60 37.00
CA THR C 449 1.73 4.42 35.93
C THR C 449 0.32 4.45 36.49
N GLU C 450 0.06 3.69 37.56
CA GLU C 450 -1.27 3.66 38.14
C GLU C 450 -1.71 5.07 38.55
N GLU C 451 -0.81 5.82 39.19
CA GLU C 451 -1.18 7.14 39.69
C GLU C 451 -1.51 8.09 38.53
N ILE C 452 -0.73 8.04 37.46
CA ILE C 452 -1.01 8.88 36.29
C ILE C 452 -2.40 8.55 35.74
N MET C 453 -2.69 7.25 35.61
CA MET C 453 -3.97 6.84 35.03
C MET C 453 -5.13 7.21 35.94
N ILE C 454 -4.99 6.97 37.25
CA ILE C 454 -6.07 7.32 38.19
C ILE C 454 -6.37 8.81 38.10
N SER C 455 -5.33 9.64 38.09
CA SER C 455 -5.55 11.09 38.13
C SER C 455 -6.09 11.62 36.80
N LYS C 456 -5.68 11.02 35.67
CA LYS C 456 -6.31 11.36 34.40
C LYS C 456 -7.81 11.10 34.47
N LEU C 457 -8.20 10.04 35.18
CA LEU C 457 -9.61 9.66 35.26
C LEU C 457 -10.39 10.63 36.13
N ALA C 458 -9.78 11.13 37.20
CA ALA C 458 -10.45 12.12 38.03
C ALA C 458 -10.81 13.35 37.22
N ARG C 459 -9.89 13.82 36.37
CA ARG C 459 -10.16 14.98 35.53
C ARG C 459 -11.11 14.67 34.37
N GLN C 460 -11.49 13.40 34.19
CA GLN C 460 -12.62 13.09 33.33
C GLN C 460 -13.94 13.26 34.07
N ILE C 461 -13.92 13.07 35.38
CA ILE C 461 -15.09 13.35 36.22
C ILE C 461 -15.17 14.83 36.56
N ASP C 462 -14.04 15.54 36.56
CA ASP C 462 -14.07 17.00 36.64
C ASP C 462 -14.94 17.59 35.56
N GLY C 463 -14.83 17.07 34.33
CA GLY C 463 -15.20 17.79 33.15
C GLY C 463 -14.10 18.69 32.61
N SER C 464 -12.97 18.78 33.32
CA SER C 464 -11.91 19.69 32.92
C SER C 464 -11.15 19.18 31.70
N GLU C 465 -11.08 17.85 31.52
CA GLU C 465 -10.53 17.25 30.33
C GLU C 465 -11.50 16.28 29.68
N TRP C 466 -12.75 16.24 30.14
CA TRP C 466 -13.73 15.33 29.57
C TRP C 466 -13.94 15.60 28.09
N SER C 467 -13.93 14.53 27.30
CA SER C 467 -14.31 14.58 25.90
C SER C 467 -14.32 13.16 25.39
N TRP C 468 -15.08 12.93 24.32
CA TRP C 468 -15.11 11.61 23.70
C TRP C 468 -13.70 11.15 23.36
N HIS C 469 -12.91 12.03 22.75
CA HIS C 469 -11.53 11.67 22.42
C HIS C 469 -10.77 11.28 23.68
N ASN C 470 -10.88 12.09 24.74
CA ASN C 470 -10.00 11.91 25.89
C ASN C 470 -10.38 10.73 26.77
N ILE C 471 -11.66 10.34 26.80
CA ILE C 471 -12.03 9.17 27.58
C ILE C 471 -11.70 7.89 26.79
N ASN C 472 -11.78 7.95 25.46
CA ASN C 472 -11.38 6.80 24.66
C ASN C 472 -9.89 6.54 24.79
N THR C 473 -9.06 7.56 24.55
N THR C 473 -9.08 7.58 24.58
CA THR C 473 -7.62 7.37 24.65
CA THR C 473 -7.64 7.45 24.65
C THR C 473 -7.24 6.82 26.02
C THR C 473 -7.20 6.91 26.01
N LEU C 474 -7.90 7.31 27.07
CA LEU C 474 -7.56 6.83 28.41
C LEU C 474 -7.99 5.38 28.60
N SER C 475 -9.16 5.01 28.10
CA SER C 475 -9.62 3.63 28.23
C SER C 475 -8.73 2.68 27.45
N TRP C 476 -8.32 3.08 26.24
CA TRP C 476 -7.39 2.28 25.47
C TRP C 476 -6.06 2.11 26.21
N ALA C 477 -5.54 3.20 26.78
CA ALA C 477 -4.31 3.11 27.56
C ALA C 477 -4.49 2.16 28.74
N ILE C 478 -5.60 2.30 29.46
CA ILE C 478 -5.85 1.43 30.60
C ILE C 478 -5.93 -0.02 30.15
N GLY C 479 -6.61 -0.28 29.03
CA GLY C 479 -6.66 -1.63 28.51
C GLY C 479 -5.32 -2.15 28.07
N SER C 480 -4.44 -1.26 27.59
CA SER C 480 -3.20 -1.70 26.94
C SER C 480 -2.20 -2.32 27.91
N ILE C 481 -2.28 -2.02 29.20
CA ILE C 481 -1.25 -2.46 30.15
C ILE C 481 -1.67 -3.71 30.92
N SER C 482 -2.76 -4.36 30.53
N SER C 482 -2.76 -4.37 30.53
CA SER C 482 -3.18 -5.60 31.19
CA SER C 482 -3.19 -5.57 31.24
C SER C 482 -2.04 -6.59 31.19
C SER C 482 -2.12 -6.64 31.20
N GLY C 483 -1.75 -7.15 32.37
CA GLY C 483 -0.69 -8.12 32.52
C GLY C 483 0.54 -7.59 33.23
N THR C 484 0.62 -6.28 33.43
CA THR C 484 1.79 -5.67 34.04
C THR C 484 1.70 -5.54 35.56
N MET C 485 0.49 -5.59 36.11
CA MET C 485 0.28 -5.44 37.54
C MET C 485 0.14 -6.80 38.21
N SER C 486 0.37 -6.82 39.51
CA SER C 486 0.06 -8.00 40.30
C SER C 486 -1.45 -8.22 40.29
N GLU C 487 -1.85 -9.45 40.62
CA GLU C 487 -3.27 -9.78 40.61
C GLU C 487 -4.04 -8.93 41.61
N ASP C 488 -3.48 -8.75 42.81
CA ASP C 488 -4.17 -7.96 43.83
C ASP C 488 -4.23 -6.48 43.45
N THR C 489 -3.12 -5.92 42.95
CA THR C 489 -3.14 -4.53 42.50
C THR C 489 -4.11 -4.36 41.34
N GLU C 490 -4.03 -5.26 40.35
CA GLU C 490 -4.97 -5.24 39.23
C GLU C 490 -6.42 -5.29 39.73
N LYS C 491 -6.68 -6.10 40.76
CA LYS C 491 -8.05 -6.28 41.22
C LYS C 491 -8.69 -4.95 41.63
N ARG C 492 -8.02 -4.21 42.53
CA ARG C 492 -8.59 -2.95 42.99
C ARG C 492 -8.43 -1.83 41.96
N PHE C 493 -7.49 -1.96 41.04
CA PHE C 493 -7.38 -0.98 39.96
C PHE C 493 -8.53 -1.15 38.97
N VAL C 494 -8.78 -2.37 38.52
CA VAL C 494 -9.91 -2.63 37.62
C VAL C 494 -11.21 -2.14 38.26
N VAL C 495 -11.46 -2.56 39.50
CA VAL C 495 -12.69 -2.17 40.18
C VAL C 495 -12.83 -0.65 40.21
N THR C 496 -11.76 0.04 40.60
CA THR C 496 -11.80 1.49 40.67
C THR C 496 -12.14 2.11 39.30
N VAL C 497 -11.57 1.56 38.23
CA VAL C 497 -11.75 2.16 36.91
C VAL C 497 -13.20 1.99 36.45
N ILE C 498 -13.75 0.78 36.55
N ILE C 498 -13.74 0.78 36.55
CA ILE C 498 -15.12 0.55 36.13
CA ILE C 498 -15.12 0.54 36.14
C ILE C 498 -16.08 1.40 36.96
C ILE C 498 -16.07 1.41 36.96
N LYS C 499 -15.84 1.47 38.28
CA LYS C 499 -16.63 2.35 39.14
C LYS C 499 -16.65 3.77 38.57
N ASP C 500 -15.47 4.35 38.34
CA ASP C 500 -15.40 5.72 37.85
C ASP C 500 -16.08 5.86 36.50
N LEU C 501 -15.92 4.86 35.62
CA LEU C 501 -16.58 4.93 34.31
C LEU C 501 -18.10 4.87 34.46
N LEU C 502 -18.59 4.04 35.37
CA LEU C 502 -20.04 3.95 35.58
C LEU C 502 -20.60 5.25 36.14
N GLY C 503 -20.00 5.77 37.20
CA GLY C 503 -20.44 7.04 37.75
C GLY C 503 -20.40 8.17 36.74
N LEU C 504 -19.62 8.01 35.67
CA LEU C 504 -19.48 9.08 34.69
C LEU C 504 -20.82 9.42 34.04
N CYS C 505 -21.65 8.41 33.79
CA CYS C 505 -22.94 8.66 33.15
C CYS C 505 -23.90 9.43 34.05
N GLU C 506 -23.73 9.32 35.38
CA GLU C 506 -24.58 10.05 36.29
C GLU C 506 -24.50 11.57 36.10
N GLN C 507 -23.56 12.05 35.29
CA GLN C 507 -23.48 13.46 34.94
C GLN C 507 -23.62 13.72 33.44
N LYS C 508 -23.22 12.76 32.59
CA LYS C 508 -23.30 12.92 31.15
C LYS C 508 -24.61 12.29 30.67
N ARG C 509 -25.65 13.10 30.56
CA ARG C 509 -26.92 12.62 30.04
C ARG C 509 -26.85 12.46 28.52
N GLY C 510 -27.92 11.94 27.94
CA GLY C 510 -27.95 11.72 26.50
C GLY C 510 -27.36 10.38 26.12
N LYS C 511 -27.93 9.79 25.06
CA LYS C 511 -27.55 8.44 24.67
C LYS C 511 -26.23 8.41 23.91
N ASP C 512 -25.84 9.51 23.26
CA ASP C 512 -24.54 9.55 22.60
C ASP C 512 -23.41 9.46 23.61
N ASN C 513 -23.48 10.26 24.69
CA ASN C 513 -22.49 10.15 25.75
C ASN C 513 -22.56 8.78 26.42
N LYS C 514 -23.79 8.30 26.68
CA LYS C 514 -23.95 7.00 27.32
C LYS C 514 -23.41 5.87 26.47
N ALA C 515 -23.28 6.06 25.16
CA ALA C 515 -22.76 5.01 24.29
C ALA C 515 -21.24 4.98 24.31
N VAL C 516 -20.59 6.14 24.22
CA VAL C 516 -19.14 6.22 24.36
C VAL C 516 -18.70 5.50 25.63
N VAL C 517 -19.30 5.88 26.77
CA VAL C 517 -18.85 5.34 28.05
C VAL C 517 -19.05 3.83 28.09
N ALA C 518 -20.22 3.35 27.67
CA ALA C 518 -20.48 1.92 27.62
C ALA C 518 -19.38 1.21 26.82
N SER C 519 -19.14 1.65 25.59
CA SER C 519 -18.11 1.05 24.76
C SER C 519 -16.77 0.99 25.46
N ASP C 520 -16.40 2.07 26.17
CA ASP C 520 -15.14 2.08 26.90
C ASP C 520 -15.18 1.10 28.07
N ILE C 521 -16.29 1.06 28.81
CA ILE C 521 -16.41 0.12 29.91
C ILE C 521 -16.19 -1.30 29.42
N MET C 522 -16.93 -1.70 28.38
CA MET C 522 -16.79 -3.06 27.89
C MET C 522 -15.44 -3.30 27.25
N TYR C 523 -14.80 -2.25 26.72
CA TYR C 523 -13.46 -2.42 26.18
C TYR C 523 -12.46 -2.75 27.30
N VAL C 524 -12.57 -2.06 28.43
CA VAL C 524 -11.62 -2.29 29.52
C VAL C 524 -11.82 -3.68 30.10
N VAL C 525 -13.08 -4.08 30.34
N VAL C 525 -13.08 -4.05 30.36
CA VAL C 525 -13.31 -5.39 30.93
CA VAL C 525 -13.39 -5.37 30.90
C VAL C 525 -12.86 -6.49 29.97
C VAL C 525 -12.87 -6.45 29.98
N GLY C 526 -13.05 -6.28 28.67
CA GLY C 526 -12.59 -7.26 27.71
C GLY C 526 -11.09 -7.46 27.72
N GLN C 527 -10.34 -6.47 28.20
CA GLN C 527 -8.89 -6.54 28.22
C GLN C 527 -8.31 -7.19 29.48
N TYR C 528 -9.15 -7.51 30.46
CA TYR C 528 -8.70 -8.03 31.75
C TYR C 528 -9.34 -9.39 32.03
N PRO C 529 -9.08 -10.38 31.17
CA PRO C 529 -9.68 -11.70 31.40
C PRO C 529 -9.22 -12.36 32.68
N ARG C 530 -7.97 -12.14 33.11
CA ARG C 530 -7.53 -12.71 34.38
C ARG C 530 -8.46 -12.32 35.51
N PHE C 531 -8.89 -11.06 35.52
CA PHE C 531 -9.83 -10.61 36.54
C PHE C 531 -11.17 -11.32 36.40
N LEU C 532 -11.67 -11.46 35.16
CA LEU C 532 -12.98 -12.07 34.97
C LEU C 532 -12.99 -13.52 35.37
N LYS C 533 -11.88 -14.23 35.15
CA LYS C 533 -11.84 -15.66 35.43
C LYS C 533 -11.80 -15.96 36.92
N ALA C 534 -11.36 -15.01 37.75
CA ALA C 534 -11.31 -15.20 39.19
C ALA C 534 -12.57 -14.72 39.90
N HIS C 535 -13.51 -14.07 39.19
CA HIS C 535 -14.70 -13.48 39.80
C HIS C 535 -15.91 -13.84 38.92
N TRP C 536 -16.42 -15.06 39.11
CA TRP C 536 -17.50 -15.55 38.26
C TRP C 536 -18.73 -14.65 38.34
N ASN C 537 -19.21 -14.38 39.55
CA ASN C 537 -20.37 -13.52 39.74
C ASN C 537 -20.27 -12.28 38.88
N PHE C 538 -19.06 -11.71 38.79
CA PHE C 538 -18.88 -10.48 38.04
C PHE C 538 -18.90 -10.74 36.54
N LEU C 539 -18.17 -11.77 36.10
CA LEU C 539 -18.20 -12.14 34.68
C LEU C 539 -19.62 -12.36 34.20
N ARG C 540 -20.44 -13.03 35.01
CA ARG C 540 -21.83 -13.26 34.63
C ARG C 540 -22.59 -11.95 34.48
N THR C 541 -22.38 -11.02 35.42
CA THR C 541 -23.06 -9.72 35.32
C THR C 541 -22.63 -8.98 34.06
N VAL C 542 -21.35 -9.05 33.71
CA VAL C 542 -20.88 -8.46 32.46
C VAL C 542 -21.64 -9.03 31.28
N ILE C 543 -21.63 -10.37 31.15
CA ILE C 543 -22.24 -11.02 29.99
C ILE C 543 -23.72 -10.66 29.90
N LEU C 544 -24.43 -10.75 31.02
CA LEU C 544 -25.85 -10.45 31.00
C LEU C 544 -26.12 -9.01 30.58
N LYS C 545 -25.21 -8.10 30.91
CA LYS C 545 -25.37 -6.72 30.44
C LYS C 545 -25.17 -6.64 28.94
N LEU C 546 -24.10 -7.27 28.43
CA LEU C 546 -23.89 -7.32 26.99
C LEU C 546 -25.13 -7.82 26.27
N PHE C 547 -25.81 -8.83 26.85
CA PHE C 547 -27.05 -9.32 26.25
C PHE C 547 -28.12 -8.24 26.27
N GLU C 548 -28.24 -7.50 27.38
CA GLU C 548 -29.12 -6.33 27.41
C GLU C 548 -28.79 -5.39 26.26
N PHE C 549 -27.51 -5.08 26.07
CA PHE C 549 -27.11 -4.15 25.01
C PHE C 549 -27.48 -4.65 23.63
N MET C 550 -27.65 -5.95 23.45
CA MET C 550 -27.98 -6.49 22.13
C MET C 550 -29.40 -6.16 21.69
N HIS C 551 -30.22 -5.61 22.58
CA HIS C 551 -31.53 -5.08 22.22
C HIS C 551 -31.51 -3.56 22.07
N GLU C 552 -30.37 -2.92 22.30
CA GLU C 552 -30.25 -1.47 22.21
C GLU C 552 -29.91 -1.09 20.77
N THR C 553 -30.75 -0.25 20.17
CA THR C 553 -30.66 0.05 18.75
C THR C 553 -29.83 1.30 18.45
N HIS C 554 -29.30 1.99 19.47
CA HIS C 554 -28.40 3.10 19.21
C HIS C 554 -27.21 2.61 18.37
N GLU C 555 -26.81 3.44 17.41
CA GLU C 555 -25.79 3.04 16.45
C GLU C 555 -24.53 2.57 17.16
N GLY C 556 -24.13 1.33 16.88
CA GLY C 556 -22.85 0.79 17.31
C GLY C 556 -22.89 -0.02 18.59
N VAL C 557 -23.95 0.12 19.40
CA VAL C 557 -24.02 -0.61 20.67
C VAL C 557 -24.06 -2.11 20.41
N GLN C 558 -25.02 -2.56 19.62
CA GLN C 558 -25.17 -4.00 19.35
C GLN C 558 -23.87 -4.59 18.84
N ASP C 559 -23.26 -3.96 17.83
CA ASP C 559 -21.97 -4.45 17.33
C ASP C 559 -20.91 -4.45 18.41
N MET C 560 -21.02 -3.54 19.39
CA MET C 560 -20.07 -3.52 20.49
C MET C 560 -20.30 -4.70 21.42
N ALA C 561 -21.55 -4.93 21.82
CA ALA C 561 -21.87 -6.08 22.65
C ALA C 561 -21.35 -7.38 22.05
N CYS C 562 -21.56 -7.58 20.75
CA CYS C 562 -21.22 -8.85 20.13
C CYS C 562 -19.71 -9.04 20.06
N ASP C 563 -18.97 -8.02 19.64
CA ASP C 563 -17.51 -8.14 19.57
C ASP C 563 -16.92 -8.37 20.96
N THR C 564 -17.48 -7.71 21.98
CA THR C 564 -17.03 -7.94 23.35
C THR C 564 -17.35 -9.36 23.80
N PHE C 565 -18.55 -9.85 23.45
CA PHE C 565 -18.97 -11.18 23.89
C PHE C 565 -18.00 -12.25 23.39
N ILE C 566 -17.69 -12.24 22.10
CA ILE C 566 -16.84 -13.29 21.54
C ILE C 566 -15.40 -13.09 21.99
N LYS C 567 -14.99 -11.86 22.30
CA LYS C 567 -13.64 -11.62 22.79
C LYS C 567 -13.47 -12.14 24.22
N ILE C 568 -14.46 -11.90 25.08
CA ILE C 568 -14.41 -12.44 26.44
C ILE C 568 -14.46 -13.95 26.41
N VAL C 569 -15.28 -14.51 25.51
CA VAL C 569 -15.47 -15.96 25.46
C VAL C 569 -14.18 -16.65 25.04
N GLN C 570 -13.48 -16.12 24.04
CA GLN C 570 -12.22 -16.72 23.61
C GLN C 570 -11.23 -16.85 24.75
N LYS C 571 -11.28 -15.92 25.72
N LYS C 571 -11.25 -15.93 25.71
CA LYS C 571 -10.34 -15.87 26.82
CA LYS C 571 -10.29 -15.98 26.81
C LYS C 571 -10.82 -16.60 28.07
C LYS C 571 -10.81 -16.68 28.06
N CYS C 572 -12.14 -16.74 28.24
CA CYS C 572 -12.73 -17.23 29.48
C CYS C 572 -13.63 -18.44 29.28
N LYS C 573 -13.50 -19.11 28.14
CA LYS C 573 -14.47 -20.14 27.74
C LYS C 573 -14.62 -21.23 28.80
N TYR C 574 -13.52 -21.65 29.44
CA TYR C 574 -13.61 -22.73 30.42
C TYR C 574 -14.65 -22.44 31.49
N HIS C 575 -14.87 -21.16 31.81
CA HIS C 575 -15.79 -20.80 32.88
C HIS C 575 -17.25 -20.77 32.43
N PHE C 576 -17.51 -20.98 31.14
CA PHE C 576 -18.88 -21.16 30.67
C PHE C 576 -19.27 -22.62 30.55
N VAL C 577 -18.30 -23.54 30.51
CA VAL C 577 -18.58 -24.94 30.22
C VAL C 577 -18.67 -25.73 31.51
N ILE C 578 -17.94 -25.32 32.55
CA ILE C 578 -18.11 -25.95 33.86
C ILE C 578 -19.36 -25.41 34.54
N GLN C 579 -19.84 -26.16 35.53
CA GLN C 579 -20.86 -25.67 36.43
C GLN C 579 -20.19 -24.94 37.58
N GLN C 580 -20.60 -23.71 37.82
CA GLN C 580 -19.98 -22.89 38.85
C GLN C 580 -20.60 -23.18 40.21
N PRO C 581 -19.87 -22.91 41.30
CA PRO C 581 -20.25 -23.43 42.62
C PRO C 581 -21.72 -23.27 42.98
N ARG C 582 -22.24 -22.04 42.96
CA ARG C 582 -23.61 -21.76 43.38
C ARG C 582 -24.54 -21.59 42.19
N GLU C 583 -24.34 -22.36 41.12
CA GLU C 583 -25.17 -22.31 39.93
C GLU C 583 -25.75 -23.69 39.66
N SER C 584 -26.87 -23.70 38.95
CA SER C 584 -27.59 -24.94 38.68
C SER C 584 -27.12 -25.66 37.42
N GLU C 585 -26.32 -25.02 36.57
CA GLU C 585 -25.95 -25.61 35.30
C GLU C 585 -24.79 -24.80 34.71
N PRO C 586 -24.01 -25.41 33.82
CA PRO C 586 -23.03 -24.63 33.06
C PRO C 586 -23.71 -23.49 32.32
N PHE C 587 -23.12 -22.30 32.40
CA PHE C 587 -23.77 -21.11 31.88
C PHE C 587 -24.01 -21.18 30.37
N ILE C 588 -23.29 -22.06 29.66
CA ILE C 588 -23.54 -22.20 28.23
C ILE C 588 -24.95 -22.68 27.97
N GLN C 589 -25.49 -23.53 28.87
CA GLN C 589 -26.87 -23.97 28.73
C GLN C 589 -27.83 -22.79 28.86
N THR C 590 -27.56 -21.89 29.80
CA THR C 590 -28.43 -20.72 29.98
C THR C 590 -28.40 -19.82 28.75
N ILE C 591 -27.20 -19.63 28.17
CA ILE C 591 -27.10 -18.82 26.95
C ILE C 591 -27.95 -19.43 25.84
N ILE C 592 -27.87 -20.75 25.68
CA ILE C 592 -28.55 -21.41 24.57
C ILE C 592 -30.07 -21.36 24.74
N ARG C 593 -30.55 -21.53 25.97
CA ARG C 593 -31.99 -21.52 26.21
C ARG C 593 -32.63 -20.21 25.74
N ASP C 594 -31.97 -19.08 25.99
CA ASP C 594 -32.53 -17.77 25.71
C ASP C 594 -31.98 -17.14 24.43
N ILE C 595 -31.38 -17.94 23.54
CA ILE C 595 -30.69 -17.38 22.40
C ILE C 595 -31.67 -16.66 21.47
N GLN C 596 -32.89 -17.18 21.32
CA GLN C 596 -33.88 -16.49 20.51
C GLN C 596 -34.19 -15.12 21.08
N LYS C 597 -34.42 -15.05 22.40
CA LYS C 597 -34.66 -13.76 23.04
C LYS C 597 -33.43 -12.86 22.92
N THR C 598 -32.26 -13.38 23.30
CA THR C 598 -31.05 -12.56 23.36
C THR C 598 -30.77 -11.89 22.03
N THR C 599 -30.94 -12.63 20.93
CA THR C 599 -30.54 -12.16 19.60
C THR C 599 -31.71 -11.65 18.77
N ALA C 600 -32.90 -11.55 19.36
CA ALA C 600 -34.10 -11.23 18.57
C ALA C 600 -33.96 -9.93 17.78
N ASP C 601 -33.13 -9.00 18.25
CA ASP C 601 -33.05 -7.67 17.66
C ASP C 601 -31.76 -7.42 16.88
N LEU C 602 -30.93 -8.44 16.70
CA LEU C 602 -29.68 -8.27 15.99
C LEU C 602 -29.84 -8.48 14.49
N GLN C 603 -28.89 -7.96 13.74
CA GLN C 603 -28.79 -8.25 12.31
C GLN C 603 -28.16 -9.62 12.10
N PRO C 604 -28.43 -10.26 10.95
CA PRO C 604 -27.89 -11.61 10.73
C PRO C 604 -26.41 -11.77 11.02
N GLN C 605 -25.55 -10.86 10.55
CA GLN C 605 -24.12 -11.07 10.75
C GLN C 605 -23.74 -10.98 12.22
N GLN C 606 -24.52 -10.24 13.02
CA GLN C 606 -24.29 -10.23 14.47
C GLN C 606 -24.81 -11.50 15.12
N VAL C 607 -25.93 -12.05 14.63
CA VAL C 607 -26.40 -13.35 15.09
C VAL C 607 -25.33 -14.40 14.88
N HIS C 608 -24.70 -14.39 13.69
CA HIS C 608 -23.71 -15.40 13.37
C HIS C 608 -22.49 -15.29 14.27
N THR C 609 -22.07 -14.07 14.60
CA THR C 609 -21.01 -13.88 15.58
C THR C 609 -21.40 -14.50 16.92
N PHE C 610 -22.68 -14.32 17.32
CA PHE C 610 -23.15 -14.91 18.57
C PHE C 610 -23.03 -16.42 18.55
N TYR C 611 -23.51 -17.05 17.47
CA TYR C 611 -23.44 -18.51 17.38
C TYR C 611 -21.99 -18.99 17.37
N LYS C 612 -21.11 -18.26 16.67
CA LYS C 612 -19.70 -18.63 16.68
C LYS C 612 -19.14 -18.59 18.09
N ALA C 613 -19.48 -17.56 18.87
CA ALA C 613 -19.03 -17.50 20.25
C ALA C 613 -19.48 -18.73 21.03
N CYS C 614 -20.73 -19.16 20.81
CA CYS C 614 -21.22 -20.35 21.50
C CYS C 614 -20.43 -21.59 21.09
N GLY C 615 -20.11 -21.71 19.81
CA GLY C 615 -19.31 -22.84 19.36
C GLY C 615 -17.94 -22.89 19.99
N ILE C 616 -17.35 -21.72 20.26
CA ILE C 616 -16.07 -21.67 20.98
C ILE C 616 -16.22 -22.33 22.35
N ILE C 617 -17.26 -21.93 23.10
CA ILE C 617 -17.50 -22.53 24.42
C ILE C 617 -17.71 -24.03 24.28
N ILE C 618 -18.56 -24.43 23.33
CA ILE C 618 -18.96 -25.83 23.23
C ILE C 618 -17.75 -26.72 22.97
N SER C 619 -16.78 -26.23 22.19
CA SER C 619 -15.61 -27.04 21.87
C SER C 619 -14.73 -27.27 23.08
N GLU C 620 -14.91 -26.50 24.15
CA GLU C 620 -14.18 -26.77 25.39
C GLU C 620 -14.72 -27.97 26.14
N GLU C 621 -15.91 -28.46 25.80
CA GLU C 621 -16.47 -29.64 26.42
C GLU C 621 -15.89 -30.88 25.74
N ARG C 622 -15.08 -31.64 26.47
CA ARG C 622 -14.36 -32.75 25.87
C ARG C 622 -15.06 -34.09 26.04
N SER C 623 -16.06 -34.19 26.92
CA SER C 623 -16.95 -35.35 26.88
C SER C 623 -17.76 -35.30 25.59
N VAL C 624 -17.66 -36.37 24.79
CA VAL C 624 -18.22 -36.33 23.44
C VAL C 624 -19.74 -36.19 23.49
N ALA C 625 -20.40 -36.98 24.35
CA ALA C 625 -21.86 -36.97 24.37
C ALA C 625 -22.39 -35.60 24.79
N GLU C 626 -21.75 -34.96 25.77
CA GLU C 626 -22.20 -33.64 26.19
C GLU C 626 -21.95 -32.60 25.11
N ARG C 627 -20.78 -32.65 24.45
CA ARG C 627 -20.48 -31.69 23.40
C ARG C 627 -21.49 -31.77 22.26
N ASN C 628 -21.80 -33.01 21.82
CA ASN C 628 -22.77 -33.18 20.74
C ASN C 628 -24.17 -32.73 21.16
N ARG C 629 -24.52 -32.93 22.42
CA ARG C 629 -25.84 -32.48 22.88
C ARG C 629 -25.93 -30.97 22.91
N LEU C 630 -24.90 -30.30 23.45
CA LEU C 630 -24.84 -28.85 23.37
C LEU C 630 -24.93 -28.38 21.92
N LEU C 631 -24.18 -29.03 21.03
CA LEU C 631 -24.17 -28.62 19.63
C LEU C 631 -25.56 -28.76 19.00
N SER C 632 -26.26 -29.88 19.27
CA SER C 632 -27.59 -30.05 18.72
C SER C 632 -28.57 -29.03 19.30
N ASP C 633 -28.39 -28.66 20.58
CA ASP C 633 -29.25 -27.64 21.17
C ASP C 633 -28.98 -26.26 20.57
N LEU C 634 -27.71 -25.91 20.35
CA LEU C 634 -27.38 -24.62 19.78
C LEU C 634 -28.00 -24.46 18.39
N MET C 635 -27.94 -25.50 17.57
CA MET C 635 -28.44 -25.46 16.20
C MET C 635 -29.94 -25.73 16.11
N GLN C 636 -30.66 -25.73 17.23
CA GLN C 636 -32.08 -26.10 17.18
C GLN C 636 -32.86 -25.19 16.23
N LEU C 637 -32.70 -23.87 16.39
CA LEU C 637 -33.46 -22.93 15.56
C LEU C 637 -33.08 -23.06 14.09
N PRO C 638 -31.82 -22.92 13.69
CA PRO C 638 -31.49 -23.09 12.26
C PRO C 638 -31.84 -24.46 11.71
N ASN C 639 -31.77 -25.51 12.53
CA ASN C 639 -32.11 -26.84 12.03
C ASN C 639 -33.61 -26.97 11.78
N MET C 640 -34.43 -26.32 12.62
CA MET C 640 -35.88 -26.35 12.40
C MET C 640 -36.26 -25.54 11.18
N ALA C 641 -35.74 -24.30 11.07
CA ALA C 641 -35.93 -23.52 9.86
C ALA C 641 -35.46 -24.31 8.64
N TRP C 642 -34.32 -24.99 8.76
CA TRP C 642 -33.79 -25.80 7.66
C TRP C 642 -34.76 -26.92 7.29
N ASP C 643 -35.18 -27.71 8.28
CA ASP C 643 -36.11 -28.80 8.00
C ASP C 643 -37.37 -28.28 7.32
N THR C 644 -37.91 -27.17 7.83
CA THR C 644 -39.11 -26.58 7.24
C THR C 644 -38.93 -26.34 5.75
N ILE C 645 -37.89 -25.61 5.36
CA ILE C 645 -37.77 -25.16 3.97
C ILE C 645 -37.22 -26.25 3.06
N VAL C 646 -36.59 -27.30 3.59
CA VAL C 646 -36.26 -28.45 2.75
C VAL C 646 -37.52 -29.22 2.40
N GLU C 647 -38.52 -29.22 3.30
CA GLU C 647 -39.82 -29.80 2.96
C GLU C 647 -40.51 -28.98 1.87
N GLN C 648 -40.50 -27.66 2.01
CA GLN C 648 -41.22 -26.79 1.09
C GLN C 648 -40.48 -26.65 -0.24
N SER C 649 -39.18 -26.35 -0.19
CA SER C 649 -38.42 -26.14 -1.42
C SER C 649 -38.47 -27.38 -2.31
N THR C 650 -38.46 -28.57 -1.71
CA THR C 650 -38.46 -29.81 -2.50
C THR C 650 -39.84 -30.09 -3.09
N ALA C 651 -40.90 -29.66 -2.42
CA ALA C 651 -42.25 -29.86 -2.91
C ALA C 651 -42.68 -28.80 -3.92
N ASN C 652 -42.02 -27.65 -3.93
CA ASN C 652 -42.36 -26.56 -4.85
C ASN C 652 -41.09 -25.77 -5.17
N PRO C 653 -40.26 -26.28 -6.08
CA PRO C 653 -38.98 -25.60 -6.38
C PRO C 653 -39.10 -24.13 -6.74
N THR C 654 -40.28 -23.65 -7.12
CA THR C 654 -40.42 -22.23 -7.47
C THR C 654 -40.13 -21.34 -6.28
N LEU C 655 -40.41 -21.81 -5.06
CA LEU C 655 -40.23 -20.99 -3.87
C LEU C 655 -38.84 -20.36 -3.80
N LEU C 656 -37.85 -20.99 -4.43
CA LEU C 656 -36.48 -20.49 -4.38
C LEU C 656 -36.29 -19.22 -5.20
N LEU C 657 -37.30 -18.79 -5.96
CA LEU C 657 -37.28 -17.46 -6.57
C LEU C 657 -37.81 -16.39 -5.62
N ASP C 658 -38.49 -16.80 -4.55
CA ASP C 658 -38.89 -15.88 -3.50
C ASP C 658 -37.64 -15.41 -2.76
N SER C 659 -37.29 -14.13 -2.93
CA SER C 659 -36.08 -13.58 -2.31
C SER C 659 -36.06 -13.85 -0.81
N GLU C 660 -37.21 -13.71 -0.15
CA GLU C 660 -37.25 -13.92 1.30
C GLU C 660 -36.84 -15.34 1.67
N THR C 661 -37.20 -16.32 0.85
CA THR C 661 -36.79 -17.70 1.11
C THR C 661 -35.29 -17.87 0.83
N VAL C 662 -34.79 -17.23 -0.22
CA VAL C 662 -33.36 -17.32 -0.54
C VAL C 662 -32.53 -16.77 0.61
N LYS C 663 -32.96 -15.64 1.19
CA LYS C 663 -32.20 -15.02 2.26
C LYS C 663 -32.22 -15.87 3.53
N ILE C 664 -33.38 -16.45 3.86
CA ILE C 664 -33.46 -17.37 5.00
C ILE C 664 -32.48 -18.51 4.81
N ILE C 665 -32.43 -19.09 3.61
CA ILE C 665 -31.53 -20.20 3.35
C ILE C 665 -30.08 -19.76 3.54
N ALA C 666 -29.71 -18.64 2.93
CA ALA C 666 -28.33 -18.17 3.04
C ALA C 666 -27.95 -17.95 4.49
N ASN C 667 -28.86 -17.42 5.30
CA ASN C 667 -28.56 -17.14 6.69
C ASN C 667 -28.42 -18.43 7.51
N ILE C 668 -29.24 -19.45 7.21
CA ILE C 668 -29.09 -20.73 7.87
C ILE C 668 -27.68 -21.28 7.62
N ILE C 669 -27.26 -21.32 6.35
CA ILE C 669 -25.95 -21.86 6.02
CA ILE C 669 -25.95 -21.88 6.04
C ILE C 669 -24.85 -21.01 6.63
N LYS C 670 -25.01 -19.69 6.59
CA LYS C 670 -24.01 -18.82 7.22
C LYS C 670 -23.88 -19.11 8.70
N THR C 671 -24.98 -19.46 9.37
CA THR C 671 -24.89 -19.84 10.78
C THR C 671 -24.07 -21.11 10.95
N ASN C 672 -24.29 -22.10 10.07
CA ASN C 672 -23.50 -23.32 10.13
C ASN C 672 -22.02 -23.04 9.91
N VAL C 673 -21.72 -22.12 9.00
CA VAL C 673 -20.32 -21.78 8.74
C VAL C 673 -19.70 -21.15 9.99
N ALA C 674 -20.42 -20.22 10.61
CA ALA C 674 -19.89 -19.55 11.80
C ALA C 674 -19.57 -20.56 12.90
N VAL C 675 -20.50 -21.47 13.18
CA VAL C 675 -20.27 -22.47 14.22
C VAL C 675 -19.15 -23.41 13.80
N CYS C 676 -19.16 -23.84 12.53
CA CYS C 676 -18.09 -24.72 12.06
C CYS C 676 -16.73 -24.04 12.14
N THR C 677 -16.69 -22.72 12.00
CA THR C 677 -15.43 -22.01 12.07
C THR C 677 -14.77 -22.17 13.44
N SER C 678 -15.56 -22.09 14.51
CA SER C 678 -15.02 -22.19 15.86
C SER C 678 -14.90 -23.63 16.36
N MET C 679 -15.67 -24.56 15.79
CA MET C 679 -15.69 -25.93 16.29
C MET C 679 -14.85 -26.89 15.45
N GLY C 680 -14.63 -26.59 14.17
CA GLY C 680 -13.79 -27.42 13.32
C GLY C 680 -14.16 -28.89 13.31
N ALA C 681 -13.23 -29.74 13.76
CA ALA C 681 -13.46 -31.18 13.70
C ALA C 681 -14.69 -31.58 14.51
N ASP C 682 -15.00 -30.86 15.58
CA ASP C 682 -16.16 -31.20 16.40
C ASP C 682 -17.49 -30.94 15.69
N PHE C 683 -17.48 -30.19 14.59
CA PHE C 683 -18.71 -29.85 13.89
C PHE C 683 -19.32 -31.03 13.13
N TYR C 684 -18.57 -32.11 12.97
CA TYR C 684 -18.99 -33.20 12.09
C TYR C 684 -20.41 -33.69 12.35
N PRO C 685 -20.87 -33.91 13.58
CA PRO C 685 -22.25 -34.40 13.75
C PRO C 685 -23.29 -33.45 13.17
N GLN C 686 -23.11 -32.14 13.34
CA GLN C 686 -24.03 -31.19 12.73
C GLN C 686 -23.94 -31.22 11.21
N LEU C 687 -22.72 -31.31 10.67
CA LEU C 687 -22.59 -31.43 9.22
C LEU C 687 -23.36 -32.64 8.70
N GLY C 688 -23.31 -33.75 9.42
CA GLY C 688 -24.03 -34.94 9.00
C GLY C 688 -25.54 -34.76 9.02
N HIS C 689 -26.05 -33.89 9.89
CA HIS C 689 -27.48 -33.68 9.95
C HIS C 689 -28.02 -33.05 8.66
N ILE C 690 -27.22 -32.19 8.02
CA ILE C 690 -27.69 -31.42 6.87
C ILE C 690 -27.03 -31.84 5.56
N TYR C 691 -26.01 -32.69 5.60
CA TYR C 691 -25.10 -32.80 4.46
C TYR C 691 -25.83 -33.19 3.19
N TYR C 692 -26.57 -34.30 3.21
CA TYR C 692 -27.12 -34.83 1.97
C TYR C 692 -28.22 -33.93 1.41
N ASN C 693 -29.04 -33.35 2.28
CA ASN C 693 -30.06 -32.41 1.80
C ASN C 693 -29.43 -31.11 1.33
N MET C 694 -28.28 -30.72 1.90
CA MET C 694 -27.62 -29.50 1.48
C MET C 694 -27.11 -29.61 0.05
N LEU C 695 -26.52 -30.75 -0.31
CA LEU C 695 -26.04 -30.93 -1.67
C LEU C 695 -27.19 -31.05 -2.65
N GLN C 696 -28.31 -31.64 -2.23
CA GLN C 696 -29.51 -31.59 -3.06
C GLN C 696 -29.95 -30.16 -3.31
N LEU C 697 -29.94 -29.33 -2.26
CA LEU C 697 -30.26 -27.92 -2.43
C LEU C 697 -29.28 -27.27 -3.40
N TYR C 698 -27.99 -27.59 -3.29
CA TYR C 698 -27.00 -27.09 -4.22
C TYR C 698 -27.39 -27.42 -5.67
N ARG C 699 -27.84 -28.65 -5.91
CA ARG C 699 -28.24 -29.04 -7.25
C ARG C 699 -29.45 -28.24 -7.71
N ALA C 700 -30.43 -28.07 -6.84
CA ALA C 700 -31.66 -27.37 -7.22
C ALA C 700 -31.36 -25.92 -7.57
N VAL C 701 -30.63 -25.22 -6.69
N VAL C 701 -30.66 -25.21 -6.67
CA VAL C 701 -30.32 -23.81 -6.97
CA VAL C 701 -30.28 -23.83 -6.93
C VAL C 701 -29.50 -23.68 -8.25
C VAL C 701 -29.54 -23.72 -8.26
N SER C 702 -28.63 -24.66 -8.51
CA SER C 702 -27.85 -24.62 -9.75
C SER C 702 -28.76 -24.65 -10.97
N SER C 703 -29.78 -25.53 -10.95
CA SER C 703 -30.71 -25.60 -12.08
C SER C 703 -31.47 -24.29 -12.26
N MET C 704 -31.78 -23.61 -11.16
CA MET C 704 -32.53 -22.35 -11.25
C MET C 704 -31.68 -21.24 -11.86
N ILE C 705 -30.39 -21.20 -11.51
CA ILE C 705 -29.49 -20.23 -12.12
C ILE C 705 -29.42 -20.45 -13.63
N SER C 706 -29.24 -21.71 -14.03
CA SER C 706 -29.16 -22.04 -15.45
C SER C 706 -30.45 -21.66 -16.16
N ALA C 707 -31.60 -22.00 -15.57
CA ALA C 707 -32.88 -21.66 -16.18
C ALA C 707 -33.03 -20.15 -16.34
N GLN C 708 -32.62 -19.38 -15.33
CA GLN C 708 -32.70 -17.93 -15.43
C GLN C 708 -31.80 -17.41 -16.55
N VAL C 709 -30.58 -17.94 -16.65
CA VAL C 709 -29.66 -17.48 -17.68
C VAL C 709 -30.19 -17.85 -19.06
N ALA C 710 -30.81 -19.02 -19.20
CA ALA C 710 -31.41 -19.40 -20.47
C ALA C 710 -32.55 -18.46 -20.84
N ALA C 711 -33.38 -18.09 -19.87
CA ALA C 711 -34.58 -17.31 -20.16
C ALA C 711 -34.30 -15.81 -20.29
N GLU C 712 -33.26 -15.30 -19.63
CA GLU C 712 -33.01 -13.87 -19.56
C GLU C 712 -31.71 -13.44 -20.22
N GLY C 713 -30.76 -14.35 -20.44
CA GLY C 713 -29.45 -13.98 -20.95
C GLY C 713 -28.43 -13.84 -19.84
N LEU C 714 -27.19 -13.57 -20.25
CA LEU C 714 -26.11 -13.42 -19.29
C LEU C 714 -26.40 -12.34 -18.26
N ILE C 715 -27.19 -11.32 -18.64
CA ILE C 715 -27.51 -10.25 -17.69
C ILE C 715 -28.15 -10.81 -16.43
N ALA C 716 -28.77 -11.98 -16.53
CA ALA C 716 -29.37 -12.61 -15.36
C ALA C 716 -28.39 -12.73 -14.20
N THR C 717 -27.10 -12.92 -14.48
CA THR C 717 -26.11 -13.11 -13.42
C THR C 717 -25.92 -11.85 -12.59
N LYS C 718 -26.46 -10.71 -13.01
CA LYS C 718 -26.34 -9.46 -12.27
C LYS C 718 -27.56 -9.15 -11.42
N THR C 719 -28.66 -9.89 -11.60
CA THR C 719 -29.90 -9.59 -10.90
C THR C 719 -29.81 -10.02 -9.44
N PRO C 720 -30.54 -9.36 -8.54
CA PRO C 720 -30.57 -9.81 -7.13
C PRO C 720 -31.02 -11.25 -7.00
N LYS C 721 -31.95 -11.68 -7.86
CA LYS C 721 -32.47 -13.04 -7.80
C LYS C 721 -31.33 -14.06 -7.91
N VAL C 722 -30.56 -13.98 -8.99
CA VAL C 722 -29.51 -14.96 -9.24
C VAL C 722 -28.35 -14.77 -8.27
N ARG C 723 -28.01 -13.52 -7.95
CA ARG C 723 -26.96 -13.29 -6.97
C ARG C 723 -27.35 -13.87 -5.61
N GLY C 724 -28.64 -13.82 -5.27
CA GLY C 724 -29.11 -14.50 -4.08
C GLY C 724 -28.93 -16.00 -4.17
N LEU C 725 -29.26 -16.58 -5.33
CA LEU C 725 -29.11 -18.02 -5.52
C LEU C 725 -27.65 -18.45 -5.47
N ARG C 726 -26.77 -17.66 -6.07
CA ARG C 726 -25.35 -18.02 -6.06
C ARG C 726 -24.73 -17.84 -4.68
N THR C 727 -25.26 -16.92 -3.87
CA THR C 727 -24.82 -16.82 -2.49
C THR C 727 -25.01 -18.15 -1.76
N ILE C 728 -26.14 -18.82 -1.99
CA ILE C 728 -26.37 -20.12 -1.38
C ILE C 728 -25.27 -21.10 -1.78
N LYS C 729 -24.98 -21.19 -3.08
CA LYS C 729 -23.95 -22.10 -3.56
C LYS C 729 -22.61 -21.80 -2.91
N LYS C 730 -22.22 -20.53 -2.89
CA LYS C 730 -20.91 -20.15 -2.34
C LYS C 730 -20.81 -20.49 -0.87
N GLU C 731 -21.88 -20.25 -0.11
CA GLU C 731 -21.84 -20.53 1.33
C GLU C 731 -21.79 -22.02 1.60
N ILE C 732 -22.48 -22.82 0.78
CA ILE C 732 -22.37 -24.27 0.91
C ILE C 732 -20.94 -24.74 0.69
N LEU C 733 -20.29 -24.22 -0.36
CA LEU C 733 -18.91 -24.57 -0.62
C LEU C 733 -18.01 -24.12 0.51
N LYS C 734 -18.27 -22.94 1.08
CA LYS C 734 -17.46 -22.44 2.19
C LYS C 734 -17.64 -23.31 3.43
N LEU C 735 -18.87 -23.75 3.70
CA LEU C 735 -19.10 -24.65 4.83
C LEU C 735 -18.29 -25.93 4.67
N VAL C 736 -18.41 -26.57 3.50
CA VAL C 736 -17.67 -27.81 3.24
C VAL C 736 -16.17 -27.56 3.33
N GLU C 737 -15.71 -26.46 2.73
CA GLU C 737 -14.28 -26.13 2.79
C GLU C 737 -13.83 -25.91 4.22
N THR C 738 -14.64 -25.19 5.01
CA THR C 738 -14.25 -24.91 6.39
C THR C 738 -14.09 -26.19 7.18
N TYR C 739 -15.03 -27.13 7.03
CA TYR C 739 -14.93 -28.36 7.82
C TYR C 739 -13.74 -29.21 7.38
N ILE C 740 -13.60 -29.41 6.06
CA ILE C 740 -12.58 -30.34 5.58
C ILE C 740 -11.19 -29.84 5.94
N SER C 741 -10.99 -28.53 5.93
CA SER C 741 -9.68 -27.97 6.25
C SER C 741 -9.30 -28.19 7.72
N LYS C 742 -10.28 -28.51 8.58
CA LYS C 742 -10.02 -28.74 9.99
C LYS C 742 -10.32 -30.17 10.43
N ALA C 743 -10.82 -31.02 9.54
CA ALA C 743 -11.23 -32.35 9.96
C ALA C 743 -10.04 -33.15 10.49
N ARG C 744 -10.32 -33.99 11.49
CA ARG C 744 -9.33 -34.91 12.03
C ARG C 744 -9.56 -36.35 11.60
N ASN C 745 -10.77 -36.70 11.16
CA ASN C 745 -11.07 -38.03 10.65
C ASN C 745 -11.13 -37.93 9.13
N LEU C 746 -10.00 -38.21 8.48
CA LEU C 746 -9.94 -38.15 7.03
C LEU C 746 -10.56 -39.36 6.36
N ASP C 747 -10.66 -40.49 7.06
CA ASP C 747 -11.38 -41.63 6.51
C ASP C 747 -12.84 -41.27 6.26
N ASP C 748 -13.46 -40.53 7.18
CA ASP C 748 -14.85 -40.13 6.99
C ASP C 748 -14.97 -39.08 5.89
N VAL C 749 -14.02 -38.14 5.83
CA VAL C 749 -13.99 -37.20 4.72
C VAL C 749 -14.03 -37.95 3.40
N VAL C 750 -13.17 -38.96 3.28
CA VAL C 750 -13.04 -39.69 2.02
C VAL C 750 -14.26 -40.56 1.75
N LYS C 751 -14.74 -41.28 2.78
CA LYS C 751 -15.78 -42.28 2.56
C LYS C 751 -17.18 -41.67 2.49
N VAL C 752 -17.41 -40.54 3.13
CA VAL C 752 -18.76 -39.99 3.29
C VAL C 752 -18.93 -38.67 2.53
N LEU C 753 -17.97 -37.76 2.66
CA LEU C 753 -18.16 -36.40 2.13
C LEU C 753 -17.78 -36.25 0.66
N VAL C 754 -16.64 -36.81 0.25
CA VAL C 754 -16.01 -36.37 -1.00
C VAL C 754 -16.88 -36.77 -2.21
N GLU C 755 -17.40 -38.00 -2.23
CA GLU C 755 -18.07 -38.47 -3.44
C GLU C 755 -19.36 -37.71 -3.71
N PRO C 756 -20.28 -37.55 -2.75
CA PRO C 756 -21.45 -36.71 -3.01
C PRO C 756 -21.07 -35.29 -3.41
N LEU C 757 -19.98 -34.75 -2.86
CA LEU C 757 -19.58 -33.38 -3.17
C LEU C 757 -19.15 -33.26 -4.62
N LEU C 758 -18.26 -34.14 -5.07
CA LEU C 758 -17.78 -34.05 -6.45
C LEU C 758 -18.92 -34.25 -7.44
N ASN C 759 -19.83 -35.17 -7.15
N ASN C 759 -19.85 -35.15 -7.12
CA ASN C 759 -20.98 -35.36 -8.03
CA ASN C 759 -20.99 -35.39 -7.99
C ASN C 759 -21.85 -34.12 -8.08
C ASN C 759 -21.98 -34.24 -8.00
N ALA C 760 -21.95 -33.38 -6.97
CA ALA C 760 -22.82 -32.22 -6.93
C ALA C 760 -22.22 -31.00 -7.64
N VAL C 761 -20.90 -30.84 -7.64
CA VAL C 761 -20.29 -29.58 -8.05
C VAL C 761 -19.57 -29.66 -9.40
N LEU C 762 -18.93 -30.79 -9.73
CA LEU C 762 -17.98 -30.78 -10.84
C LEU C 762 -18.68 -30.63 -12.18
N GLU C 763 -19.69 -31.48 -12.45
CA GLU C 763 -20.37 -31.41 -13.74
C GLU C 763 -21.11 -30.10 -13.91
N ASP C 764 -21.76 -29.62 -12.84
CA ASP C 764 -22.43 -28.32 -12.88
C ASP C 764 -21.45 -27.22 -13.32
N TYR C 765 -20.24 -27.24 -12.78
CA TYR C 765 -19.23 -26.25 -13.15
C TYR C 765 -18.86 -26.40 -14.63
N MET C 766 -18.53 -27.62 -15.05
CA MET C 766 -18.09 -27.85 -16.43
C MET C 766 -19.13 -27.38 -17.44
N ASN C 767 -20.41 -27.62 -17.17
CA ASN C 767 -21.45 -27.47 -18.18
C ASN C 767 -22.24 -26.17 -18.03
N ASN C 768 -21.85 -25.28 -17.11
CA ASN C 768 -22.37 -23.92 -17.10
C ASN C 768 -21.56 -23.06 -18.07
N VAL C 769 -22.18 -21.98 -18.55
CA VAL C 769 -21.45 -21.05 -19.40
C VAL C 769 -20.42 -20.32 -18.55
N PRO C 770 -19.37 -19.75 -19.14
CA PRO C 770 -18.30 -19.14 -18.32
C PRO C 770 -18.79 -18.16 -17.27
N ASP C 771 -19.70 -17.25 -17.62
CA ASP C 771 -20.15 -16.23 -16.67
C ASP C 771 -20.95 -16.79 -15.51
N ALA C 772 -21.32 -18.07 -15.53
CA ALA C 772 -22.10 -18.68 -14.45
C ALA C 772 -21.29 -19.66 -13.60
N ARG C 773 -20.02 -19.87 -13.93
CA ARG C 773 -19.18 -20.76 -13.11
C ARG C 773 -18.68 -20.02 -11.88
N ASP C 774 -18.74 -20.69 -10.73
CA ASP C 774 -18.31 -20.11 -9.46
C ASP C 774 -16.86 -20.46 -9.20
N ALA C 775 -16.01 -19.45 -9.10
CA ALA C 775 -14.61 -19.69 -8.79
C ALA C 775 -14.43 -20.37 -7.44
N GLU C 776 -15.40 -20.22 -6.53
CA GLU C 776 -15.34 -20.90 -5.24
C GLU C 776 -15.29 -22.41 -5.38
N VAL C 777 -15.81 -22.97 -6.49
CA VAL C 777 -15.67 -24.41 -6.72
C VAL C 777 -14.20 -24.79 -6.76
N LEU C 778 -13.39 -24.01 -7.48
CA LEU C 778 -11.96 -24.28 -7.55
C LEU C 778 -11.33 -24.20 -6.16
N ASN C 779 -11.67 -23.17 -5.40
CA ASN C 779 -11.11 -23.02 -4.05
C ASN C 779 -11.47 -24.21 -3.18
N CYS C 780 -12.74 -24.63 -3.21
CA CYS C 780 -13.15 -25.80 -2.45
C CYS C 780 -12.35 -27.03 -2.86
N MET C 781 -12.20 -27.25 -4.17
CA MET C 781 -11.43 -28.40 -4.63
C MET C 781 -9.99 -28.33 -4.16
N THR C 782 -9.42 -27.13 -4.10
CA THR C 782 -8.05 -26.99 -3.63
C THR C 782 -7.90 -27.53 -2.21
N THR C 783 -8.87 -27.25 -1.35
CA THR C 783 -8.83 -27.74 0.02
C THR C 783 -9.00 -29.26 0.06
N VAL C 784 -9.94 -29.80 -0.73
CA VAL C 784 -10.12 -31.24 -0.80
C VAL C 784 -8.81 -31.92 -1.17
N VAL C 785 -8.15 -31.45 -2.22
CA VAL C 785 -6.89 -32.06 -2.65
C VAL C 785 -5.85 -31.94 -1.55
N GLU C 786 -5.75 -30.75 -0.94
CA GLU C 786 -4.77 -30.51 0.12
C GLU C 786 -4.88 -31.57 1.22
N LYS C 787 -6.09 -31.82 1.71
CA LYS C 787 -6.24 -32.64 2.91
C LYS C 787 -6.24 -34.12 2.61
N VAL C 788 -6.84 -34.54 1.49
CA VAL C 788 -7.06 -35.96 1.25
C VAL C 788 -6.71 -36.33 -0.18
N GLY C 789 -6.02 -35.43 -0.89
CA GLY C 789 -5.63 -35.74 -2.26
C GLY C 789 -4.91 -37.08 -2.37
N HIS C 790 -3.98 -37.34 -1.46
CA HIS C 790 -3.24 -38.60 -1.48
C HIS C 790 -4.15 -39.82 -1.39
N MET C 791 -5.38 -39.67 -0.91
CA MET C 791 -6.27 -40.81 -0.70
C MET C 791 -7.31 -40.98 -1.80
N ILE C 792 -7.40 -40.05 -2.76
CA ILE C 792 -8.47 -40.08 -3.75
C ILE C 792 -7.90 -39.83 -5.14
N PRO C 793 -6.98 -40.65 -5.63
CA PRO C 793 -6.38 -40.39 -6.95
C PRO C 793 -7.39 -40.29 -8.08
N GLN C 794 -8.38 -41.19 -8.14
CA GLN C 794 -9.39 -41.09 -9.18
C GLN C 794 -10.23 -39.83 -9.01
N GLY C 795 -10.42 -39.39 -7.77
CA GLY C 795 -11.13 -38.13 -7.56
C GLY C 795 -10.38 -36.94 -8.09
N VAL C 796 -9.06 -36.90 -7.89
CA VAL C 796 -8.25 -35.82 -8.43
C VAL C 796 -8.32 -35.82 -9.96
N ILE C 797 -8.19 -37.00 -10.57
CA ILE C 797 -8.32 -37.11 -12.02
C ILE C 797 -9.66 -36.52 -12.45
N LEU C 798 -10.73 -36.83 -11.71
CA LEU C 798 -12.04 -36.32 -12.06
C LEU C 798 -12.10 -34.79 -11.93
N ILE C 799 -11.45 -34.24 -10.91
CA ILE C 799 -11.41 -32.79 -10.76
C ILE C 799 -10.77 -32.15 -11.98
N LEU C 800 -9.59 -32.63 -12.37
CA LEU C 800 -8.89 -32.07 -13.52
C LEU C 800 -9.74 -32.12 -14.77
N GLN C 801 -10.36 -33.27 -15.04
CA GLN C 801 -11.17 -33.40 -16.25
C GLN C 801 -12.31 -32.41 -16.29
N SER C 802 -12.87 -32.07 -15.12
CA SER C 802 -14.06 -31.23 -15.08
C SER C 802 -13.76 -29.74 -15.12
N VAL C 803 -12.59 -29.30 -14.63
CA VAL C 803 -12.31 -27.88 -14.48
C VAL C 803 -11.11 -27.40 -15.27
N PHE C 804 -10.21 -28.27 -15.72
CA PHE C 804 -8.92 -27.82 -16.24
C PHE C 804 -9.07 -27.09 -17.57
N GLU C 805 -9.53 -27.80 -18.62
CA GLU C 805 -9.56 -27.20 -19.95
C GLU C 805 -10.57 -26.05 -20.03
N CYS C 806 -11.75 -26.21 -19.44
CA CYS C 806 -12.77 -25.17 -19.58
C CYS C 806 -12.38 -23.90 -18.81
N THR C 807 -11.70 -24.04 -17.66
CA THR C 807 -11.22 -22.85 -16.96
C THR C 807 -10.08 -22.20 -17.71
N LEU C 808 -9.13 -23.00 -18.20
CA LEU C 808 -7.99 -22.46 -18.95
C LEU C 808 -8.49 -21.60 -20.12
N ASP C 809 -9.49 -22.08 -20.85
CA ASP C 809 -10.00 -21.35 -22.00
C ASP C 809 -10.66 -20.04 -21.58
N MET C 810 -11.09 -19.92 -20.32
CA MET C 810 -11.62 -18.64 -19.84
C MET C 810 -10.53 -17.61 -19.66
N ILE C 811 -9.32 -18.03 -19.29
CA ILE C 811 -8.30 -17.12 -18.77
C ILE C 811 -7.11 -16.96 -19.71
N ASN C 812 -7.14 -17.57 -20.90
CA ASN C 812 -5.97 -17.57 -21.77
C ASN C 812 -6.15 -16.71 -23.02
N LYS C 813 -7.05 -15.73 -22.98
CA LYS C 813 -7.20 -14.76 -24.06
C LYS C 813 -6.72 -13.37 -23.68
N ASP C 814 -6.43 -13.15 -22.40
CA ASP C 814 -5.91 -11.89 -21.88
C ASP C 814 -5.60 -12.13 -20.41
N PHE C 815 -5.10 -11.09 -19.74
CA PHE C 815 -4.71 -11.21 -18.35
C PHE C 815 -5.75 -10.63 -17.39
N THR C 816 -6.87 -10.12 -17.89
CA THR C 816 -7.84 -9.39 -17.07
C THR C 816 -9.11 -10.16 -16.77
N GLU C 817 -9.69 -10.86 -17.72
CA GLU C 817 -11.00 -11.47 -17.51
C GLU C 817 -10.93 -12.54 -16.42
N TYR C 818 -12.05 -12.70 -15.72
CA TYR C 818 -12.20 -13.73 -14.69
C TYR C 818 -11.02 -13.73 -13.71
N PRO C 819 -10.78 -12.62 -13.02
CA PRO C 819 -9.61 -12.55 -12.13
C PRO C 819 -9.59 -13.60 -11.03
N GLU C 820 -10.74 -13.89 -10.41
CA GLU C 820 -10.74 -14.87 -9.32
C GLU C 820 -10.49 -16.27 -9.85
N HIS C 821 -11.11 -16.63 -10.99
CA HIS C 821 -10.87 -17.95 -11.57
C HIS C 821 -9.39 -18.15 -11.86
N ARG C 822 -8.74 -17.11 -12.39
CA ARG C 822 -7.29 -17.13 -12.60
C ARG C 822 -6.56 -17.56 -11.33
N VAL C 823 -6.76 -16.83 -10.24
CA VAL C 823 -6.02 -17.07 -9.01
C VAL C 823 -6.26 -18.48 -8.51
N GLU C 824 -7.54 -18.86 -8.36
CA GLU C 824 -7.87 -20.16 -7.80
C GLU C 824 -7.43 -21.29 -8.72
N PHE C 825 -7.45 -21.06 -10.03
CA PHE C 825 -7.03 -22.08 -11.01
C PHE C 825 -5.60 -22.53 -10.75
N TYR C 826 -4.68 -21.59 -10.54
CA TYR C 826 -3.28 -21.94 -10.37
C TYR C 826 -2.98 -22.43 -8.95
N LYS C 827 -3.75 -21.98 -7.96
CA LYS C 827 -3.66 -22.60 -6.65
C LYS C 827 -4.07 -24.06 -6.71
N LEU C 828 -5.10 -24.38 -7.52
CA LEU C 828 -5.54 -25.76 -7.65
C LEU C 828 -4.48 -26.61 -8.34
N LEU C 829 -3.96 -26.14 -9.48
CA LEU C 829 -2.92 -26.88 -10.17
C LEU C 829 -1.70 -27.06 -9.29
N LYS C 830 -1.32 -26.04 -8.52
CA LYS C 830 -0.16 -26.17 -7.65
C LYS C 830 -0.34 -27.31 -6.66
N VAL C 831 -1.48 -27.36 -5.97
CA VAL C 831 -1.67 -28.38 -4.94
C VAL C 831 -1.74 -29.76 -5.58
N ILE C 832 -2.41 -29.88 -6.74
CA ILE C 832 -2.45 -31.17 -7.42
C ILE C 832 -1.03 -31.60 -7.81
N ASN C 833 -0.22 -30.64 -8.25
CA ASN C 833 1.16 -30.97 -8.62
C ASN C 833 1.97 -31.40 -7.42
N GLU C 834 1.62 -30.91 -6.23
CA GLU C 834 2.31 -31.32 -5.01
C GLU C 834 1.84 -32.69 -4.53
N LYS C 835 0.53 -32.87 -4.44
CA LYS C 835 -0.06 -33.99 -3.70
C LYS C 835 -0.38 -35.20 -4.56
N SER C 836 -0.72 -35.02 -5.83
CA SER C 836 -1.14 -36.12 -6.68
CA SER C 836 -1.17 -36.10 -6.68
C SER C 836 -0.64 -35.89 -8.10
N PHE C 837 0.70 -35.83 -8.23
CA PHE C 837 1.31 -35.64 -9.54
C PHE C 837 0.92 -36.75 -10.51
N ALA C 838 0.56 -37.92 -10.00
CA ALA C 838 0.15 -39.02 -10.87
C ALA C 838 -0.98 -38.60 -11.80
N ALA C 839 -1.82 -37.66 -11.36
CA ALA C 839 -2.98 -37.27 -12.15
C ALA C 839 -2.57 -36.57 -13.44
N PHE C 840 -1.46 -35.83 -13.43
CA PHE C 840 -0.97 -35.22 -14.66
C PHE C 840 -0.36 -36.26 -15.59
N LEU C 841 0.19 -37.35 -15.03
CA LEU C 841 0.73 -38.40 -15.88
C LEU C 841 -0.36 -39.10 -16.68
N GLU C 842 -1.59 -39.14 -16.15
CA GLU C 842 -2.69 -39.78 -16.84
C GLU C 842 -3.30 -38.89 -17.92
N LEU C 843 -2.96 -37.60 -17.93
CA LEU C 843 -3.48 -36.72 -18.97
C LEU C 843 -3.03 -37.22 -20.34
N PRO C 844 -3.90 -37.21 -21.34
CA PRO C 844 -3.45 -37.50 -22.69
C PRO C 844 -2.44 -36.46 -23.15
N PRO C 845 -1.51 -36.82 -24.04
CA PRO C 845 -0.41 -35.90 -24.37
C PRO C 845 -0.85 -34.49 -24.73
N ALA C 846 -1.96 -34.34 -25.45
CA ALA C 846 -2.42 -32.99 -25.81
C ALA C 846 -2.85 -32.20 -24.59
N ALA C 847 -3.34 -32.88 -23.55
CA ALA C 847 -3.74 -32.19 -22.33
C ALA C 847 -2.53 -31.84 -21.46
N PHE C 848 -1.55 -32.74 -21.38
CA PHE C 848 -0.32 -32.40 -20.67
C PHE C 848 0.38 -31.21 -21.32
N LYS C 849 0.25 -31.06 -22.65
CA LYS C 849 0.86 -29.91 -23.30
C LYS C 849 0.14 -28.62 -22.94
N LEU C 850 -1.19 -28.66 -22.83
CA LEU C 850 -1.92 -27.48 -22.36
C LEU C 850 -1.49 -27.12 -20.94
N PHE C 851 -1.19 -28.12 -20.13
CA PHE C 851 -0.72 -27.88 -18.77
C PHE C 851 0.60 -27.11 -18.78
N VAL C 852 1.54 -27.53 -19.64
CA VAL C 852 2.79 -26.79 -19.79
C VAL C 852 2.51 -25.37 -20.28
N ASP C 853 1.63 -25.25 -21.28
CA ASP C 853 1.24 -23.92 -21.76
C ASP C 853 0.68 -23.07 -20.63
N ALA C 854 -0.16 -23.66 -19.78
CA ALA C 854 -0.79 -22.90 -18.72
C ALA C 854 0.24 -22.38 -17.72
N ILE C 855 1.27 -23.17 -17.44
CA ILE C 855 2.32 -22.74 -16.53
C ILE C 855 3.06 -21.53 -17.10
N CYS C 856 3.56 -21.65 -18.34
CA CYS C 856 4.25 -20.54 -18.97
C CYS C 856 3.37 -19.31 -19.04
N TRP C 857 2.09 -19.50 -19.35
CA TRP C 857 1.14 -18.39 -19.35
C TRP C 857 1.13 -17.68 -17.99
N ALA C 858 1.21 -18.44 -16.91
CA ALA C 858 1.30 -17.85 -15.58
C ALA C 858 2.57 -17.00 -15.44
N PHE C 859 3.70 -17.48 -15.97
CA PHE C 859 4.93 -16.67 -15.94
C PHE C 859 4.66 -15.25 -16.38
N LYS C 860 3.89 -15.09 -17.45
CA LYS C 860 3.77 -13.81 -18.15
C LYS C 860 2.80 -12.86 -17.48
N HIS C 861 2.15 -13.28 -16.40
CA HIS C 861 1.26 -12.37 -15.68
C HIS C 861 2.07 -11.37 -14.88
N ASN C 862 1.53 -10.15 -14.79
CA ASN C 862 2.08 -9.15 -13.88
C ASN C 862 1.49 -9.26 -12.47
N ASN C 863 0.38 -9.99 -12.32
CA ASN C 863 -0.24 -10.18 -11.02
C ASN C 863 0.57 -11.17 -10.20
N ARG C 864 1.06 -10.71 -9.04
CA ARG C 864 1.87 -11.57 -8.18
C ARG C 864 1.15 -12.86 -7.84
N ASP C 865 -0.16 -12.79 -7.57
CA ASP C 865 -0.90 -13.98 -7.18
C ASP C 865 -0.70 -15.11 -8.16
N VAL C 866 -0.73 -14.82 -9.46
CA VAL C 866 -0.59 -15.84 -10.49
C VAL C 866 0.88 -16.15 -10.75
N GLU C 867 1.68 -15.10 -10.91
CA GLU C 867 3.08 -15.29 -11.33
C GLU C 867 3.82 -16.20 -10.35
N VAL C 868 3.67 -15.95 -9.06
CA VAL C 868 4.45 -16.71 -8.06
C VAL C 868 4.08 -18.18 -8.12
N ASN C 869 2.79 -18.49 -8.17
CA ASN C 869 2.37 -19.89 -8.28
C ASN C 869 2.82 -20.49 -9.61
N GLY C 870 2.81 -19.69 -10.67
CA GLY C 870 3.27 -20.20 -11.96
C GLY C 870 4.72 -20.63 -11.92
N LEU C 871 5.58 -19.79 -11.34
CA LEU C 871 6.99 -20.15 -11.23
C LEU C 871 7.20 -21.31 -10.26
N GLN C 872 6.37 -21.41 -9.21
CA GLN C 872 6.51 -22.50 -8.27
C GLN C 872 6.02 -23.82 -8.86
N ILE C 873 4.94 -23.79 -9.63
CA ILE C 873 4.48 -25.00 -10.33
C ILE C 873 5.58 -25.52 -11.24
N ALA C 874 6.20 -24.62 -12.02
CA ALA C 874 7.26 -25.01 -12.93
C ALA C 874 8.40 -25.68 -12.17
N LEU C 875 8.83 -25.07 -11.07
CA LEU C 875 9.92 -25.64 -10.27
C LEU C 875 9.53 -27.00 -9.71
N ASP C 876 8.33 -27.11 -9.15
CA ASP C 876 7.87 -28.38 -8.59
C ASP C 876 7.74 -29.45 -9.67
N LEU C 877 7.25 -29.07 -10.85
CA LEU C 877 7.13 -30.03 -11.95
C LEU C 877 8.48 -30.63 -12.30
N VAL C 878 9.50 -29.79 -12.47
CA VAL C 878 10.83 -30.27 -12.79
C VAL C 878 11.30 -31.26 -11.72
N LYS C 879 11.09 -30.93 -10.46
CA LYS C 879 11.46 -31.85 -9.38
C LYS C 879 10.68 -33.14 -9.48
N ASN C 880 9.39 -33.07 -9.87
CA ASN C 880 8.59 -34.28 -10.04
C ASN C 880 9.14 -35.13 -11.17
N ILE C 881 9.47 -34.51 -12.31
CA ILE C 881 10.04 -35.26 -13.42
C ILE C 881 11.37 -35.88 -13.02
N GLU C 882 12.21 -35.08 -12.35
CA GLU C 882 13.52 -35.57 -11.94
C GLU C 882 13.39 -36.83 -11.06
N ARG C 883 12.43 -36.81 -10.13
CA ARG C 883 12.27 -37.94 -9.21
C ARG C 883 12.00 -39.24 -9.96
N MET C 884 11.30 -39.17 -11.10
CA MET C 884 10.93 -40.38 -11.82
C MET C 884 12.12 -41.17 -12.33
N GLY C 885 13.32 -40.58 -12.31
CA GLY C 885 14.48 -41.29 -12.80
C GLY C 885 14.48 -41.41 -14.32
N ASN C 886 15.31 -42.33 -14.81
CA ASN C 886 15.49 -42.54 -16.24
C ASN C 886 14.40 -43.49 -16.74
N VAL C 887 13.21 -42.92 -16.93
CA VAL C 887 12.09 -43.66 -17.50
C VAL C 887 11.56 -42.90 -18.71
N PRO C 888 10.70 -43.50 -19.53
CA PRO C 888 10.34 -42.84 -20.80
C PRO C 888 9.57 -41.54 -20.64
N PHE C 889 8.67 -41.43 -19.66
CA PHE C 889 7.91 -40.19 -19.52
C PHE C 889 8.83 -39.02 -19.20
N ALA C 890 9.81 -39.24 -18.31
CA ALA C 890 10.77 -38.18 -17.99
C ALA C 890 11.63 -37.84 -19.21
N ASN C 891 12.09 -38.86 -19.94
CA ASN C 891 12.87 -38.62 -21.14
C ASN C 891 12.09 -37.78 -22.14
N GLU C 892 10.87 -38.19 -22.46
CA GLU C 892 10.06 -37.45 -23.42
C GLU C 892 9.73 -36.05 -22.90
N PHE C 893 9.62 -35.89 -21.58
CA PHE C 893 9.33 -34.56 -21.04
C PHE C 893 10.46 -33.59 -21.39
N HIS C 894 11.71 -34.00 -21.18
CA HIS C 894 12.84 -33.13 -21.48
C HIS C 894 12.94 -32.88 -22.99
N LYS C 895 12.82 -33.95 -23.79
CA LYS C 895 12.81 -33.79 -25.24
C LYS C 895 11.77 -32.76 -25.67
N ASN C 896 10.59 -32.80 -25.04
CA ASN C 896 9.47 -31.97 -25.47
C ASN C 896 9.47 -30.58 -24.86
N TYR C 897 9.96 -30.41 -23.63
CA TYR C 897 9.66 -29.20 -22.87
C TYR C 897 10.84 -28.57 -22.15
N PHE C 898 12.01 -29.20 -22.13
CA PHE C 898 13.14 -28.58 -21.42
C PHE C 898 13.43 -27.19 -21.95
N PHE C 899 13.62 -27.07 -23.26
CA PHE C 899 14.01 -25.79 -23.85
C PHE C 899 12.85 -24.79 -23.91
N ILE C 900 11.60 -25.26 -23.90
CA ILE C 900 10.48 -24.36 -23.76
C ILE C 900 10.55 -23.65 -22.41
N PHE C 901 10.84 -24.40 -21.34
CA PHE C 901 10.92 -23.80 -20.02
C PHE C 901 12.14 -22.89 -19.89
N VAL C 902 13.28 -23.30 -20.43
CA VAL C 902 14.47 -22.45 -20.36
C VAL C 902 14.21 -21.12 -21.06
N SER C 903 13.68 -21.19 -22.29
CA SER C 903 13.52 -19.98 -23.08
C SER C 903 12.38 -19.11 -22.57
N GLU C 904 11.30 -19.70 -22.07
CA GLU C 904 10.22 -18.91 -21.49
C GLU C 904 10.69 -18.23 -20.21
N THR C 905 11.51 -18.90 -19.41
CA THR C 905 12.05 -18.28 -18.21
C THR C 905 13.00 -17.15 -18.57
N PHE C 906 13.84 -17.35 -19.59
CA PHE C 906 14.73 -16.28 -20.03
C PHE C 906 13.93 -15.08 -20.53
N PHE C 907 12.82 -15.33 -21.22
CA PHE C 907 12.04 -14.22 -21.79
C PHE C 907 11.53 -13.29 -20.69
N VAL C 908 10.93 -13.84 -19.64
CA VAL C 908 10.40 -12.98 -18.58
C VAL C 908 11.54 -12.38 -17.76
N LEU C 909 12.67 -13.08 -17.67
CA LEU C 909 13.82 -12.51 -16.97
C LEU C 909 14.31 -11.22 -17.63
N THR C 910 14.24 -11.15 -18.96
CA THR C 910 14.94 -10.11 -19.71
C THR C 910 14.02 -9.05 -20.32
N ASP C 911 12.70 -9.16 -20.17
CA ASP C 911 11.80 -8.26 -20.88
C ASP C 911 11.42 -7.01 -20.09
N SER C 912 11.88 -6.88 -18.85
CA SER C 912 11.70 -5.69 -18.02
C SER C 912 10.26 -5.48 -17.53
N ASP C 913 9.34 -6.39 -17.83
CA ASP C 913 7.96 -6.27 -17.36
C ASP C 913 7.61 -7.29 -16.29
N HIS C 914 8.58 -8.04 -15.78
CA HIS C 914 8.35 -9.04 -14.74
C HIS C 914 9.45 -8.98 -13.69
N LYS C 915 9.84 -7.77 -13.31
CA LYS C 915 10.92 -7.59 -12.34
C LYS C 915 10.61 -8.27 -11.01
N SER C 916 9.33 -8.32 -10.63
CA SER C 916 8.95 -8.81 -9.32
C SER C 916 9.26 -10.29 -9.12
N GLY C 917 9.35 -11.06 -10.20
CA GLY C 917 9.64 -12.48 -10.12
C GLY C 917 11.09 -12.84 -10.35
N PHE C 918 12.01 -11.88 -10.30
CA PHE C 918 13.40 -12.15 -10.65
C PHE C 918 13.96 -13.31 -9.84
N SER C 919 13.72 -13.31 -8.53
CA SER C 919 14.34 -14.31 -7.66
C SER C 919 13.88 -15.72 -8.00
N LYS C 920 12.58 -15.90 -8.24
CA LYS C 920 12.09 -17.24 -8.55
C LYS C 920 12.38 -17.64 -9.99
N GLN C 921 12.40 -16.68 -10.91
CA GLN C 921 12.88 -16.96 -12.27
C GLN C 921 14.32 -17.44 -12.24
N ALA C 922 15.17 -16.75 -11.48
CA ALA C 922 16.56 -17.15 -11.36
C ALA C 922 16.69 -18.55 -10.78
N LEU C 923 15.90 -18.85 -9.74
CA LEU C 923 15.95 -20.17 -9.12
C LEU C 923 15.57 -21.25 -10.13
N LEU C 924 14.46 -21.03 -10.85
CA LEU C 924 14.04 -21.99 -11.86
C LEU C 924 15.11 -22.16 -12.93
N LEU C 925 15.68 -21.06 -13.40
CA LEU C 925 16.68 -21.15 -14.46
C LEU C 925 17.91 -21.92 -13.98
N MET C 926 18.33 -21.69 -12.73
CA MET C 926 19.49 -22.38 -12.21
C MET C 926 19.22 -23.88 -12.07
N LYS C 927 18.00 -24.24 -11.68
CA LYS C 927 17.64 -25.66 -11.59
C LYS C 927 17.68 -26.32 -12.97
N LEU C 928 17.12 -25.65 -13.98
CA LEU C 928 17.14 -26.21 -15.33
C LEU C 928 18.56 -26.40 -15.84
N ILE C 929 19.40 -25.36 -15.69
CA ILE C 929 20.78 -25.45 -16.18
C ILE C 929 21.54 -26.52 -15.40
N SER C 930 21.28 -26.64 -14.10
CA SER C 930 22.02 -27.60 -13.29
C SER C 930 21.72 -29.04 -13.68
N LEU C 931 20.47 -29.31 -14.11
CA LEU C 931 20.14 -30.65 -14.60
C LEU C 931 21.13 -31.12 -15.66
N VAL C 932 21.44 -30.24 -16.61
CA VAL C 932 22.28 -30.63 -17.74
C VAL C 932 23.73 -30.79 -17.29
N TYR C 933 24.21 -29.88 -16.43
CA TYR C 933 25.60 -29.93 -16.01
C TYR C 933 25.84 -30.91 -14.87
N ASP C 934 24.80 -31.60 -14.41
CA ASP C 934 24.95 -32.80 -13.60
C ASP C 934 24.63 -34.06 -14.39
N ASN C 935 24.41 -33.93 -15.70
CA ASN C 935 24.00 -35.06 -16.55
C ASN C 935 22.82 -35.81 -15.93
N LYS C 936 21.89 -35.04 -15.36
CA LYS C 936 20.65 -35.61 -14.84
C LYS C 936 19.62 -35.85 -15.94
N ILE C 937 19.94 -35.53 -17.19
CA ILE C 937 19.07 -35.80 -18.33
C ILE C 937 19.72 -36.92 -19.12
N SER C 938 19.00 -38.03 -19.27
CA SER C 938 19.58 -39.27 -19.76
C SER C 938 19.61 -39.38 -21.28
N VAL C 939 18.87 -38.55 -21.99
CA VAL C 939 18.81 -38.64 -23.45
C VAL C 939 19.30 -37.33 -24.03
N PRO C 940 19.75 -37.34 -25.28
CA PRO C 940 20.10 -36.08 -25.95
C PRO C 940 18.88 -35.17 -26.10
N LEU C 941 19.10 -33.88 -25.86
CA LEU C 941 18.08 -32.87 -26.08
C LEU C 941 17.99 -32.43 -27.53
N TYR C 942 18.92 -32.87 -28.38
CA TYR C 942 18.94 -32.51 -29.79
C TYR C 942 18.42 -33.65 -30.64
N GLN C 943 18.30 -33.38 -31.94
CA GLN C 943 17.87 -34.37 -32.90
C GLN C 943 19.06 -35.19 -33.41
N GLU C 944 18.75 -36.33 -34.02
CA GLU C 944 19.77 -37.04 -34.80
C GLU C 944 20.47 -36.09 -35.76
N ALA C 945 19.69 -35.27 -36.46
CA ALA C 945 20.20 -34.51 -37.60
C ALA C 945 21.15 -33.40 -37.16
N GLU C 946 20.69 -32.53 -36.25
CA GLU C 946 21.26 -31.19 -36.13
C GLU C 946 22.62 -31.17 -35.44
N VAL C 947 23.12 -32.28 -34.92
CA VAL C 947 24.38 -32.27 -34.18
C VAL C 947 25.07 -33.61 -34.30
N PRO C 948 26.42 -33.66 -34.35
CA PRO C 948 27.10 -34.96 -34.42
C PRO C 948 26.76 -35.85 -33.23
N GLN C 949 26.73 -37.15 -33.49
CA GLN C 949 26.51 -38.11 -32.42
C GLN C 949 27.61 -37.98 -31.37
N GLY C 950 27.21 -38.12 -30.10
CA GLY C 950 28.13 -38.06 -28.99
C GLY C 950 28.22 -36.70 -28.31
N THR C 951 27.79 -35.64 -28.99
CA THR C 951 27.81 -34.31 -28.39
C THR C 951 27.10 -34.33 -27.04
N SER C 952 27.78 -33.80 -26.03
CA SER C 952 27.17 -33.69 -24.71
C SER C 952 25.99 -32.72 -24.76
N ASN C 953 24.99 -32.97 -23.91
CA ASN C 953 23.92 -31.99 -23.72
C ASN C 953 24.47 -30.66 -23.23
N GLN C 954 25.62 -30.68 -22.55
CA GLN C 954 26.27 -29.43 -22.15
C GLN C 954 26.62 -28.59 -23.37
N VAL C 955 27.36 -29.16 -24.31
CA VAL C 955 27.73 -28.44 -25.51
C VAL C 955 26.49 -27.94 -26.25
N TYR C 956 25.46 -28.77 -26.34
CA TYR C 956 24.28 -28.36 -27.08
C TYR C 956 23.52 -27.26 -26.36
N LEU C 957 23.43 -27.34 -25.02
CA LEU C 957 22.71 -26.31 -24.28
C LEU C 957 23.37 -24.95 -24.48
N SER C 958 24.69 -24.86 -24.32
CA SER C 958 25.38 -23.60 -24.55
C SER C 958 25.20 -23.11 -25.98
N GLN C 959 25.10 -24.04 -26.93
CA GLN C 959 24.92 -23.66 -28.33
C GLN C 959 23.51 -23.13 -28.57
N TYR C 960 22.51 -23.82 -28.03
CA TYR C 960 21.13 -23.36 -28.16
C TYR C 960 20.95 -21.98 -27.53
N LEU C 961 21.56 -21.76 -26.37
CA LEU C 961 21.39 -20.48 -25.68
C LEU C 961 22.15 -19.36 -26.40
N ALA C 962 23.32 -19.66 -26.94
CA ALA C 962 24.06 -18.65 -27.72
C ALA C 962 23.22 -18.18 -28.90
N ASN C 963 22.63 -19.12 -29.63
CA ASN C 963 21.78 -18.76 -30.77
C ASN C 963 20.54 -18.02 -30.31
N MET C 964 19.91 -18.46 -29.22
CA MET C 964 18.71 -17.80 -28.72
C MET C 964 18.99 -16.34 -28.37
N LEU C 965 20.08 -16.10 -27.65
CA LEU C 965 20.39 -14.74 -27.21
C LEU C 965 20.86 -13.87 -28.37
N SER C 966 21.57 -14.46 -29.34
CA SER C 966 22.02 -13.69 -30.49
C SER C 966 20.83 -13.14 -31.27
N ASN C 967 19.80 -13.95 -31.47
CA ASN C 967 18.62 -13.49 -32.21
C ASN C 967 17.74 -12.59 -31.35
N ALA C 968 17.69 -12.81 -30.04
CA ALA C 968 16.85 -12.00 -29.18
C ALA C 968 17.49 -10.65 -28.87
N PHE C 969 18.82 -10.60 -28.83
CA PHE C 969 19.58 -9.39 -28.48
C PHE C 969 20.67 -9.21 -29.52
N PRO C 970 20.31 -8.82 -30.74
CA PRO C 970 21.29 -8.81 -31.84
C PRO C 970 22.40 -7.79 -31.67
N HIS C 971 22.27 -6.83 -30.77
CA HIS C 971 23.32 -5.83 -30.58
C HIS C 971 24.43 -6.30 -29.63
N LEU C 972 24.27 -7.47 -29.01
CA LEU C 972 25.35 -8.04 -28.23
C LEU C 972 26.38 -8.68 -29.15
N THR C 973 27.65 -8.57 -28.76
CA THR C 973 28.70 -9.27 -29.47
C THR C 973 28.65 -10.76 -29.13
N SER C 974 29.17 -11.58 -30.04
CA SER C 974 29.31 -13.01 -29.76
C SER C 974 30.13 -13.24 -28.50
N GLU C 975 31.17 -12.42 -28.28
CA GLU C 975 32.00 -12.58 -27.11
C GLU C 975 31.23 -12.30 -25.82
N GLN C 976 30.41 -11.25 -25.82
CA GLN C 976 29.56 -10.97 -24.67
C GLN C 976 28.71 -12.18 -24.31
N ILE C 977 27.98 -12.71 -25.30
CA ILE C 977 27.08 -13.83 -25.07
C ILE C 977 27.85 -15.03 -24.54
N ALA C 978 28.99 -15.33 -25.16
CA ALA C 978 29.75 -16.51 -24.77
C ALA C 978 30.31 -16.36 -23.35
N SER C 979 30.79 -15.17 -23.00
CA SER C 979 31.30 -14.95 -21.66
C SER C 979 30.18 -15.03 -20.62
N PHE C 980 29.01 -14.48 -20.94
CA PHE C 980 27.88 -14.54 -20.03
C PHE C 980 27.46 -15.98 -19.75
N LEU C 981 27.39 -16.80 -20.79
CA LEU C 981 26.92 -18.17 -20.61
C LEU C 981 27.97 -19.03 -19.91
N SER C 982 29.25 -18.79 -20.20
CA SER C 982 30.31 -19.51 -19.51
C SER C 982 30.27 -19.24 -18.01
N ALA C 983 30.02 -18.00 -17.62
CA ALA C 983 29.92 -17.67 -16.19
C ALA C 983 28.65 -18.25 -15.59
N LEU C 984 27.51 -17.99 -16.24
CA LEU C 984 26.23 -18.49 -15.73
C LEU C 984 26.28 -19.99 -15.51
N THR C 985 26.89 -20.72 -16.44
CA THR C 985 26.97 -22.17 -16.34
C THR C 985 27.87 -22.60 -15.18
N LYS C 986 29.03 -21.95 -15.03
CA LYS C 986 29.93 -22.30 -13.92
C LYS C 986 29.30 -22.02 -12.57
N GLN C 987 28.37 -21.07 -12.50
CA GLN C 987 27.82 -20.60 -11.25
C GLN C 987 26.47 -21.22 -10.93
N CYS C 988 26.06 -22.27 -11.64
CA CYS C 988 24.71 -22.79 -11.46
C CYS C 988 24.53 -23.58 -10.15
N LYS C 989 25.51 -23.63 -9.25
CA LYS C 989 25.32 -24.15 -7.91
C LYS C 989 25.32 -23.07 -6.83
N ASP C 990 25.59 -21.82 -7.20
CA ASP C 990 25.72 -20.71 -6.26
C ASP C 990 24.69 -19.66 -6.64
N LEU C 991 23.54 -19.67 -5.95
CA LEU C 991 22.41 -18.85 -6.38
C LEU C 991 22.71 -17.36 -6.27
N VAL C 992 23.40 -16.95 -5.20
CA VAL C 992 23.70 -15.53 -5.01
C VAL C 992 24.55 -15.01 -6.16
N VAL C 993 25.60 -15.76 -6.53
CA VAL C 993 26.48 -15.32 -7.60
C VAL C 993 25.79 -15.44 -8.95
N PHE C 994 25.11 -16.57 -9.17
CA PHE C 994 24.25 -16.75 -10.35
C PHE C 994 23.37 -15.52 -10.58
N LYS C 995 22.67 -15.09 -9.53
CA LYS C 995 21.81 -13.92 -9.66
C LYS C 995 22.61 -12.67 -10.03
N GLY C 996 23.75 -12.46 -9.37
CA GLY C 996 24.60 -11.33 -9.73
C GLY C 996 24.94 -11.31 -11.21
N THR C 997 25.21 -12.49 -11.78
CA THR C 997 25.55 -12.57 -13.20
C THR C 997 24.34 -12.25 -14.08
N LEU C 998 23.14 -12.69 -13.66
CA LEU C 998 21.94 -12.33 -14.39
C LEU C 998 21.70 -10.83 -14.36
N ARG C 999 21.92 -10.20 -13.20
N ARG C 999 21.95 -10.18 -13.23
CA ARG C 999 21.78 -8.75 -13.10
CA ARG C 999 21.73 -8.74 -13.18
C ARG C 999 22.78 -8.05 -14.02
C ARG C 999 22.82 -7.97 -13.92
N ASP C 1000 24.02 -8.55 -14.05
CA ASP C 1000 25.01 -7.96 -14.95
C ASP C 1000 24.55 -8.03 -16.40
N PHE C 1001 23.97 -9.17 -16.80
CA PHE C 1001 23.45 -9.31 -18.15
C PHE C 1001 22.33 -8.32 -18.42
N LEU C 1002 21.44 -8.11 -17.44
CA LEU C 1002 20.35 -7.17 -17.63
C LEU C 1002 20.87 -5.75 -17.82
N VAL C 1003 21.97 -5.39 -17.16
CA VAL C 1003 22.59 -4.09 -17.39
C VAL C 1003 23.10 -4.00 -18.82
N GLN C 1004 23.81 -5.05 -19.27
CA GLN C 1004 24.51 -4.96 -20.55
C GLN C 1004 23.56 -4.93 -21.74
N ILE C 1005 22.42 -5.61 -21.65
CA ILE C 1005 21.48 -5.59 -22.78
C ILE C 1005 20.82 -4.23 -22.96
N LYS C 1006 21.00 -3.31 -22.03
CA LYS C 1006 20.44 -1.97 -22.17
C LYS C 1006 21.37 -1.01 -22.91
N GLU C 1007 22.59 -1.43 -23.23
CA GLU C 1007 23.56 -0.57 -23.89
C GLU C 1007 24.25 -1.36 -24.98
N VAL C 1008 25.12 -0.67 -25.72
CA VAL C 1008 25.97 -1.28 -26.74
C VAL C 1008 27.39 -1.30 -26.23
N GLY C 1009 28.09 -2.41 -26.47
CA GLY C 1009 29.51 -2.48 -26.20
C GLY C 1009 29.90 -2.87 -24.78
N GLY C 1010 29.03 -3.54 -24.04
CA GLY C 1010 29.38 -3.96 -22.70
C GLY C 1010 30.63 -4.82 -22.69
N ASP C 1011 31.38 -4.73 -21.59
CA ASP C 1011 32.67 -5.42 -21.47
C ASP C 1011 32.44 -6.89 -21.14
N PRO C 1012 32.85 -7.83 -22.00
CA PRO C 1012 32.63 -9.25 -21.68
C PRO C 1012 33.41 -9.75 -20.47
N THR C 1013 34.52 -9.11 -20.10
CA THR C 1013 35.24 -9.54 -18.91
C THR C 1013 34.49 -9.24 -17.62
N ASP C 1014 33.43 -8.42 -17.67
CA ASP C 1014 32.62 -8.20 -16.48
C ASP C 1014 32.10 -9.50 -15.90
N TYR C 1015 31.84 -10.50 -16.74
CA TYR C 1015 31.27 -11.76 -16.27
C TYR C 1015 32.30 -12.62 -15.53
N LEU C 1016 33.54 -12.18 -15.44
CA LEU C 1016 34.54 -12.81 -14.59
C LEU C 1016 34.57 -12.24 -13.17
N PHE C 1017 33.63 -11.36 -12.83
CA PHE C 1017 33.71 -10.64 -11.56
C PHE C 1017 33.82 -11.60 -10.38
N ALA C 1018 32.97 -12.64 -10.36
CA ALA C 1018 33.03 -13.61 -9.27
C ALA C 1018 34.40 -14.27 -9.20
N GLU C 1019 34.94 -14.65 -10.36
CA GLU C 1019 36.27 -15.27 -10.55
C GLU C 1019 36.10 -16.62 -11.23
N GLU D 6 -17.00 -4.61 48.16
CA GLU D 6 -16.81 -3.50 47.23
C GLU D 6 -16.98 -3.98 45.78
N LEU D 7 -16.53 -5.20 45.50
CA LEU D 7 -16.88 -5.82 44.23
C LEU D 7 -18.37 -6.08 44.15
N ASP D 8 -19.02 -6.24 45.30
CA ASP D 8 -20.48 -6.31 45.35
C ASP D 8 -21.09 -4.95 44.99
N GLU D 9 -20.46 -3.86 45.42
CA GLU D 9 -20.90 -2.53 45.01
C GLU D 9 -20.83 -2.38 43.50
N LEU D 10 -19.71 -2.80 42.90
CA LEU D 10 -19.53 -2.65 41.46
C LEU D 10 -20.61 -3.42 40.70
N MET D 11 -20.92 -4.63 41.14
CA MET D 11 -21.94 -5.43 40.45
C MET D 11 -23.29 -4.74 40.47
N ALA D 12 -23.72 -4.28 41.65
CA ALA D 12 -25.00 -3.58 41.75
C ALA D 12 -25.04 -2.37 40.83
N SER D 13 -23.95 -1.60 40.79
CA SER D 13 -23.92 -0.41 39.95
C SER D 13 -23.98 -0.78 38.47
N LEU D 14 -23.36 -1.89 38.09
CA LEU D 14 -23.38 -2.29 36.69
C LEU D 14 -24.76 -2.80 36.28
N SER D 15 -25.41 -3.58 37.14
CA SER D 15 -26.76 -4.05 36.84
C SER D 15 -27.71 -2.89 36.58
N ASP D 16 -27.58 -1.81 37.36
CA ASP D 16 -28.46 -0.65 37.24
C ASP D 16 -28.12 0.25 36.06
N PHE D 17 -26.94 0.09 35.45
CA PHE D 17 -26.54 0.90 34.31
C PHE D 17 -27.37 0.49 33.09
N LYS D 18 -28.31 1.34 32.69
CA LYS D 18 -29.23 0.99 31.61
C LYS D 18 -29.57 2.23 30.79
N PHE D 19 -30.00 2.00 29.56
CA PHE D 19 -30.37 3.07 28.65
C PHE D 19 -31.80 3.54 28.92
PG GNP E . 1.05 4.42 -15.77
O1G GNP E . 1.53 3.42 -16.79
O2G GNP E . 2.24 5.09 -15.12
O3G GNP E . 0.20 5.47 -16.47
N3B GNP E . 0.15 3.62 -14.64
PB GNP E . -0.73 4.38 -13.46
O1B GNP E . -1.41 5.60 -14.05
O2B GNP E . 0.17 4.83 -12.33
O3A GNP E . -1.82 3.37 -12.93
PA GNP E . -3.36 3.42 -13.26
O1A GNP E . -3.57 3.38 -14.76
O2A GNP E . -3.95 4.69 -12.73
O5' GNP E . -4.09 2.16 -12.61
C5' GNP E . -3.47 0.90 -12.71
C4' GNP E . -4.40 -0.17 -12.10
O4' GNP E . -4.44 -0.07 -10.80
C3' GNP E . -5.84 0.05 -12.60
O3' GNP E . -6.43 -1.14 -12.89
C2' GNP E . -6.54 0.72 -11.40
O2' GNP E . -8.01 0.48 -11.45
C1' GNP E . -5.99 0.14 -10.37
N9 GNP E . -6.04 0.90 -9.16
C8 GNP E . -5.69 2.20 -9.05
N7 GNP E . -5.86 2.57 -7.76
C5 GNP E . -6.30 1.49 -7.06
C6 GNP E . -6.63 1.34 -5.72
O6 GNP E . -6.53 2.28 -4.96
N1 GNP E . -7.07 0.15 -5.27
C2 GNP E . -7.18 -0.90 -6.14
N2 GNP E . -7.64 -2.16 -5.67
N3 GNP E . -6.86 -0.75 -7.47
C4 GNP E . -6.42 0.46 -7.93
HNB3 GNP E . 0.15 2.71 -14.66
H5'2 GNP E . -3.31 0.69 -13.66
H5'1 GNP E . -2.62 0.91 -12.23
H4' GNP E . -4.10 -1.07 -12.36
H3' GNP E . -5.85 0.64 -13.37
H2' GNP E . -6.35 1.68 -11.39
HO2' GNP E . -8.41 1.19 -11.80
H1' GNP E . -6.41 -0.73 -10.22
H8 GNP E . -5.37 2.77 -9.77
HN1 GNP E . -7.28 0.04 -4.40
HN21 GNP E . -7.86 -2.82 -6.26
HN22 GNP E . -7.72 -2.31 -4.77
MG MG F . -1.15 6.70 -15.83
C1 GOL G . 12.77 5.78 -13.24
O1 GOL G . 13.49 6.46 -12.25
C2 GOL G . 13.40 4.41 -13.51
O2 GOL G . 14.34 4.52 -14.56
C3 GOL G . 14.08 3.87 -12.26
O3 GOL G . 13.12 3.63 -11.26
H11 GOL G . 12.76 6.36 -14.15
H12 GOL G . 11.74 5.64 -12.91
HO1 GOL G . 13.12 7.36 -12.13
H2 GOL G . 12.61 3.72 -13.81
HO2 GOL G . 15.07 5.12 -14.29
H31 GOL G . 14.82 4.59 -11.91
H32 GOL G . 14.60 2.93 -12.50
HO3 GOL G . 13.32 2.78 -10.81
C1 GOL H . 20.44 0.17 -27.00
O1 GOL H . 19.41 1.12 -27.15
C2 GOL H . 19.86 -1.25 -27.02
O2 GOL H . 19.73 -1.73 -25.70
C3 GOL H . 18.51 -1.27 -27.71
O3 GOL H . 18.03 -2.59 -27.78
H11 GOL H . 20.96 0.33 -26.05
H12 GOL H . 21.17 0.28 -27.81
HO1 GOL H . 19.80 2.02 -27.06
H2 GOL H . 20.54 -1.89 -27.57
HO2 GOL H . 19.11 -1.16 -25.21
H31 GOL H . 18.60 -0.86 -28.72
H32 GOL H . 17.79 -0.65 -27.16
HO3 GOL H . 18.67 -3.20 -27.38
C1 GOL I . 0.22 -20.41 -23.85
O1 GOL I . 1.21 -20.45 -22.84
C2 GOL I . -1.05 -19.77 -23.32
O2 GOL I . -1.86 -19.38 -24.41
C3 GOL I . -1.85 -20.74 -22.44
O3 GOL I . -3.12 -20.99 -22.99
H11 GOL I . 0.02 -21.43 -24.20
H12 GOL I . 0.59 -19.83 -24.70
HO1 GOL I . 2.01 -20.92 -23.17
H2 GOL I . -0.79 -18.91 -22.72
HO2 GOL I . -2.12 -20.17 -24.92
H31 GOL I . -1.96 -20.32 -21.44
H32 GOL I . -1.29 -21.69 -22.34
HO3 GOL I . -3.55 -21.73 -22.51
#